data_6OKV
#
_entry.id   6OKV
#
_cell.length_a   98.510
_cell.length_b   127.130
_cell.length_c   187.260
_cell.angle_alpha   90.00
_cell.angle_beta   90.00
_cell.angle_gamma   90.00
#
_symmetry.space_group_name_H-M   'P 21 21 21'
#
loop_
_entity.id
_entity.type
_entity.pdbx_description
1 polymer 'Twitching motility pilus retraction ATPase'
2 non-polymer 'MAGNESIUM ION'
3 non-polymer 'PHOSPHOAMINOPHOSPHONIC ACID-ADENYLATE ESTER'
4 non-polymer "ADENOSINE-5'-DIPHOSPHATE"
#
_entity_poly.entity_id   1
_entity_poly.type   'polypeptide(L)'
_entity_poly.pdbx_seq_one_letter_code
;MGSSHHHHHHSSGLVPRGSHMANMHQLLTELVNRGGSDLHLTTNSPPQIRIDGKLLPLDMPPLNAVDTKQLCYSILTEQQ
KHKFEENNELDLSFGIKGLSRFRGNVFVQRGAVAGVFRVIPYKILSFEELGLPPVVRELAEKPRGLVLVTGPTGSGKSTT
LAAIIDKINTDRHEHIVTVEDPIEYLHPHKSCVVNQREVGADTKSFKNALKYILRQDPDVVLVGELRDLETIEAALTLAE
TGHLCFATLHTNSAVQTINRIVDVFPSYQQPQVRAQLSFVLEGVLSQTLLPKASGTGRVLAIEVMVPNPAIRNLIREDKI
HQIYSQMQVGQEKFGMMTMNQCLYGLLQKRHITMDVGMGRSPDPDELKQMLTSGVRPQAPRPPMR
;
_entity_poly.pdbx_strand_id   A,B,C,D,E,F
#
# COMPACT_ATOMS: atom_id res chain seq x y z
CA ALA A 22 -31.02 -38.04 -24.16
C ALA A 22 -32.05 -37.63 -23.10
N ASN A 23 -31.75 -37.91 -21.84
CA ASN A 23 -32.63 -37.50 -20.75
C ASN A 23 -32.70 -35.99 -20.64
N MET A 24 -31.57 -35.30 -20.79
CA MET A 24 -31.55 -33.84 -20.67
C MET A 24 -32.45 -33.17 -21.70
N HIS A 25 -32.48 -33.72 -22.91
CA HIS A 25 -33.31 -33.13 -23.95
C HIS A 25 -34.77 -33.19 -23.53
N GLN A 26 -35.18 -34.30 -22.93
CA GLN A 26 -36.55 -34.47 -22.50
C GLN A 26 -36.87 -33.59 -21.28
N LEU A 27 -35.91 -33.46 -20.36
CA LEU A 27 -36.12 -32.60 -19.20
C LEU A 27 -36.28 -31.15 -19.61
N LEU A 28 -35.43 -30.66 -20.52
CA LEU A 28 -35.56 -29.28 -20.97
C LEU A 28 -36.79 -29.07 -21.83
N THR A 29 -37.20 -30.09 -22.58
CA THR A 29 -38.46 -30.00 -23.32
C THR A 29 -39.64 -29.88 -22.37
N GLU A 30 -39.62 -30.66 -21.28
CA GLU A 30 -40.69 -30.55 -20.29
C GLU A 30 -40.67 -29.19 -19.60
N LEU A 31 -39.48 -28.66 -19.32
CA LEU A 31 -39.36 -27.32 -18.76
C LEU A 31 -40.01 -26.28 -19.67
N VAL A 32 -39.75 -26.36 -20.97
CA VAL A 32 -40.34 -25.42 -21.92
C VAL A 32 -41.86 -25.63 -22.00
N ASN A 33 -42.28 -26.87 -22.17
CA ASN A 33 -43.70 -27.18 -22.40
C ASN A 33 -44.59 -26.74 -21.25
N ARG A 34 -44.08 -26.79 -20.01
CA ARG A 34 -44.89 -26.47 -18.84
C ARG A 34 -44.78 -25.00 -18.45
N GLY A 35 -44.14 -24.17 -19.28
CA GLY A 35 -44.04 -22.75 -18.98
C GLY A 35 -43.20 -22.45 -17.77
N GLY A 36 -42.26 -23.33 -17.43
CA GLY A 36 -41.39 -23.07 -16.30
C GLY A 36 -40.31 -22.05 -16.62
N SER A 37 -39.90 -21.31 -15.59
CA SER A 37 -38.83 -20.34 -15.75
C SER A 37 -37.46 -20.94 -15.49
N ASP A 38 -37.36 -21.90 -14.58
CA ASP A 38 -36.08 -22.47 -14.18
C ASP A 38 -36.24 -23.96 -13.91
N LEU A 39 -35.25 -24.74 -14.33
CA LEU A 39 -35.17 -26.15 -13.99
C LEU A 39 -34.03 -26.37 -13.01
N HIS A 40 -34.32 -27.06 -11.91
CA HIS A 40 -33.37 -27.34 -10.85
C HIS A 40 -33.09 -28.84 -10.81
N LEU A 41 -31.81 -29.21 -10.82
CA LEU A 41 -31.38 -30.59 -10.72
C LEU A 41 -30.37 -30.73 -9.58
N THR A 42 -30.72 -31.53 -8.56
CA THR A 42 -29.81 -31.74 -7.44
C THR A 42 -30.11 -33.09 -6.82
N THR A 43 -29.15 -33.60 -6.04
CA THR A 43 -29.25 -34.94 -5.50
C THR A 43 -30.33 -35.01 -4.42
N ASN A 44 -30.92 -36.21 -4.30
CA ASN A 44 -31.93 -36.59 -3.32
C ASN A 44 -33.27 -35.89 -3.57
N SER A 45 -33.41 -35.21 -4.70
CA SER A 45 -34.67 -34.64 -5.15
C SER A 45 -34.90 -34.99 -6.61
N PRO A 46 -36.15 -35.18 -7.01
CA PRO A 46 -36.48 -35.26 -8.45
C PRO A 46 -36.21 -33.93 -9.11
N PRO A 47 -36.14 -33.89 -10.44
CA PRO A 47 -36.08 -32.60 -11.14
C PRO A 47 -37.25 -31.71 -10.74
N GLN A 48 -36.96 -30.43 -10.52
CA GLN A 48 -37.98 -29.47 -10.09
C GLN A 48 -38.01 -28.28 -11.02
N ILE A 49 -39.21 -27.76 -11.27
CA ILE A 49 -39.41 -26.63 -12.16
C ILE A 49 -40.08 -25.47 -11.44
N ARG A 50 -39.62 -24.26 -11.72
CA ARG A 50 -40.21 -23.04 -11.16
C ARG A 50 -41.28 -22.56 -12.11
N ILE A 51 -42.53 -22.53 -11.64
CA ILE A 51 -43.65 -22.04 -12.42
C ILE A 51 -44.22 -20.86 -11.65
N ASP A 52 -44.22 -19.68 -12.28
CA ASP A 52 -44.76 -18.47 -11.66
C ASP A 52 -44.11 -18.23 -10.30
N GLY A 53 -42.82 -18.56 -10.18
CA GLY A 53 -42.10 -18.30 -8.97
C GLY A 53 -42.05 -19.46 -7.98
N LYS A 54 -42.88 -20.49 -8.15
CA LYS A 54 -42.98 -21.55 -7.16
C LYS A 54 -42.50 -22.89 -7.73
N LEU A 55 -41.77 -23.64 -6.91
CA LEU A 55 -41.20 -24.92 -7.32
C LEU A 55 -42.22 -26.06 -7.31
N LEU A 56 -42.09 -26.93 -8.32
CA LEU A 56 -42.89 -28.15 -8.50
C LEU A 56 -41.98 -29.33 -8.85
N PRO A 57 -42.04 -30.42 -8.09
CA PRO A 57 -41.25 -31.60 -8.47
C PRO A 57 -41.93 -32.33 -9.63
N LEU A 58 -41.11 -32.84 -10.54
CA LEU A 58 -41.64 -33.68 -11.62
C LEU A 58 -41.89 -35.08 -11.10
N ASP A 59 -42.84 -35.78 -11.73
CA ASP A 59 -43.21 -37.12 -11.29
C ASP A 59 -42.17 -38.12 -11.78
N MET A 60 -41.01 -38.08 -11.13
CA MET A 60 -39.86 -38.89 -11.47
C MET A 60 -39.15 -39.30 -10.20
N PRO A 61 -38.33 -40.36 -10.24
CA PRO A 61 -37.56 -40.74 -9.07
C PRO A 61 -36.54 -39.68 -8.71
N PRO A 62 -36.14 -39.62 -7.44
CA PRO A 62 -35.08 -38.67 -7.05
C PRO A 62 -33.76 -39.01 -7.71
N LEU A 63 -32.96 -37.97 -7.97
CA LEU A 63 -31.67 -38.15 -8.61
C LEU A 63 -30.61 -38.56 -7.60
N ASN A 64 -29.58 -39.26 -8.09
CA ASN A 64 -28.38 -39.53 -7.31
C ASN A 64 -27.24 -38.70 -7.89
N ALA A 65 -26.05 -38.86 -7.30
CA ALA A 65 -24.90 -38.06 -7.75
C ALA A 65 -24.50 -38.45 -9.16
N VAL A 66 -24.61 -39.75 -9.49
CA VAL A 66 -24.34 -40.21 -10.85
C VAL A 66 -25.30 -39.57 -11.83
N ASP A 67 -26.58 -39.47 -11.44
CA ASP A 67 -27.57 -38.91 -12.34
C ASP A 67 -27.29 -37.44 -12.60
N THR A 68 -27.12 -36.66 -11.52
CA THR A 68 -26.92 -35.23 -11.66
C THR A 68 -25.63 -34.91 -12.42
N LYS A 69 -24.55 -35.64 -12.15
CA LYS A 69 -23.31 -35.39 -12.86
C LYS A 69 -23.41 -35.73 -14.35
N GLN A 70 -24.01 -36.88 -14.69
CA GLN A 70 -24.09 -37.23 -16.11
C GLN A 70 -24.99 -36.23 -16.86
N LEU A 71 -26.13 -35.88 -16.23
CA LEU A 71 -27.08 -34.98 -16.87
C LEU A 71 -26.47 -33.60 -17.08
N CYS A 72 -25.82 -33.03 -16.06
CA CYS A 72 -25.25 -31.70 -16.23
C CYS A 72 -24.07 -31.72 -17.20
N TYR A 73 -23.25 -32.77 -17.16
CA TYR A 73 -22.12 -32.85 -18.09
C TYR A 73 -22.56 -33.06 -19.54
N SER A 74 -23.77 -33.59 -19.76
CA SER A 74 -24.22 -33.86 -21.12
C SER A 74 -24.37 -32.62 -22.00
N ILE A 75 -24.42 -31.42 -21.43
CA ILE A 75 -24.61 -30.21 -22.22
C ILE A 75 -23.37 -29.30 -22.17
N LEU A 76 -22.23 -29.81 -21.73
CA LEU A 76 -21.00 -29.05 -21.64
C LEU A 76 -19.98 -29.50 -22.68
N THR A 77 -19.17 -28.55 -23.14
CA THR A 77 -18.00 -28.90 -23.93
C THR A 77 -16.88 -29.40 -23.01
N GLU A 78 -15.86 -30.00 -23.64
CA GLU A 78 -14.72 -30.51 -22.88
C GLU A 78 -13.99 -29.39 -22.14
N GLN A 79 -13.80 -28.25 -22.79
CA GLN A 79 -13.18 -27.11 -22.11
C GLN A 79 -14.03 -26.66 -20.93
N GLN A 80 -15.36 -26.63 -21.10
CA GLN A 80 -16.25 -26.27 -20.01
C GLN A 80 -16.22 -27.31 -18.91
N LYS A 81 -16.09 -28.60 -19.27
CA LYS A 81 -16.00 -29.64 -18.25
C LYS A 81 -14.73 -29.46 -17.42
N HIS A 82 -13.60 -29.21 -18.08
CA HIS A 82 -12.36 -28.98 -17.34
C HIS A 82 -12.42 -27.72 -16.49
N LYS A 83 -13.11 -26.66 -16.98
CA LYS A 83 -13.29 -25.47 -16.15
C LYS A 83 -14.14 -25.74 -14.92
N PHE A 84 -15.23 -26.50 -15.09
CA PHE A 84 -16.04 -26.87 -13.93
C PHE A 84 -15.23 -27.70 -12.94
N GLU A 85 -14.43 -28.64 -13.45
CA GLU A 85 -13.64 -29.48 -12.55
C GLU A 85 -12.50 -28.69 -11.92
N GLU A 86 -12.09 -27.58 -12.53
CA GLU A 86 -11.07 -26.72 -11.95
C GLU A 86 -11.63 -25.80 -10.88
N ASN A 87 -12.90 -25.39 -11.00
CA ASN A 87 -13.45 -24.38 -10.13
C ASN A 87 -14.65 -24.81 -9.30
N ASN A 88 -15.28 -25.95 -9.62
CA ASN A 88 -16.53 -26.38 -9.01
C ASN A 88 -17.65 -25.36 -9.26
N GLU A 89 -17.44 -24.49 -10.23
CA GLU A 89 -18.40 -23.49 -10.68
C GLU A 89 -18.33 -23.33 -12.18
N LEU A 90 -19.48 -23.03 -12.80
CA LEU A 90 -19.48 -22.77 -14.24
C LEU A 90 -20.76 -22.06 -14.63
N ASP A 91 -20.61 -20.91 -15.27
CA ASP A 91 -21.69 -20.21 -15.98
C ASP A 91 -21.55 -20.41 -17.48
N LEU A 92 -22.68 -20.58 -18.16
CA LEU A 92 -22.65 -20.80 -19.60
C LEU A 92 -24.04 -20.52 -20.16
N SER A 93 -24.11 -20.40 -21.49
CA SER A 93 -25.38 -20.35 -22.18
C SER A 93 -25.33 -21.30 -23.36
N PHE A 94 -26.50 -21.78 -23.76
CA PHE A 94 -26.57 -22.74 -24.86
C PHE A 94 -27.96 -22.74 -25.47
N GLY A 95 -28.06 -23.28 -26.67
CA GLY A 95 -29.32 -23.36 -27.37
C GLY A 95 -29.70 -24.79 -27.73
N ILE A 96 -31.01 -25.04 -27.77
CA ILE A 96 -31.53 -26.29 -28.31
C ILE A 96 -32.35 -25.88 -29.52
N LYS A 97 -31.88 -26.28 -30.70
CA LYS A 97 -32.44 -25.84 -31.97
C LYS A 97 -33.92 -26.21 -32.07
N GLY A 98 -34.73 -25.24 -32.47
CA GLY A 98 -36.15 -25.48 -32.57
C GLY A 98 -36.87 -25.48 -31.25
N LEU A 99 -36.16 -25.26 -30.14
CA LEU A 99 -36.76 -25.28 -28.82
C LEU A 99 -36.57 -23.96 -28.09
N SER A 100 -35.38 -23.68 -27.59
CA SER A 100 -35.22 -22.49 -26.75
C SER A 100 -33.74 -22.24 -26.48
N ARG A 101 -33.43 -21.04 -25.98
CA ARG A 101 -32.12 -20.82 -25.38
C ARG A 101 -32.18 -21.00 -23.87
N PHE A 102 -31.01 -21.22 -23.28
CA PHE A 102 -30.90 -21.47 -21.86
C PHE A 102 -29.64 -20.86 -21.27
N ARG A 103 -29.78 -20.40 -20.04
CA ARG A 103 -28.66 -20.02 -19.18
C ARG A 103 -28.41 -21.14 -18.19
N GLY A 104 -27.19 -21.64 -18.11
CA GLY A 104 -26.88 -22.74 -17.21
C GLY A 104 -25.89 -22.28 -16.18
N ASN A 105 -26.05 -22.80 -14.97
CA ASN A 105 -25.06 -22.73 -13.91
C ASN A 105 -24.86 -24.13 -13.34
N VAL A 106 -23.60 -24.57 -13.25
CA VAL A 106 -23.29 -25.86 -12.67
C VAL A 106 -22.42 -25.59 -11.45
N PHE A 107 -22.70 -26.31 -10.35
CA PHE A 107 -21.94 -26.15 -9.12
C PHE A 107 -21.90 -27.49 -8.38
N VAL A 108 -21.34 -27.46 -7.17
CA VAL A 108 -21.18 -28.63 -6.32
C VAL A 108 -21.81 -28.34 -4.96
N GLN A 109 -22.56 -29.31 -4.45
CA GLN A 109 -23.18 -29.25 -3.13
C GLN A 109 -23.18 -30.65 -2.51
N ARG A 110 -22.83 -30.71 -1.23
CA ARG A 110 -22.75 -31.97 -0.48
C ARG A 110 -21.91 -33.00 -1.24
N GLY A 111 -20.86 -32.53 -1.91
CA GLY A 111 -19.98 -33.43 -2.64
C GLY A 111 -20.52 -33.95 -3.95
N ALA A 112 -21.62 -33.40 -4.46
CA ALA A 112 -22.26 -33.89 -5.68
C ALA A 112 -22.59 -32.74 -6.61
N VAL A 113 -22.74 -33.06 -7.89
CA VAL A 113 -23.06 -32.03 -8.88
C VAL A 113 -24.50 -31.56 -8.74
N ALA A 114 -24.71 -30.27 -8.95
CA ALA A 114 -26.03 -29.66 -9.03
C ALA A 114 -26.04 -28.67 -10.18
N GLY A 115 -27.24 -28.38 -10.70
CA GLY A 115 -27.36 -27.51 -11.86
C GLY A 115 -28.67 -26.76 -11.85
N VAL A 116 -28.62 -25.54 -12.40
CA VAL A 116 -29.81 -24.72 -12.60
C VAL A 116 -29.81 -24.18 -14.03
N PHE A 117 -31.00 -24.16 -14.65
CA PHE A 117 -31.11 -23.79 -16.06
C PHE A 117 -32.30 -22.85 -16.22
N ARG A 118 -32.05 -21.69 -16.81
CA ARG A 118 -33.05 -20.63 -16.99
C ARG A 118 -33.46 -20.54 -18.46
N VAL A 119 -34.75 -20.33 -18.70
CA VAL A 119 -35.29 -20.27 -20.05
C VAL A 119 -35.04 -18.89 -20.64
N ILE A 120 -34.58 -18.86 -21.88
CA ILE A 120 -34.46 -17.65 -22.67
C ILE A 120 -35.26 -17.84 -23.95
N PRO A 121 -36.47 -17.27 -24.00
CA PRO A 121 -37.34 -17.49 -25.16
C PRO A 121 -36.77 -16.90 -26.45
N TYR A 122 -37.09 -17.56 -27.56
CA TYR A 122 -36.71 -17.05 -28.87
C TYR A 122 -37.52 -15.83 -29.32
N LYS A 123 -38.80 -15.74 -28.94
CA LYS A 123 -39.66 -14.66 -29.40
C LYS A 123 -39.84 -13.54 -28.38
N ILE A 124 -39.48 -12.32 -28.76
CA ILE A 124 -39.63 -11.15 -27.90
C ILE A 124 -41.05 -10.63 -28.02
N LEU A 125 -41.72 -10.43 -26.88
CA LEU A 125 -43.08 -9.91 -26.92
C LEU A 125 -43.08 -8.39 -27.14
N SER A 126 -44.22 -7.88 -27.60
CA SER A 126 -44.37 -6.48 -27.93
C SER A 126 -44.64 -5.64 -26.68
N PHE A 127 -44.64 -4.32 -26.86
CA PHE A 127 -44.88 -3.43 -25.73
C PHE A 127 -46.28 -3.67 -25.17
N GLU A 128 -47.26 -3.77 -26.07
CA GLU A 128 -48.64 -3.96 -25.64
C GLU A 128 -48.86 -5.35 -25.05
N GLU A 129 -48.15 -6.35 -25.58
CA GLU A 129 -48.22 -7.68 -24.99
C GLU A 129 -47.64 -7.71 -23.59
N LEU A 130 -46.60 -6.91 -23.33
CA LEU A 130 -45.98 -6.87 -22.00
C LEU A 130 -46.68 -5.95 -21.02
N GLY A 131 -47.68 -5.17 -21.45
CA GLY A 131 -48.32 -4.26 -20.51
C GLY A 131 -47.56 -2.99 -20.22
N LEU A 132 -46.68 -2.55 -21.13
CA LEU A 132 -45.88 -1.35 -20.93
C LEU A 132 -46.61 -0.11 -21.46
N PRO A 133 -46.63 0.97 -20.69
CA PRO A 133 -47.39 2.17 -21.09
C PRO A 133 -46.76 2.87 -22.29
N PRO A 134 -47.51 3.74 -22.97
CA PRO A 134 -46.98 4.42 -24.17
C PRO A 134 -45.72 5.24 -23.94
N VAL A 135 -45.46 5.69 -22.71
CA VAL A 135 -44.27 6.50 -22.47
C VAL A 135 -43.02 5.67 -22.74
N VAL A 136 -43.10 4.36 -22.55
CA VAL A 136 -41.97 3.49 -22.86
C VAL A 136 -41.71 3.48 -24.36
N ARG A 137 -42.80 3.51 -25.13
CA ARG A 137 -42.67 3.56 -26.58
C ARG A 137 -42.03 4.89 -26.98
N GLU A 138 -42.35 5.98 -26.27
CA GLU A 138 -41.69 7.24 -26.60
C GLU A 138 -40.22 7.23 -26.19
N LEU A 139 -39.89 6.48 -25.12
CA LEU A 139 -38.49 6.33 -24.71
C LEU A 139 -37.68 5.58 -25.75
N ALA A 140 -38.30 4.65 -26.48
CA ALA A 140 -37.55 3.95 -27.51
C ALA A 140 -37.15 4.86 -28.67
N GLU A 141 -37.72 6.06 -28.74
CA GLU A 141 -37.41 7.04 -29.79
C GLU A 141 -36.41 8.12 -29.35
N LYS A 142 -35.92 8.07 -28.10
CA LYS A 142 -34.98 9.08 -27.60
C LYS A 142 -33.66 9.02 -28.37
N PRO A 143 -33.11 10.16 -28.80
CA PRO A 143 -31.85 10.15 -29.56
C PRO A 143 -30.58 9.94 -28.74
N ARG A 144 -30.56 10.39 -27.49
CA ARG A 144 -29.33 10.26 -26.70
C ARG A 144 -29.75 10.30 -25.24
N GLY A 145 -28.86 9.87 -24.36
CA GLY A 145 -29.11 9.99 -22.94
C GLY A 145 -29.04 8.66 -22.22
N LEU A 146 -29.35 8.72 -20.93
CA LEU A 146 -29.31 7.55 -20.07
C LEU A 146 -30.72 7.16 -19.67
N VAL A 147 -31.10 5.92 -19.97
CA VAL A 147 -32.39 5.34 -19.61
C VAL A 147 -32.14 4.12 -18.75
N LEU A 148 -32.72 4.10 -17.55
CA LEU A 148 -32.48 3.04 -16.58
C LEU A 148 -33.73 2.19 -16.38
N VAL A 149 -33.58 0.87 -16.45
CA VAL A 149 -34.66 -0.07 -16.20
C VAL A 149 -34.25 -0.87 -14.97
N THR A 150 -34.95 -0.66 -13.86
CA THR A 150 -34.52 -1.20 -12.58
C THR A 150 -35.61 -2.09 -11.97
N GLY A 151 -35.20 -2.83 -10.94
CA GLY A 151 -36.07 -3.71 -10.21
C GLY A 151 -35.30 -4.89 -9.67
N PRO A 152 -35.96 -5.70 -8.84
CA PRO A 152 -35.30 -6.90 -8.29
C PRO A 152 -35.06 -7.92 -9.39
N THR A 153 -34.32 -8.98 -9.01
CA THR A 153 -34.02 -10.05 -9.94
C THR A 153 -35.31 -10.69 -10.45
N GLY A 154 -35.37 -10.89 -11.76
CA GLY A 154 -36.51 -11.52 -12.41
C GLY A 154 -37.77 -10.68 -12.45
N SER A 155 -37.63 -9.35 -12.49
CA SER A 155 -38.77 -8.44 -12.48
C SER A 155 -39.11 -7.96 -13.88
N GLY A 156 -38.54 -8.61 -14.90
CA GLY A 156 -38.83 -8.28 -16.28
C GLY A 156 -37.88 -7.30 -16.92
N LYS A 157 -36.74 -7.01 -16.29
CA LYS A 157 -35.88 -5.93 -16.77
C LYS A 157 -35.29 -6.26 -18.14
N SER A 158 -34.72 -7.46 -18.28
CA SER A 158 -34.14 -7.85 -19.56
C SER A 158 -35.19 -7.93 -20.65
N THR A 159 -36.39 -8.40 -20.31
CA THR A 159 -37.45 -8.50 -21.32
C THR A 159 -37.89 -7.13 -21.82
N THR A 160 -38.07 -6.17 -20.91
CA THR A 160 -38.38 -4.81 -21.32
C THR A 160 -37.27 -4.21 -22.16
N LEU A 161 -36.02 -4.40 -21.73
CA LEU A 161 -34.90 -3.86 -22.49
C LEU A 161 -34.83 -4.47 -23.88
N ALA A 162 -35.12 -5.77 -23.99
CA ALA A 162 -35.11 -6.42 -25.29
C ALA A 162 -36.21 -5.87 -26.18
N ALA A 163 -37.36 -5.54 -25.60
CA ALA A 163 -38.43 -4.95 -26.39
C ALA A 163 -38.05 -3.56 -26.90
N ILE A 164 -37.41 -2.76 -26.04
CA ILE A 164 -36.96 -1.43 -26.46
C ILE A 164 -35.93 -1.54 -27.56
N ILE A 165 -34.98 -2.46 -27.40
CA ILE A 165 -33.91 -2.62 -28.37
C ILE A 165 -34.47 -3.14 -29.69
N ASP A 166 -35.48 -4.02 -29.63
CA ASP A 166 -36.12 -4.49 -30.85
C ASP A 166 -36.83 -3.34 -31.56
N LYS A 167 -37.41 -2.41 -30.79
CA LYS A 167 -38.06 -1.25 -31.40
C LYS A 167 -37.04 -0.34 -32.10
N ILE A 168 -35.90 -0.09 -31.44
CA ILE A 168 -34.84 0.70 -32.07
C ILE A 168 -34.35 0.01 -33.33
N ASN A 169 -34.06 -1.30 -33.24
CA ASN A 169 -33.63 -2.08 -34.39
C ASN A 169 -34.62 -1.97 -35.54
N THR A 170 -35.91 -1.95 -35.23
CA THR A 170 -36.92 -1.90 -36.28
C THR A 170 -36.98 -0.52 -36.92
N ASP A 171 -36.80 0.54 -36.13
CA ASP A 171 -37.15 1.88 -36.60
C ASP A 171 -35.96 2.70 -37.06
N ARG A 172 -34.76 2.40 -36.60
CA ARG A 172 -33.59 3.24 -36.82
C ARG A 172 -32.57 2.56 -37.73
N HIS A 173 -31.73 3.38 -38.36
CA HIS A 173 -30.57 2.91 -39.11
C HIS A 173 -29.30 3.28 -38.36
N GLU A 174 -29.10 2.65 -37.20
CA GLU A 174 -28.02 2.98 -36.28
C GLU A 174 -27.33 1.71 -35.80
N HIS A 175 -26.27 1.88 -35.00
CA HIS A 175 -25.45 0.78 -34.54
C HIS A 175 -25.74 0.52 -33.06
N ILE A 176 -26.27 -0.66 -32.76
CA ILE A 176 -26.56 -1.07 -31.39
C ILE A 176 -25.52 -2.09 -30.95
N VAL A 177 -24.89 -1.84 -29.81
CA VAL A 177 -23.96 -2.79 -29.21
C VAL A 177 -24.46 -3.14 -27.81
N THR A 178 -24.52 -4.43 -27.51
CA THR A 178 -24.87 -4.92 -26.18
C THR A 178 -23.72 -5.71 -25.57
N VAL A 179 -23.55 -5.57 -24.26
CA VAL A 179 -22.61 -6.36 -23.47
C VAL A 179 -23.41 -7.09 -22.39
N GLU A 180 -23.33 -8.42 -22.39
CA GLU A 180 -24.24 -9.23 -21.59
C GLU A 180 -23.48 -10.40 -20.98
N ASP A 181 -23.93 -10.81 -19.80
CA ASP A 181 -23.32 -11.89 -19.03
C ASP A 181 -24.43 -12.75 -18.45
N PRO A 182 -24.99 -13.68 -19.25
CA PRO A 182 -24.66 -13.96 -20.65
C PRO A 182 -25.63 -13.23 -21.57
N ILE A 183 -25.46 -13.43 -22.88
CA ILE A 183 -26.43 -12.90 -23.83
C ILE A 183 -27.76 -13.60 -23.61
N GLU A 184 -28.82 -12.80 -23.42
CA GLU A 184 -30.12 -13.43 -23.21
C GLU A 184 -30.99 -13.35 -24.48
N TYR A 185 -31.74 -12.28 -24.66
CA TYR A 185 -32.55 -12.13 -25.87
C TYR A 185 -31.65 -11.86 -27.07
N LEU A 186 -31.92 -12.55 -28.18
CA LEU A 186 -31.22 -12.28 -29.43
C LEU A 186 -31.96 -11.30 -30.32
N HIS A 187 -31.20 -10.35 -30.89
CA HIS A 187 -31.71 -9.31 -31.78
C HIS A 187 -31.05 -9.43 -33.15
N PRO A 188 -31.57 -10.26 -34.05
CA PRO A 188 -31.05 -10.27 -35.42
C PRO A 188 -31.24 -8.92 -36.09
N HIS A 189 -30.34 -8.62 -37.03
CA HIS A 189 -30.37 -7.35 -37.73
C HIS A 189 -31.74 -7.12 -38.36
N LYS A 190 -32.27 -5.90 -38.16
CA LYS A 190 -33.46 -5.47 -38.86
C LYS A 190 -33.04 -4.29 -39.74
N SER A 191 -33.30 -3.06 -39.33
CA SER A 191 -32.74 -1.93 -40.05
C SER A 191 -31.42 -1.48 -39.46
N CYS A 192 -31.13 -1.84 -38.21
CA CYS A 192 -29.89 -1.55 -37.52
C CYS A 192 -28.85 -2.65 -37.72
N VAL A 193 -27.60 -2.32 -37.39
CA VAL A 193 -26.56 -3.32 -37.16
C VAL A 193 -26.48 -3.57 -35.67
N VAL A 194 -26.69 -4.82 -35.26
CA VAL A 194 -26.75 -5.19 -33.85
C VAL A 194 -25.60 -6.15 -33.55
N ASN A 195 -24.71 -5.74 -32.65
CA ASN A 195 -23.60 -6.57 -32.18
C ASN A 195 -23.77 -6.87 -30.71
N GLN A 196 -23.69 -8.14 -30.33
CA GLN A 196 -23.92 -8.60 -28.97
C GLN A 196 -22.70 -9.37 -28.46
N ARG A 197 -22.11 -8.89 -27.38
CA ARG A 197 -20.88 -9.43 -26.81
C ARG A 197 -21.17 -10.12 -25.49
N GLU A 198 -20.80 -11.40 -25.37
CA GLU A 198 -20.99 -12.17 -24.16
C GLU A 198 -19.72 -12.13 -23.32
N VAL A 199 -19.85 -11.72 -22.05
CA VAL A 199 -18.71 -11.71 -21.15
C VAL A 199 -18.24 -13.14 -20.90
N GLY A 200 -16.93 -13.35 -20.93
CA GLY A 200 -16.36 -14.66 -20.73
C GLY A 200 -16.16 -15.48 -21.99
N ALA A 201 -16.61 -14.97 -23.13
CA ALA A 201 -16.41 -15.64 -24.41
C ALA A 201 -16.05 -14.61 -25.47
N ASP A 202 -16.97 -13.68 -25.75
CA ASP A 202 -16.70 -12.64 -26.73
C ASP A 202 -15.74 -11.59 -26.18
N THR A 203 -15.84 -11.27 -24.89
CA THR A 203 -15.01 -10.26 -24.26
C THR A 203 -14.64 -10.70 -22.84
N LYS A 204 -13.49 -10.23 -22.37
CA LYS A 204 -12.98 -10.70 -21.09
C LYS A 204 -13.86 -10.25 -19.92
N SER A 205 -14.43 -9.05 -20.02
CA SER A 205 -15.14 -8.47 -18.88
C SER A 205 -15.94 -7.27 -19.35
N PHE A 206 -16.83 -6.80 -18.48
CA PHE A 206 -17.52 -5.54 -18.71
C PHE A 206 -16.54 -4.40 -18.89
N LYS A 207 -15.48 -4.40 -18.06
CA LYS A 207 -14.49 -3.34 -18.12
C LYS A 207 -13.79 -3.29 -19.48
N ASN A 208 -13.45 -4.44 -20.04
CA ASN A 208 -12.74 -4.49 -21.33
C ASN A 208 -13.65 -4.07 -22.47
N ALA A 209 -14.91 -4.52 -22.43
CA ALA A 209 -15.87 -4.12 -23.44
C ALA A 209 -16.06 -2.61 -23.40
N LEU A 210 -16.20 -2.06 -22.20
CA LEU A 210 -16.36 -0.61 -22.09
C LEU A 210 -15.06 0.12 -22.46
N LYS A 211 -13.91 -0.56 -22.36
CA LYS A 211 -12.65 0.06 -22.75
C LYS A 211 -12.59 0.27 -24.25
N TYR A 212 -13.26 -0.60 -25.01
CA TYR A 212 -13.16 -0.49 -26.46
C TYR A 212 -14.47 -0.06 -27.12
N ILE A 213 -15.55 0.08 -26.35
CA ILE A 213 -16.86 0.31 -26.95
C ILE A 213 -16.95 1.68 -27.62
N LEU A 214 -16.24 2.67 -27.09
CA LEU A 214 -16.24 4.00 -27.64
C LEU A 214 -15.46 4.12 -28.94
N ARG A 215 -14.57 3.17 -29.19
CA ARG A 215 -13.83 3.14 -30.44
C ARG A 215 -14.51 2.31 -31.51
N GLN A 216 -15.75 1.87 -31.25
CA GLN A 216 -16.52 1.02 -32.15
C GLN A 216 -17.71 1.73 -32.80
N ASP A 217 -17.73 3.06 -32.76
CA ASP A 217 -18.76 3.88 -33.42
C ASP A 217 -20.19 3.48 -33.08
N PRO A 218 -20.54 3.36 -31.80
CA PRO A 218 -21.91 3.00 -31.44
C PRO A 218 -22.84 4.22 -31.41
N ASP A 219 -24.13 3.95 -31.54
CA ASP A 219 -25.18 4.93 -31.29
C ASP A 219 -26.03 4.61 -30.06
N VAL A 220 -26.32 3.33 -29.85
CA VAL A 220 -27.12 2.86 -28.72
C VAL A 220 -26.33 1.74 -28.05
N VAL A 221 -26.24 1.78 -26.73
CA VAL A 221 -25.43 0.81 -25.99
C VAL A 221 -26.22 0.27 -24.81
N LEU A 222 -26.19 -1.06 -24.66
CA LEU A 222 -26.71 -1.78 -23.51
C LEU A 222 -25.52 -2.31 -22.72
N VAL A 223 -25.42 -1.93 -21.44
CA VAL A 223 -24.25 -2.26 -20.65
C VAL A 223 -24.52 -3.26 -19.56
N GLY A 224 -25.77 -3.73 -19.41
CA GLY A 224 -26.01 -4.71 -18.37
C GLY A 224 -26.14 -4.07 -17.00
N GLU A 225 -25.77 -4.85 -15.99
CA GLU A 225 -25.90 -4.40 -14.61
C GLU A 225 -24.83 -3.37 -14.29
N LEU A 226 -25.22 -2.35 -13.53
CA LEU A 226 -24.29 -1.37 -12.98
C LEU A 226 -23.56 -1.92 -11.77
N ARG A 227 -22.56 -2.77 -12.01
CA ARG A 227 -22.02 -3.54 -10.90
C ARG A 227 -21.02 -2.73 -10.07
N ASP A 228 -20.31 -1.77 -10.65
CA ASP A 228 -19.34 -1.02 -9.88
C ASP A 228 -19.27 0.42 -10.36
N LEU A 229 -18.45 1.21 -9.65
CA LEU A 229 -18.25 2.61 -9.99
C LEU A 229 -17.69 2.80 -11.39
N GLU A 230 -16.75 1.95 -11.79
CA GLU A 230 -16.12 2.09 -13.09
C GLU A 230 -17.15 1.98 -14.21
N THR A 231 -18.04 0.99 -14.10
CA THR A 231 -19.09 0.85 -15.09
C THR A 231 -20.02 2.06 -15.09
N ILE A 232 -20.30 2.60 -13.90
CA ILE A 232 -21.13 3.80 -13.81
C ILE A 232 -20.47 4.97 -14.54
N GLU A 233 -19.16 5.17 -14.34
CA GLU A 233 -18.46 6.26 -15.03
C GLU A 233 -18.46 6.04 -16.53
N ALA A 234 -18.34 4.79 -16.97
CA ALA A 234 -18.40 4.50 -18.40
C ALA A 234 -19.77 4.84 -18.96
N ALA A 235 -20.83 4.51 -18.22
CA ALA A 235 -22.18 4.80 -18.69
C ALA A 235 -22.45 6.30 -18.74
N LEU A 236 -21.95 7.03 -17.73
CA LEU A 236 -22.10 8.48 -17.73
C LEU A 236 -21.33 9.10 -18.89
N THR A 237 -20.15 8.56 -19.21
CA THR A 237 -19.39 9.08 -20.33
C THR A 237 -20.12 8.81 -21.64
N LEU A 238 -20.66 7.61 -21.81
CA LEU A 238 -21.41 7.28 -23.02
C LEU A 238 -22.63 8.21 -23.17
N ALA A 239 -23.39 8.39 -22.09
CA ALA A 239 -24.58 9.24 -22.17
C ALA A 239 -24.24 10.70 -22.37
N GLU A 240 -23.05 11.13 -21.95
CA GLU A 240 -22.69 12.53 -22.13
C GLU A 240 -22.11 12.81 -23.51
N THR A 241 -21.55 11.79 -24.17
CA THR A 241 -20.88 11.96 -25.45
C THR A 241 -21.81 11.72 -26.64
N GLY A 242 -23.13 11.85 -26.44
CA GLY A 242 -24.08 11.78 -27.53
C GLY A 242 -24.71 10.43 -27.81
N HIS A 243 -24.63 9.48 -26.88
CA HIS A 243 -25.19 8.15 -27.08
C HIS A 243 -26.37 7.90 -26.15
N LEU A 244 -27.22 6.95 -26.56
CA LEU A 244 -28.29 6.42 -25.73
C LEU A 244 -27.83 5.14 -25.04
N CYS A 245 -27.74 5.19 -23.71
CA CYS A 245 -27.19 4.10 -22.90
C CYS A 245 -28.27 3.45 -22.05
N PHE A 246 -28.37 2.12 -22.11
CA PHE A 246 -29.28 1.34 -21.29
C PHE A 246 -28.50 0.53 -20.24
N ALA A 247 -29.02 0.55 -19.02
CA ALA A 247 -28.41 -0.17 -17.91
C ALA A 247 -29.47 -0.60 -16.92
N THR A 248 -29.12 -1.53 -16.04
CA THR A 248 -30.05 -2.01 -15.03
C THR A 248 -29.51 -1.75 -13.63
N LEU A 249 -30.44 -1.66 -12.69
CA LEU A 249 -30.13 -1.66 -11.28
C LEU A 249 -31.16 -2.51 -10.57
N HIS A 250 -30.82 -2.94 -9.36
CA HIS A 250 -31.75 -3.71 -8.54
C HIS A 250 -32.48 -2.84 -7.53
N THR A 251 -32.60 -1.54 -7.82
CA THR A 251 -33.37 -0.64 -6.96
C THR A 251 -34.85 -0.77 -7.29
N ASN A 252 -35.68 -0.27 -6.38
CA ASN A 252 -37.11 -0.51 -6.47
C ASN A 252 -37.92 0.74 -6.82
N SER A 253 -37.29 1.89 -6.95
CA SER A 253 -38.02 3.11 -7.28
C SER A 253 -37.07 4.10 -7.94
N ALA A 254 -37.65 5.12 -8.58
CA ALA A 254 -36.85 6.12 -9.26
C ALA A 254 -35.98 6.89 -8.26
N VAL A 255 -36.57 7.31 -7.14
CA VAL A 255 -35.83 8.07 -6.14
C VAL A 255 -34.73 7.21 -5.53
N GLN A 256 -35.08 5.97 -5.16
CA GLN A 256 -34.09 5.05 -4.62
C GLN A 256 -32.98 4.78 -5.62
N THR A 257 -33.32 4.73 -6.91
CA THR A 257 -32.32 4.51 -7.95
C THR A 257 -31.36 5.68 -8.03
N ILE A 258 -31.88 6.90 -8.04
CA ILE A 258 -31.04 8.08 -8.17
C ILE A 258 -30.14 8.22 -6.94
N ASN A 259 -30.70 7.99 -5.75
CA ASN A 259 -29.88 8.08 -4.55
C ASN A 259 -28.78 7.02 -4.56
N ARG A 260 -29.12 5.80 -4.98
CA ARG A 260 -28.13 4.73 -5.04
C ARG A 260 -27.01 5.09 -5.99
N ILE A 261 -27.35 5.66 -7.15
CA ILE A 261 -26.34 6.01 -8.14
C ILE A 261 -25.41 7.09 -7.59
N VAL A 262 -25.97 8.10 -6.94
CA VAL A 262 -25.13 9.20 -6.45
C VAL A 262 -24.27 8.73 -5.29
N ASP A 263 -24.83 7.95 -4.37
CA ASP A 263 -24.18 7.63 -3.11
C ASP A 263 -23.03 6.63 -3.23
N VAL A 264 -22.86 5.97 -4.38
CA VAL A 264 -21.71 5.07 -4.52
C VAL A 264 -20.40 5.84 -4.69
N PHE A 265 -20.48 7.10 -5.03
CA PHE A 265 -19.28 7.88 -5.26
C PHE A 265 -18.81 8.57 -3.98
N PRO A 266 -17.51 8.84 -3.90
CA PRO A 266 -16.98 9.63 -2.80
C PRO A 266 -17.64 11.00 -2.73
N SER A 267 -17.68 11.56 -1.52
CA SER A 267 -18.47 12.77 -1.29
C SER A 267 -17.99 13.92 -2.17
N TYR A 268 -16.69 13.99 -2.45
CA TYR A 268 -16.16 15.09 -3.24
C TYR A 268 -16.56 15.01 -4.71
N GLN A 269 -16.88 13.82 -5.22
CA GLN A 269 -17.25 13.69 -6.62
C GLN A 269 -18.75 13.62 -6.84
N GLN A 270 -19.55 13.55 -5.77
CA GLN A 270 -21.00 13.57 -5.93
C GLN A 270 -21.55 14.83 -6.60
N PRO A 271 -21.01 16.04 -6.38
CA PRO A 271 -21.50 17.19 -7.16
C PRO A 271 -21.46 16.97 -8.66
N GLN A 272 -20.34 16.42 -9.14
CA GLN A 272 -20.19 16.12 -10.56
C GLN A 272 -21.20 15.06 -11.01
N VAL A 273 -21.35 14.01 -10.21
CA VAL A 273 -22.27 12.93 -10.56
C VAL A 273 -23.70 13.45 -10.67
N ARG A 274 -24.10 14.31 -9.72
CA ARG A 274 -25.44 14.91 -9.76
C ARG A 274 -25.61 15.82 -10.97
N ALA A 275 -24.58 16.59 -11.33
CA ALA A 275 -24.68 17.44 -12.51
C ALA A 275 -24.82 16.60 -13.78
N GLN A 276 -24.02 15.53 -13.87
CA GLN A 276 -24.11 14.65 -15.03
C GLN A 276 -25.51 14.03 -15.11
N LEU A 277 -26.00 13.46 -14.02
CA LEU A 277 -27.34 12.89 -14.02
C LEU A 277 -28.40 13.92 -14.41
N SER A 278 -28.30 15.14 -13.88
CA SER A 278 -29.26 16.18 -14.22
C SER A 278 -29.24 16.52 -15.70
N PHE A 279 -28.08 16.36 -16.35
CA PHE A 279 -27.99 16.70 -17.77
C PHE A 279 -28.45 15.54 -18.66
N VAL A 280 -28.00 14.32 -18.36
CA VAL A 280 -28.13 13.19 -19.29
C VAL A 280 -29.35 12.29 -19.05
N LEU A 281 -29.93 12.31 -17.85
CA LEU A 281 -31.03 11.39 -17.54
C LEU A 281 -32.25 11.68 -18.39
N GLU A 282 -32.77 10.64 -19.06
CA GLU A 282 -33.95 10.75 -19.88
C GLU A 282 -35.10 9.85 -19.43
N GLY A 283 -34.86 8.89 -18.55
CA GLY A 283 -35.92 8.03 -18.07
C GLY A 283 -35.49 7.02 -17.02
N VAL A 284 -36.34 6.79 -16.03
CA VAL A 284 -36.13 5.75 -15.03
C VAL A 284 -37.38 4.88 -14.95
N LEU A 285 -37.22 3.58 -15.19
CA LEU A 285 -38.31 2.61 -15.06
C LEU A 285 -37.96 1.63 -13.94
N SER A 286 -38.90 1.43 -13.02
CA SER A 286 -38.72 0.50 -11.91
C SER A 286 -39.84 -0.52 -11.95
N GLN A 287 -39.51 -1.77 -12.26
CA GLN A 287 -40.51 -2.80 -12.51
C GLN A 287 -40.57 -3.82 -11.37
N THR A 288 -41.73 -4.47 -11.30
CA THR A 288 -41.92 -5.65 -10.46
C THR A 288 -43.05 -6.47 -11.06
N LEU A 289 -42.96 -7.79 -10.91
CA LEU A 289 -43.96 -8.69 -11.46
C LEU A 289 -44.85 -9.18 -10.33
N LEU A 290 -46.16 -9.00 -10.49
CA LEU A 290 -47.13 -9.37 -9.47
C LEU A 290 -48.00 -10.51 -10.00
N PRO A 291 -48.46 -11.42 -9.15
CA PRO A 291 -49.38 -12.44 -9.64
C PRO A 291 -50.70 -11.84 -10.07
N LYS A 292 -51.20 -12.32 -11.21
CA LYS A 292 -52.47 -11.86 -11.73
C LYS A 292 -53.59 -12.36 -10.83
N ALA A 293 -54.72 -11.67 -10.87
CA ALA A 293 -55.82 -12.06 -10.03
C ALA A 293 -56.30 -13.44 -10.41
N SER A 294 -56.17 -13.82 -11.68
CA SER A 294 -56.61 -15.15 -12.08
C SER A 294 -55.78 -16.29 -11.50
N GLY A 295 -54.54 -16.05 -11.08
CA GLY A 295 -53.81 -17.21 -10.62
C GLY A 295 -52.94 -17.88 -11.66
N THR A 296 -52.80 -17.30 -12.84
CA THR A 296 -51.99 -17.95 -13.87
C THR A 296 -51.01 -17.04 -14.58
N GLY A 297 -51.39 -15.81 -14.85
CA GLY A 297 -50.52 -14.87 -15.51
C GLY A 297 -49.87 -13.99 -14.46
N ARG A 298 -48.94 -13.17 -14.92
CA ARG A 298 -48.28 -12.24 -14.03
C ARG A 298 -48.40 -10.91 -14.73
N VAL A 299 -48.51 -9.85 -13.97
CA VAL A 299 -48.72 -8.53 -14.53
C VAL A 299 -47.61 -7.59 -14.08
N LEU A 300 -47.18 -6.74 -14.98
CA LEU A 300 -46.06 -5.85 -14.71
C LEU A 300 -46.60 -4.63 -13.98
N ALA A 301 -45.99 -4.29 -12.87
CA ALA A 301 -46.22 -3.01 -12.21
C ALA A 301 -44.94 -2.20 -12.36
N ILE A 302 -45.09 -0.96 -12.83
CA ILE A 302 -43.93 -0.18 -13.25
C ILE A 302 -44.11 1.25 -12.77
N GLU A 303 -43.04 1.79 -12.22
CA GLU A 303 -42.94 3.20 -11.86
C GLU A 303 -42.12 3.90 -12.94
N VAL A 304 -42.65 4.99 -13.46
CA VAL A 304 -42.08 5.70 -14.59
C VAL A 304 -41.74 7.11 -14.15
N MET A 305 -40.47 7.50 -14.30
CA MET A 305 -40.02 8.86 -14.06
C MET A 305 -39.40 9.39 -15.34
N VAL A 306 -39.97 10.46 -15.88
CA VAL A 306 -39.43 11.13 -17.06
C VAL A 306 -39.01 12.54 -16.64
N PRO A 307 -37.72 12.86 -16.71
CA PRO A 307 -37.24 14.14 -16.16
C PRO A 307 -37.79 15.34 -16.94
N ASN A 308 -38.32 16.30 -16.18
CA ASN A 308 -38.64 17.63 -16.67
C ASN A 308 -37.63 18.63 -16.09
N PRO A 309 -37.65 19.89 -16.56
CA PRO A 309 -36.71 20.89 -15.99
C PRO A 309 -36.73 20.99 -14.46
N ALA A 310 -37.89 20.83 -13.84
CA ALA A 310 -37.98 20.91 -12.38
C ALA A 310 -37.26 19.75 -11.72
N ILE A 311 -37.41 18.55 -12.27
CA ILE A 311 -36.76 17.38 -11.69
C ILE A 311 -35.25 17.51 -11.87
N ARG A 312 -34.81 18.02 -13.02
CA ARG A 312 -33.39 18.22 -13.26
C ARG A 312 -32.81 19.22 -12.27
N ASN A 313 -33.59 20.25 -11.92
CA ASN A 313 -33.12 21.20 -10.91
C ASN A 313 -33.04 20.54 -9.54
N LEU A 314 -34.06 19.75 -9.18
CA LEU A 314 -34.02 19.04 -7.90
C LEU A 314 -32.80 18.13 -7.82
N ILE A 315 -32.43 17.52 -8.95
CA ILE A 315 -31.25 16.68 -9.00
C ILE A 315 -29.99 17.51 -8.77
N ARG A 316 -29.89 18.66 -9.43
CA ARG A 316 -28.69 19.48 -9.23
C ARG A 316 -28.63 20.03 -7.81
N GLU A 317 -29.77 20.39 -7.23
CA GLU A 317 -29.82 20.93 -5.88
C GLU A 317 -29.77 19.88 -4.77
N ASP A 318 -29.61 18.60 -5.12
CA ASP A 318 -29.62 17.51 -4.13
C ASP A 318 -30.91 17.46 -3.32
N LYS A 319 -32.04 17.62 -3.99
CA LYS A 319 -33.32 17.48 -3.32
C LYS A 319 -34.06 16.30 -3.96
N ILE A 320 -33.45 15.12 -3.84
CA ILE A 320 -33.87 13.96 -4.61
C ILE A 320 -35.26 13.50 -4.19
N HIS A 321 -35.50 13.38 -2.88
CA HIS A 321 -36.77 12.84 -2.40
C HIS A 321 -37.98 13.57 -2.99
N GLN A 322 -37.89 14.90 -3.10
CA GLN A 322 -39.03 15.70 -3.51
C GLN A 322 -39.43 15.41 -4.95
N ILE A 323 -38.64 14.57 -5.62
CA ILE A 323 -38.92 14.18 -7.00
C ILE A 323 -40.17 13.34 -7.04
N TYR A 324 -40.43 12.56 -5.99
CA TYR A 324 -41.62 11.73 -5.98
C TYR A 324 -42.86 12.61 -6.11
N SER A 325 -42.84 13.80 -5.49
CA SER A 325 -44.00 14.68 -5.61
C SER A 325 -44.20 15.12 -7.06
N GLN A 326 -43.13 15.35 -7.81
CA GLN A 326 -43.30 15.72 -9.21
C GLN A 326 -43.90 14.56 -9.98
N MET A 327 -43.57 13.32 -9.61
CA MET A 327 -44.12 12.19 -10.33
C MET A 327 -45.61 12.09 -10.04
N GLN A 328 -46.04 12.56 -8.87
CA GLN A 328 -47.44 12.48 -8.52
C GLN A 328 -48.28 13.39 -9.40
N VAL A 329 -47.68 14.43 -9.99
CA VAL A 329 -48.46 15.40 -10.77
C VAL A 329 -48.05 15.42 -12.24
N GLY A 330 -47.23 14.48 -12.68
CA GLY A 330 -46.83 14.49 -14.08
C GLY A 330 -47.62 13.47 -14.87
N GLN A 331 -48.79 13.11 -14.35
CA GLN A 331 -49.59 12.06 -14.96
C GLN A 331 -50.18 12.51 -16.29
N GLU A 332 -50.91 13.63 -16.28
CA GLU A 332 -51.61 14.08 -17.48
C GLU A 332 -50.65 14.61 -18.55
N LYS A 333 -49.62 15.34 -18.12
CA LYS A 333 -48.75 16.05 -19.05
C LYS A 333 -47.72 15.14 -19.72
N PHE A 334 -46.98 14.37 -18.94
CA PHE A 334 -45.83 13.64 -19.46
C PHE A 334 -46.00 12.13 -19.46
N GLY A 335 -47.13 11.60 -19.01
CA GLY A 335 -47.27 10.16 -18.95
C GLY A 335 -46.51 9.54 -17.80
N MET A 336 -46.14 10.35 -16.81
CA MET A 336 -45.43 9.89 -15.62
C MET A 336 -46.40 9.11 -14.73
N MET A 337 -45.84 8.33 -13.80
CA MET A 337 -46.69 7.47 -12.99
C MET A 337 -45.92 6.89 -11.80
N THR A 338 -46.39 7.19 -10.61
CA THR A 338 -45.80 6.57 -9.45
C THR A 338 -46.18 5.08 -9.37
N MET A 339 -45.43 4.33 -8.55
CA MET A 339 -45.72 2.90 -8.37
C MET A 339 -47.12 2.75 -7.79
N ASN A 340 -47.50 3.61 -6.82
CA ASN A 340 -48.84 3.51 -6.22
C ASN A 340 -49.94 3.81 -7.23
N GLN A 341 -49.72 4.77 -8.14
CA GLN A 341 -50.69 5.06 -9.18
C GLN A 341 -50.87 3.87 -10.11
N CYS A 342 -49.80 3.13 -10.37
CA CYS A 342 -49.91 1.94 -11.20
C CYS A 342 -50.66 0.84 -10.47
N LEU A 343 -50.38 0.64 -9.19
CA LEU A 343 -51.13 -0.34 -8.43
C LEU A 343 -52.60 0.02 -8.35
N TYR A 344 -52.91 1.31 -8.23
CA TYR A 344 -54.31 1.77 -8.25
C TYR A 344 -54.99 1.38 -9.55
N GLY A 345 -54.33 1.63 -10.68
CA GLY A 345 -54.93 1.29 -11.95
C GLY A 345 -55.08 -0.21 -12.14
N LEU A 346 -54.08 -0.97 -11.70
CA LEU A 346 -54.18 -2.43 -11.76
C LEU A 346 -55.29 -2.95 -10.86
N LEU A 347 -55.57 -2.25 -9.76
CA LEU A 347 -56.62 -2.69 -8.85
C LEU A 347 -58.00 -2.40 -9.40
N GLN A 348 -58.18 -1.23 -10.02
CA GLN A 348 -59.50 -0.90 -10.57
C GLN A 348 -59.85 -1.77 -11.77
N LYS A 349 -58.87 -2.16 -12.56
CA LYS A 349 -59.10 -3.09 -13.66
C LYS A 349 -59.14 -4.55 -13.20
N ARG A 350 -59.04 -4.81 -11.91
CA ARG A 350 -59.15 -6.16 -11.35
C ARG A 350 -58.07 -7.10 -11.90
N HIS A 351 -56.91 -6.54 -12.23
CA HIS A 351 -55.77 -7.34 -12.71
C HIS A 351 -55.00 -7.99 -11.57
N ILE A 352 -55.03 -7.39 -10.39
CA ILE A 352 -54.37 -7.87 -9.19
C ILE A 352 -55.36 -7.83 -8.05
N THR A 353 -55.08 -8.62 -7.02
CA THR A 353 -55.95 -8.59 -5.87
C THR A 353 -55.61 -7.39 -5.00
N MET A 354 -56.53 -7.07 -4.08
CA MET A 354 -56.34 -5.96 -3.17
C MET A 354 -55.17 -6.24 -2.22
N ASP A 355 -55.05 -7.50 -1.80
CA ASP A 355 -53.97 -7.88 -0.89
C ASP A 355 -52.60 -7.71 -1.53
N VAL A 356 -52.45 -8.07 -2.81
CA VAL A 356 -51.15 -7.93 -3.45
C VAL A 356 -50.78 -6.47 -3.65
N GLY A 357 -51.75 -5.66 -4.09
CA GLY A 357 -51.49 -4.25 -4.27
C GLY A 357 -51.13 -3.54 -2.98
N MET A 358 -51.86 -3.83 -1.90
CA MET A 358 -51.50 -3.20 -0.64
C MET A 358 -50.19 -3.77 -0.09
N GLY A 359 -50.00 -5.09 -0.17
CA GLY A 359 -48.82 -5.77 0.30
C GLY A 359 -47.55 -5.38 -0.41
N ARG A 360 -47.65 -4.68 -1.53
CA ARG A 360 -46.45 -4.37 -2.30
C ARG A 360 -46.30 -2.87 -2.48
N SER A 361 -47.36 -2.12 -2.22
CA SER A 361 -47.34 -0.66 -2.30
C SER A 361 -46.27 -0.08 -1.36
N PRO A 362 -45.39 0.79 -1.85
CA PRO A 362 -44.44 1.46 -0.96
C PRO A 362 -45.09 2.41 0.03
N ASP A 363 -46.33 2.83 -0.20
CA ASP A 363 -47.05 3.65 0.78
C ASP A 363 -48.54 3.27 0.81
N PRO A 364 -48.93 2.36 1.70
CA PRO A 364 -50.34 1.90 1.71
C PRO A 364 -51.36 2.99 2.03
N ASP A 365 -50.98 4.02 2.81
CA ASP A 365 -51.95 5.08 3.14
C ASP A 365 -52.26 5.94 1.92
N GLU A 366 -51.26 6.17 1.07
CA GLU A 366 -51.49 6.88 -0.18
C GLU A 366 -52.42 6.09 -1.09
N LEU A 367 -52.17 4.79 -1.24
CA LEU A 367 -53.06 3.97 -2.06
C LEU A 367 -54.48 3.95 -1.49
N LYS A 368 -54.61 3.91 -0.16
CA LYS A 368 -55.93 4.02 0.46
C LYS A 368 -56.60 5.34 0.07
N GLN A 369 -55.87 6.45 0.20
CA GLN A 369 -56.41 7.76 -0.14
C GLN A 369 -56.81 7.82 -1.61
N MET A 370 -55.99 7.24 -2.49
CA MET A 370 -56.33 7.18 -3.91
C MET A 370 -57.58 6.35 -4.13
N LEU A 371 -57.80 5.35 -3.30
CA LEU A 371 -58.98 4.50 -3.43
C LEU A 371 -60.23 5.22 -2.92
N THR A 372 -60.05 6.10 -1.93
CA THR A 372 -61.17 6.92 -1.45
C THR A 372 -61.51 8.03 -2.43
N SER A 373 -60.51 8.53 -3.16
CA SER A 373 -60.72 9.66 -4.08
C SER A 373 -61.67 9.28 -5.21
N MET B 21 -9.14 -48.76 18.59
CA MET B 21 -10.07 -48.45 17.50
C MET B 21 -11.52 -48.56 17.97
N ALA B 22 -11.72 -49.23 19.10
CA ALA B 22 -13.04 -49.39 19.68
C ALA B 22 -13.19 -48.62 20.98
N ASN B 23 -12.27 -47.69 21.25
CA ASN B 23 -12.40 -46.82 22.40
C ASN B 23 -13.05 -45.51 21.99
N MET B 24 -12.69 -45.04 20.79
CA MET B 24 -13.23 -43.78 20.31
C MET B 24 -14.73 -43.87 20.12
N HIS B 25 -15.19 -45.01 19.61
CA HIS B 25 -16.62 -45.23 19.43
C HIS B 25 -17.38 -45.10 20.75
N GLN B 26 -16.82 -45.65 21.82
CA GLN B 26 -17.49 -45.57 23.11
C GLN B 26 -17.42 -44.15 23.67
N LEU B 27 -16.28 -43.48 23.49
CA LEU B 27 -16.16 -42.11 23.98
C LEU B 27 -17.11 -41.16 23.26
N LEU B 28 -17.23 -41.28 21.93
CA LEU B 28 -18.18 -40.44 21.20
C LEU B 28 -19.62 -40.79 21.52
N THR B 29 -19.89 -42.06 21.80
CA THR B 29 -21.23 -42.45 22.22
C THR B 29 -21.57 -41.81 23.56
N GLU B 30 -20.61 -41.81 24.49
CA GLU B 30 -20.83 -41.16 25.77
C GLU B 30 -21.04 -39.65 25.59
N LEU B 31 -20.25 -39.04 24.71
CA LEU B 31 -20.42 -37.63 24.37
C LEU B 31 -21.85 -37.34 23.92
N VAL B 32 -22.39 -38.19 23.05
CA VAL B 32 -23.75 -37.99 22.57
C VAL B 32 -24.76 -38.21 23.69
N ASN B 33 -24.62 -39.33 24.41
CA ASN B 33 -25.62 -39.70 25.42
C ASN B 33 -25.73 -38.65 26.53
N ARG B 34 -24.62 -38.03 26.92
CA ARG B 34 -24.66 -37.05 28.01
C ARG B 34 -25.08 -35.66 27.55
N GLY B 35 -25.40 -35.50 26.26
CA GLY B 35 -25.78 -34.20 25.74
C GLY B 35 -24.66 -33.19 25.72
N GLY B 36 -23.40 -33.64 25.65
CA GLY B 36 -22.29 -32.71 25.59
C GLY B 36 -22.13 -32.09 24.23
N SER B 37 -21.54 -30.89 24.21
CA SER B 37 -21.31 -30.18 22.95
C SER B 37 -19.96 -30.52 22.34
N ASP B 38 -18.93 -30.67 23.16
CA ASP B 38 -17.57 -30.94 22.70
C ASP B 38 -16.91 -31.97 23.58
N LEU B 39 -16.10 -32.84 22.97
CA LEU B 39 -15.21 -33.75 23.67
C LEU B 39 -13.77 -33.31 23.50
N HIS B 40 -13.04 -33.24 24.61
CA HIS B 40 -11.64 -32.82 24.64
C HIS B 40 -10.79 -34.01 25.08
N LEU B 41 -9.75 -34.31 24.29
CA LEU B 41 -8.78 -35.36 24.59
C LEU B 41 -7.37 -34.78 24.59
N THR B 42 -6.69 -34.83 25.73
CA THR B 42 -5.32 -34.33 25.81
C THR B 42 -4.59 -35.04 26.93
N THR B 43 -3.25 -34.98 26.88
CA THR B 43 -2.43 -35.75 27.80
C THR B 43 -2.53 -35.19 29.22
N ASN B 44 -2.35 -36.09 30.18
CA ASN B 44 -2.32 -35.85 31.62
C ASN B 44 -3.69 -35.47 32.16
N SER B 45 -4.74 -35.64 31.36
CA SER B 45 -6.11 -35.47 31.79
C SER B 45 -6.96 -36.62 31.26
N PRO B 46 -7.98 -37.03 32.00
CA PRO B 46 -9.00 -37.93 31.44
C PRO B 46 -9.75 -37.21 30.33
N PRO B 47 -10.47 -37.94 29.48
CA PRO B 47 -11.37 -37.27 28.53
C PRO B 47 -12.37 -36.37 29.25
N GLN B 48 -12.59 -35.18 28.67
CA GLN B 48 -13.51 -34.20 29.27
C GLN B 48 -14.58 -33.80 28.27
N ILE B 49 -15.80 -33.57 28.77
CA ILE B 49 -16.96 -33.23 27.95
C ILE B 49 -17.56 -31.90 28.38
N ARG B 50 -17.75 -30.99 27.42
CA ARG B 50 -18.41 -29.72 27.69
C ARG B 50 -19.92 -29.92 27.73
N ILE B 51 -20.52 -29.65 28.89
CA ILE B 51 -21.96 -29.76 29.07
C ILE B 51 -22.45 -28.38 29.50
N ASP B 52 -23.37 -27.81 28.72
CA ASP B 52 -23.91 -26.48 29.00
C ASP B 52 -22.80 -25.45 29.17
N GLY B 53 -21.72 -25.62 28.41
CA GLY B 53 -20.65 -24.67 28.44
C GLY B 53 -19.50 -24.99 29.39
N LYS B 54 -19.68 -25.96 30.30
CA LYS B 54 -18.67 -26.21 31.33
C LYS B 54 -18.11 -27.63 31.22
N LEU B 55 -16.80 -27.75 31.41
CA LEU B 55 -16.12 -29.04 31.25
C LEU B 55 -16.32 -29.97 32.45
N LEU B 56 -16.62 -31.25 32.16
CA LEU B 56 -16.75 -32.33 33.13
C LEU B 56 -15.81 -33.47 32.77
N PRO B 57 -14.89 -33.88 33.65
CA PRO B 57 -14.02 -35.03 33.33
C PRO B 57 -14.77 -36.35 33.50
N LEU B 58 -14.57 -37.26 32.54
CA LEU B 58 -15.15 -38.59 32.62
C LEU B 58 -14.39 -39.44 33.63
N ASP B 59 -15.10 -40.40 34.24
CA ASP B 59 -14.52 -41.26 35.27
C ASP B 59 -13.65 -42.34 34.62
N MET B 60 -12.48 -41.91 34.16
CA MET B 60 -11.52 -42.75 33.47
C MET B 60 -10.13 -42.29 33.88
N PRO B 61 -9.12 -43.14 33.71
CA PRO B 61 -7.74 -42.71 33.99
C PRO B 61 -7.29 -41.62 33.04
N PRO B 62 -6.30 -40.82 33.43
CA PRO B 62 -5.76 -39.79 32.53
C PRO B 62 -5.05 -40.42 31.34
N LEU B 63 -5.15 -39.75 30.21
CA LEU B 63 -4.50 -40.21 28.99
C LEU B 63 -3.01 -39.87 28.97
N ASN B 64 -2.22 -40.75 28.35
CA ASN B 64 -0.83 -40.46 28.05
C ASN B 64 -0.73 -40.16 26.55
N ALA B 65 0.50 -39.90 26.08
CA ALA B 65 0.66 -39.54 24.68
C ALA B 65 0.31 -40.70 23.75
N VAL B 66 0.59 -41.94 24.18
CA VAL B 66 0.21 -43.10 23.39
C VAL B 66 -1.30 -43.20 23.26
N ASP B 67 -2.02 -42.93 24.35
CA ASP B 67 -3.48 -43.04 24.33
C ASP B 67 -4.07 -42.00 23.39
N THR B 68 -3.64 -40.74 23.55
CA THR B 68 -4.21 -39.66 22.76
C THR B 68 -3.91 -39.85 21.28
N LYS B 69 -2.67 -40.23 20.95
CA LYS B 69 -2.32 -40.45 19.55
C LYS B 69 -3.12 -41.59 18.92
N GLN B 70 -3.19 -42.76 19.60
CA GLN B 70 -3.91 -43.88 19.01
C GLN B 70 -5.39 -43.53 18.84
N LEU B 71 -5.98 -42.91 19.88
CA LEU B 71 -7.39 -42.60 19.84
C LEU B 71 -7.72 -41.59 18.73
N CYS B 72 -6.94 -40.50 18.61
CA CYS B 72 -7.24 -39.52 17.56
C CYS B 72 -6.98 -40.11 16.17
N TYR B 73 -5.91 -40.89 16.02
CA TYR B 73 -5.60 -41.50 14.73
C TYR B 73 -6.63 -42.54 14.32
N SER B 74 -7.41 -43.07 15.27
CA SER B 74 -8.39 -44.09 14.95
C SER B 74 -9.54 -43.59 14.07
N ILE B 75 -9.77 -42.30 13.96
CA ILE B 75 -10.86 -41.76 13.17
C ILE B 75 -10.36 -41.01 11.93
N LEU B 76 -9.10 -41.20 11.56
CA LEU B 76 -8.49 -40.55 10.41
C LEU B 76 -8.22 -41.54 9.28
N THR B 77 -8.31 -41.03 8.05
CA THR B 77 -7.78 -41.74 6.88
C THR B 77 -6.26 -41.61 6.84
N GLU B 78 -5.64 -42.44 5.99
CA GLU B 78 -4.19 -42.37 5.82
C GLU B 78 -3.76 -41.03 5.24
N GLN B 79 -4.51 -40.52 4.27
CA GLN B 79 -4.24 -39.19 3.74
C GLN B 79 -4.29 -38.15 4.85
N GLN B 80 -5.33 -38.22 5.69
CA GLN B 80 -5.47 -37.27 6.79
C GLN B 80 -4.38 -37.46 7.84
N LYS B 81 -3.97 -38.70 8.09
CA LYS B 81 -2.89 -38.95 9.03
C LYS B 81 -1.59 -38.31 8.55
N HIS B 82 -1.25 -38.51 7.27
CA HIS B 82 -0.01 -37.92 6.77
C HIS B 82 -0.12 -36.41 6.66
N LYS B 83 -1.35 -35.89 6.45
CA LYS B 83 -1.53 -34.46 6.40
C LYS B 83 -1.32 -33.86 7.78
N PHE B 84 -1.79 -34.54 8.83
CA PHE B 84 -1.56 -34.09 10.21
C PHE B 84 -0.06 -34.17 10.56
N GLU B 85 0.60 -35.27 10.17
CA GLU B 85 2.03 -35.41 10.46
C GLU B 85 2.88 -34.43 9.66
N GLU B 86 2.36 -33.93 8.54
CA GLU B 86 3.08 -32.92 7.78
C GLU B 86 2.94 -31.54 8.41
N ASN B 87 1.79 -31.27 9.05
CA ASN B 87 1.49 -29.91 9.50
C ASN B 87 1.28 -29.77 11.00
N ASN B 88 1.12 -30.86 11.74
CA ASN B 88 0.75 -30.83 13.17
C ASN B 88 -0.59 -30.15 13.39
N GLU B 89 -1.42 -30.07 12.36
CA GLU B 89 -2.77 -29.55 12.43
C GLU B 89 -3.67 -30.31 11.47
N LEU B 90 -4.95 -30.42 11.82
CA LEU B 90 -5.88 -31.06 10.89
C LEU B 90 -7.31 -30.75 11.32
N ASP B 91 -8.09 -30.21 10.37
CA ASP B 91 -9.53 -30.06 10.47
C ASP B 91 -10.22 -31.10 9.60
N LEU B 92 -11.35 -31.61 10.08
CA LEU B 92 -12.07 -32.62 9.32
C LEU B 92 -13.48 -32.72 9.88
N SER B 93 -14.36 -33.39 9.13
CA SER B 93 -15.67 -33.75 9.65
C SER B 93 -15.93 -35.21 9.30
N PHE B 94 -16.75 -35.85 10.12
CA PHE B 94 -17.03 -37.26 9.93
C PHE B 94 -18.35 -37.62 10.59
N GLY B 95 -18.89 -38.76 10.19
CA GLY B 95 -20.14 -39.25 10.72
C GLY B 95 -20.03 -40.61 11.38
N ILE B 96 -20.87 -40.83 12.38
CA ILE B 96 -21.06 -42.16 12.94
C ILE B 96 -22.51 -42.49 12.66
N LYS B 97 -22.72 -43.48 11.78
CA LYS B 97 -24.06 -43.83 11.31
C LYS B 97 -24.98 -44.21 12.45
N GLY B 98 -26.17 -43.64 12.46
CA GLY B 98 -27.11 -43.92 13.53
C GLY B 98 -26.81 -43.17 14.81
N LEU B 99 -25.76 -42.35 14.82
CA LEU B 99 -25.35 -41.65 16.03
C LEU B 99 -25.36 -40.14 15.79
N SER B 100 -24.35 -39.62 15.09
CA SER B 100 -24.22 -38.16 15.00
C SER B 100 -23.15 -37.79 13.98
N ARG B 101 -23.15 -36.51 13.57
CA ARG B 101 -22.00 -35.98 12.87
C ARG B 101 -21.07 -35.25 13.84
N PHE B 102 -19.83 -35.07 13.40
CA PHE B 102 -18.81 -34.45 14.23
C PHE B 102 -17.87 -33.61 13.38
N ARG B 103 -17.42 -32.52 13.99
CA ARG B 103 -16.30 -31.73 13.52
C ARG B 103 -15.10 -32.06 14.38
N GLY B 104 -13.96 -32.36 13.77
CA GLY B 104 -12.79 -32.75 14.52
C GLY B 104 -11.66 -31.78 14.21
N ASN B 105 -10.84 -31.51 15.23
CA ASN B 105 -9.56 -30.85 15.11
C ASN B 105 -8.49 -31.66 15.84
N VAL B 106 -7.42 -32.01 15.14
CA VAL B 106 -6.30 -32.70 15.75
C VAL B 106 -5.10 -31.76 15.72
N PHE B 107 -4.38 -31.67 16.84
CA PHE B 107 -3.21 -30.80 16.94
C PHE B 107 -2.19 -31.43 17.89
N VAL B 108 -1.11 -30.69 18.14
CA VAL B 108 0.00 -31.15 18.98
C VAL B 108 0.24 -30.10 20.07
N GLN B 109 0.38 -30.57 21.30
CA GLN B 109 0.69 -29.75 22.47
C GLN B 109 1.66 -30.51 23.38
N ARG B 110 2.67 -29.80 23.86
CA ARG B 110 3.71 -30.37 24.73
C ARG B 110 4.31 -31.64 24.12
N GLY B 111 4.44 -31.64 22.79
CA GLY B 111 5.01 -32.80 22.12
C GLY B 111 4.12 -34.01 22.01
N ALA B 112 2.82 -33.86 22.27
CA ALA B 112 1.88 -34.98 22.27
C ALA B 112 0.62 -34.60 21.50
N VAL B 113 -0.06 -35.62 20.97
CA VAL B 113 -1.31 -35.41 20.25
C VAL B 113 -2.42 -34.95 21.18
N ALA B 114 -3.26 -34.04 20.69
CA ALA B 114 -4.47 -33.59 21.35
C ALA B 114 -5.57 -33.48 20.30
N GLY B 115 -6.82 -33.57 20.75
CA GLY B 115 -7.95 -33.57 19.84
C GLY B 115 -9.17 -32.96 20.47
N VAL B 116 -9.98 -32.30 19.63
CA VAL B 116 -11.28 -31.78 20.04
C VAL B 116 -12.34 -32.16 19.01
N PHE B 117 -13.53 -32.55 19.48
CA PHE B 117 -14.57 -33.03 18.60
C PHE B 117 -15.88 -32.35 19.00
N ARG B 118 -16.53 -31.67 18.05
CA ARG B 118 -17.76 -30.94 18.27
C ARG B 118 -18.93 -31.71 17.68
N VAL B 119 -20.04 -31.74 18.40
CA VAL B 119 -21.23 -32.47 17.96
C VAL B 119 -21.96 -31.67 16.89
N ILE B 120 -22.39 -32.36 15.84
CA ILE B 120 -23.32 -31.86 14.85
C ILE B 120 -24.55 -32.76 14.85
N PRO B 121 -25.61 -32.36 15.55
CA PRO B 121 -26.80 -33.22 15.67
C PRO B 121 -27.53 -33.47 14.36
N TYR B 122 -28.12 -34.66 14.26
CA TYR B 122 -29.00 -34.98 13.14
C TYR B 122 -30.39 -34.33 13.25
N LYS B 123 -30.89 -34.15 14.47
CA LYS B 123 -32.22 -33.58 14.73
C LYS B 123 -32.24 -32.09 15.03
N ILE B 124 -33.10 -31.36 14.32
CA ILE B 124 -33.26 -29.92 14.52
C ILE B 124 -34.43 -29.67 15.47
N LEU B 125 -34.20 -29.01 16.59
CA LEU B 125 -35.31 -28.76 17.51
C LEU B 125 -36.23 -27.68 16.94
N SER B 126 -37.46 -27.64 17.47
CA SER B 126 -38.48 -26.70 17.04
C SER B 126 -38.33 -25.34 17.73
N PHE B 127 -39.05 -24.33 17.21
CA PHE B 127 -39.01 -23.01 17.83
C PHE B 127 -39.43 -23.08 19.28
N GLU B 128 -40.51 -23.83 19.55
CA GLU B 128 -41.02 -23.94 20.91
C GLU B 128 -40.05 -24.68 21.80
N GLU B 129 -39.43 -25.75 21.28
CA GLU B 129 -38.43 -26.48 22.06
C GLU B 129 -37.22 -25.61 22.37
N LEU B 130 -36.88 -24.67 21.49
CA LEU B 130 -35.72 -23.82 21.67
C LEU B 130 -35.98 -22.57 22.51
N GLY B 131 -37.22 -22.29 22.91
CA GLY B 131 -37.47 -21.08 23.66
C GLY B 131 -37.52 -19.79 22.85
N LEU B 132 -37.74 -19.88 21.53
CA LEU B 132 -37.81 -18.72 20.65
C LEU B 132 -39.21 -18.13 20.62
N PRO B 133 -39.34 -16.81 20.72
CA PRO B 133 -40.66 -16.16 20.77
C PRO B 133 -41.36 -16.21 19.42
N PRO B 134 -42.68 -15.97 19.41
CA PRO B 134 -43.44 -16.06 18.13
C PRO B 134 -42.97 -15.10 17.05
N VAL B 135 -42.26 -14.02 17.40
CA VAL B 135 -41.80 -13.10 16.37
C VAL B 135 -40.80 -13.80 15.46
N VAL B 136 -40.08 -14.80 15.98
CA VAL B 136 -39.16 -15.55 15.12
C VAL B 136 -39.97 -16.34 14.10
N ARG B 137 -41.12 -16.86 14.53
CA ARG B 137 -42.01 -17.56 13.61
C ARG B 137 -42.50 -16.60 12.54
N GLU B 138 -42.78 -15.35 12.90
CA GLU B 138 -43.21 -14.44 11.85
C GLU B 138 -42.05 -14.04 10.95
N LEU B 139 -40.82 -14.08 11.46
CA LEU B 139 -39.65 -13.84 10.62
C LEU B 139 -39.41 -14.94 9.60
N ALA B 140 -39.75 -16.19 9.96
CA ALA B 140 -39.59 -17.27 8.98
C ALA B 140 -40.54 -17.16 7.80
N GLU B 141 -41.55 -16.31 7.88
CA GLU B 141 -42.50 -16.05 6.81
C GLU B 141 -42.15 -14.83 5.97
N LYS B 142 -41.08 -14.09 6.32
CA LYS B 142 -40.67 -12.90 5.57
C LYS B 142 -40.31 -13.29 4.14
N PRO B 143 -40.85 -12.61 3.12
CA PRO B 143 -40.53 -13.00 1.74
C PRO B 143 -39.21 -12.45 1.19
N ARG B 144 -38.70 -11.34 1.71
CA ARG B 144 -37.42 -10.81 1.24
C ARG B 144 -36.74 -10.08 2.40
N GLY B 145 -35.47 -9.75 2.22
CA GLY B 145 -34.79 -8.85 3.13
C GLY B 145 -33.64 -9.52 3.84
N LEU B 146 -33.03 -8.78 4.77
CA LEU B 146 -31.89 -9.25 5.52
C LEU B 146 -32.29 -9.46 6.97
N VAL B 147 -32.10 -10.68 7.46
CA VAL B 147 -32.34 -11.06 8.85
C VAL B 147 -31.03 -11.51 9.47
N LEU B 148 -30.65 -10.91 10.58
CA LEU B 148 -29.38 -11.19 11.23
C LEU B 148 -29.58 -11.88 12.58
N VAL B 149 -28.88 -12.99 12.79
CA VAL B 149 -28.88 -13.71 14.05
C VAL B 149 -27.47 -13.61 14.61
N THR B 150 -27.32 -12.91 15.72
CA THR B 150 -25.99 -12.58 16.23
C THR B 150 -25.84 -13.08 17.66
N GLY B 151 -24.60 -13.02 18.14
CA GLY B 151 -24.24 -13.43 19.47
C GLY B 151 -22.85 -14.02 19.48
N PRO B 152 -22.33 -14.31 20.67
CA PRO B 152 -20.99 -14.90 20.76
C PRO B 152 -20.98 -16.33 20.22
N THR B 153 -19.77 -16.89 20.17
CA THR B 153 -19.61 -18.26 19.71
C THR B 153 -20.35 -19.22 20.64
N GLY B 154 -21.12 -20.13 20.03
CA GLY B 154 -21.86 -21.13 20.77
C GLY B 154 -23.06 -20.59 21.51
N SER B 155 -23.68 -19.52 21.01
CA SER B 155 -24.81 -18.88 21.66
C SER B 155 -26.11 -19.33 21.02
N GLY B 156 -26.07 -20.36 20.20
CA GLY B 156 -27.25 -20.93 19.58
C GLY B 156 -27.55 -20.39 18.20
N LYS B 157 -26.61 -19.67 17.59
CA LYS B 157 -26.93 -18.96 16.35
C LYS B 157 -27.22 -19.94 15.21
N SER B 158 -26.35 -20.93 15.02
CA SER B 158 -26.56 -21.92 13.97
C SER B 158 -27.81 -22.74 14.21
N THR B 159 -28.11 -23.04 15.49
CA THR B 159 -29.32 -23.80 15.80
C THR B 159 -30.59 -23.01 15.50
N THR B 160 -30.62 -21.73 15.86
CA THR B 160 -31.77 -20.90 15.51
C THR B 160 -31.92 -20.76 14.00
N LEU B 161 -30.80 -20.55 13.29
CA LEU B 161 -30.87 -20.43 11.85
C LEU B 161 -31.37 -21.71 11.22
N ALA B 162 -30.93 -22.86 11.74
CA ALA B 162 -31.38 -24.15 11.22
C ALA B 162 -32.88 -24.32 11.45
N ALA B 163 -33.38 -23.87 12.60
CA ALA B 163 -34.81 -23.97 12.86
C ALA B 163 -35.62 -23.11 11.88
N ILE B 164 -35.15 -21.89 11.63
CA ILE B 164 -35.84 -21.00 10.69
C ILE B 164 -35.80 -21.58 9.28
N ILE B 165 -34.65 -22.12 8.88
CA ILE B 165 -34.52 -22.68 7.54
C ILE B 165 -35.37 -23.94 7.40
N ASP B 166 -35.48 -24.73 8.47
CA ASP B 166 -36.35 -25.89 8.46
C ASP B 166 -37.81 -25.47 8.32
N LYS B 167 -38.17 -24.33 8.91
CA LYS B 167 -39.53 -23.82 8.76
C LYS B 167 -39.81 -23.39 7.33
N ILE B 168 -38.86 -22.69 6.70
CA ILE B 168 -39.02 -22.29 5.31
C ILE B 168 -39.11 -23.54 4.43
N ASN B 169 -38.21 -24.51 4.64
CA ASN B 169 -38.24 -25.76 3.90
C ASN B 169 -39.60 -26.45 4.03
N THR B 170 -40.21 -26.39 5.21
CA THR B 170 -41.48 -27.06 5.42
C THR B 170 -42.62 -26.32 4.73
N ASP B 171 -42.58 -24.98 4.72
CA ASP B 171 -43.76 -24.20 4.37
C ASP B 171 -43.75 -23.65 2.96
N ARG B 172 -42.58 -23.51 2.34
CA ARG B 172 -42.48 -22.83 1.05
C ARG B 172 -42.06 -23.81 -0.05
N HIS B 173 -42.34 -23.41 -1.29
CA HIS B 173 -41.90 -24.14 -2.47
C HIS B 173 -40.85 -23.29 -3.19
N GLU B 174 -39.70 -23.11 -2.53
CA GLU B 174 -38.68 -22.18 -2.99
C GLU B 174 -37.31 -22.85 -2.95
N HIS B 175 -36.28 -22.12 -3.38
CA HIS B 175 -34.92 -22.65 -3.47
C HIS B 175 -34.08 -22.03 -2.37
N ILE B 176 -33.56 -22.87 -1.47
CA ILE B 176 -32.70 -22.45 -0.38
C ILE B 176 -31.28 -22.91 -0.68
N VAL B 177 -30.33 -21.97 -0.64
CA VAL B 177 -28.92 -22.29 -0.79
C VAL B 177 -28.18 -21.82 0.46
N THR B 178 -27.35 -22.70 1.01
CA THR B 178 -26.50 -22.36 2.14
C THR B 178 -25.02 -22.50 1.77
N VAL B 179 -24.21 -21.57 2.27
CA VAL B 179 -22.75 -21.63 2.16
C VAL B 179 -22.20 -21.67 3.59
N GLU B 180 -21.45 -22.73 3.91
CA GLU B 180 -21.08 -23.00 5.29
C GLU B 180 -19.63 -23.47 5.37
N ASP B 181 -18.98 -23.16 6.48
CA ASP B 181 -17.58 -23.51 6.72
C ASP B 181 -17.44 -23.92 8.18
N PRO B 182 -17.74 -25.19 8.50
CA PRO B 182 -18.24 -26.22 7.59
C PRO B 182 -19.77 -26.32 7.62
N ILE B 183 -20.33 -27.24 6.84
CA ILE B 183 -21.77 -27.50 6.93
C ILE B 183 -22.09 -28.08 8.31
N GLU B 184 -23.05 -27.46 9.00
CA GLU B 184 -23.42 -27.97 10.30
C GLU B 184 -24.75 -28.72 10.23
N TYR B 185 -25.87 -28.03 10.46
CA TYR B 185 -27.17 -28.68 10.38
C TYR B 185 -27.50 -29.06 8.94
N LEU B 186 -27.98 -30.29 8.75
CA LEU B 186 -28.41 -30.76 7.43
C LEU B 186 -29.92 -30.61 7.25
N HIS B 187 -30.32 -30.05 6.10
CA HIS B 187 -31.72 -29.84 5.77
C HIS B 187 -32.10 -30.68 4.56
N PRO B 188 -32.55 -31.92 4.77
CA PRO B 188 -33.09 -32.70 3.65
C PRO B 188 -34.29 -32.01 3.03
N HIS B 189 -34.50 -32.28 1.75
CA HIS B 189 -35.59 -31.64 1.01
C HIS B 189 -36.92 -31.93 1.67
N LYS B 190 -37.74 -30.89 1.86
CA LYS B 190 -39.11 -31.07 2.29
C LYS B 190 -40.00 -30.59 1.16
N SER B 191 -40.52 -29.36 1.22
CA SER B 191 -41.20 -28.77 0.08
C SER B 191 -40.29 -27.88 -0.75
N CYS B 192 -39.16 -27.46 -0.19
CA CYS B 192 -38.16 -26.66 -0.87
C CYS B 192 -37.07 -27.56 -1.48
N VAL B 193 -36.35 -27.00 -2.44
CA VAL B 193 -35.07 -27.56 -2.87
C VAL B 193 -33.96 -26.90 -2.06
N VAL B 194 -33.19 -27.70 -1.33
CA VAL B 194 -32.14 -27.20 -0.44
C VAL B 194 -30.79 -27.69 -0.94
N ASN B 195 -29.90 -26.75 -1.29
CA ASN B 195 -28.52 -27.05 -1.65
C ASN B 195 -27.56 -26.45 -0.62
N GLN B 196 -26.61 -27.25 -0.14
CA GLN B 196 -25.66 -26.84 0.90
C GLN B 196 -24.23 -27.01 0.41
N ARG B 197 -23.47 -25.92 0.38
CA ARG B 197 -22.11 -25.87 -0.13
C ARG B 197 -21.13 -25.68 1.02
N GLU B 198 -20.19 -26.62 1.16
CA GLU B 198 -19.17 -26.54 2.18
C GLU B 198 -17.92 -25.86 1.61
N VAL B 199 -17.44 -24.83 2.30
CA VAL B 199 -16.20 -24.16 1.89
C VAL B 199 -15.02 -25.10 2.04
N GLY B 200 -14.16 -25.15 1.03
CA GLY B 200 -13.00 -26.01 1.04
C GLY B 200 -13.20 -27.35 0.37
N ALA B 201 -14.44 -27.76 0.11
CA ALA B 201 -14.74 -29.00 -0.57
C ALA B 201 -15.66 -28.75 -1.74
N ASP B 202 -16.88 -28.26 -1.45
CA ASP B 202 -17.84 -27.98 -2.51
C ASP B 202 -17.49 -26.70 -3.25
N THR B 203 -16.98 -25.69 -2.54
CA THR B 203 -16.63 -24.41 -3.15
C THR B 203 -15.32 -23.90 -2.57
N LYS B 204 -14.62 -23.12 -3.38
CA LYS B 204 -13.29 -22.68 -3.03
C LYS B 204 -13.30 -21.73 -1.84
N SER B 205 -14.32 -20.87 -1.74
CA SER B 205 -14.36 -19.83 -0.74
C SER B 205 -15.77 -19.23 -0.68
N PHE B 206 -16.00 -18.44 0.37
CA PHE B 206 -17.21 -17.63 0.44
C PHE B 206 -17.32 -16.74 -0.79
N LYS B 207 -16.19 -16.21 -1.24
CA LYS B 207 -16.16 -15.32 -2.40
C LYS B 207 -16.65 -16.02 -3.66
N ASN B 208 -16.20 -17.26 -3.89
CA ASN B 208 -16.60 -17.97 -5.10
C ASN B 208 -18.08 -18.36 -5.07
N ALA B 209 -18.55 -18.82 -3.91
CA ALA B 209 -19.96 -19.17 -3.79
C ALA B 209 -20.82 -17.94 -4.01
N LEU B 210 -20.43 -16.80 -3.46
CA LEU B 210 -21.22 -15.60 -3.68
C LEU B 210 -21.03 -15.06 -5.09
N LYS B 211 -19.92 -15.41 -5.77
CA LYS B 211 -19.72 -15.00 -7.14
C LYS B 211 -20.70 -15.70 -8.08
N TYR B 212 -21.16 -16.88 -7.68
CA TYR B 212 -22.04 -17.64 -8.57
C TYR B 212 -23.45 -17.81 -8.00
N ILE B 213 -23.70 -17.36 -6.77
CA ILE B 213 -24.97 -17.65 -6.11
C ILE B 213 -26.15 -16.96 -6.79
N LEU B 214 -25.93 -15.79 -7.38
CA LEU B 214 -27.01 -15.06 -8.04
C LEU B 214 -27.45 -15.69 -9.35
N ARG B 215 -26.62 -16.53 -9.94
CA ARG B 215 -26.97 -17.27 -11.15
C ARG B 215 -27.53 -18.66 -10.88
N GLN B 216 -27.81 -18.99 -9.61
CA GLN B 216 -28.31 -20.28 -9.21
C GLN B 216 -29.78 -20.23 -8.80
N ASP B 217 -30.46 -19.16 -9.21
CA ASP B 217 -31.90 -18.97 -8.99
C ASP B 217 -32.36 -19.21 -7.55
N PRO B 218 -31.76 -18.55 -6.57
CA PRO B 218 -32.18 -18.73 -5.19
C PRO B 218 -33.32 -17.81 -4.80
N ASP B 219 -34.03 -18.22 -3.74
CA ASP B 219 -35.01 -17.39 -3.05
C ASP B 219 -34.60 -17.05 -1.64
N VAL B 220 -33.95 -17.99 -0.94
CA VAL B 220 -33.50 -17.83 0.43
C VAL B 220 -32.03 -18.27 0.47
N VAL B 221 -31.18 -17.46 1.08
CA VAL B 221 -29.74 -17.73 1.10
C VAL B 221 -29.22 -17.60 2.53
N LEU B 222 -28.41 -18.57 2.94
CA LEU B 222 -27.64 -18.54 4.18
C LEU B 222 -26.18 -18.35 3.81
N VAL B 223 -25.55 -17.29 4.32
CA VAL B 223 -24.19 -16.97 3.90
C VAL B 223 -23.17 -17.20 5.00
N GLY B 224 -23.60 -17.63 6.18
CA GLY B 224 -22.62 -17.86 7.22
C GLY B 224 -22.19 -16.56 7.90
N GLU B 225 -20.96 -16.58 8.38
CA GLU B 225 -20.41 -15.46 9.13
C GLU B 225 -20.06 -14.35 8.15
N LEU B 226 -20.32 -13.10 8.57
CA LEU B 226 -19.92 -11.91 7.82
C LEU B 226 -18.42 -11.70 7.98
N ARG B 227 -17.66 -12.45 7.18
CA ARG B 227 -16.23 -12.57 7.41
C ARG B 227 -15.52 -11.26 7.03
N ASP B 228 -15.93 -10.63 5.94
CA ASP B 228 -15.17 -9.51 5.40
C ASP B 228 -16.12 -8.54 4.70
N LEU B 229 -15.54 -7.45 4.18
CA LEU B 229 -16.31 -6.45 3.43
C LEU B 229 -17.00 -7.07 2.22
N GLU B 230 -16.30 -7.94 1.49
CA GLU B 230 -16.85 -8.52 0.26
C GLU B 230 -18.13 -9.29 0.54
N THR B 231 -18.09 -10.14 1.57
CA THR B 231 -19.27 -10.89 1.94
C THR B 231 -20.41 -9.97 2.36
N ILE B 232 -20.08 -8.86 3.03
CA ILE B 232 -21.09 -7.88 3.42
C ILE B 232 -21.76 -7.28 2.18
N GLU B 233 -20.96 -6.91 1.17
CA GLU B 233 -21.52 -6.35 -0.05
C GLU B 233 -22.39 -7.38 -0.77
N ALA B 234 -21.95 -8.65 -0.74
CA ALA B 234 -22.74 -9.70 -1.36
C ALA B 234 -24.09 -9.87 -0.65
N ALA B 235 -24.08 -9.83 0.68
CA ALA B 235 -25.33 -10.00 1.42
C ALA B 235 -26.27 -8.83 1.19
N LEU B 236 -25.75 -7.59 1.16
CA LEU B 236 -26.62 -6.47 0.85
C LEU B 236 -27.19 -6.57 -0.56
N THR B 237 -26.36 -7.00 -1.53
CA THR B 237 -26.87 -7.16 -2.88
C THR B 237 -27.97 -8.22 -2.93
N LEU B 238 -27.75 -9.35 -2.26
CA LEU B 238 -28.77 -10.40 -2.22
C LEU B 238 -30.05 -9.86 -1.59
N ALA B 239 -29.93 -9.07 -0.51
CA ALA B 239 -31.10 -8.59 0.20
C ALA B 239 -31.88 -7.56 -0.63
N GLU B 240 -31.17 -6.77 -1.43
CA GLU B 240 -31.82 -5.73 -2.23
C GLU B 240 -32.32 -6.23 -3.57
N THR B 241 -31.90 -7.42 -4.00
CA THR B 241 -32.35 -7.99 -5.26
C THR B 241 -33.56 -8.91 -5.11
N GLY B 242 -34.27 -8.81 -3.99
CA GLY B 242 -35.50 -9.56 -3.81
C GLY B 242 -35.39 -10.87 -3.05
N HIS B 243 -34.29 -11.11 -2.36
CA HIS B 243 -34.07 -12.37 -1.66
C HIS B 243 -34.06 -12.16 -0.14
N LEU B 244 -34.36 -13.25 0.57
CA LEU B 244 -34.23 -13.31 2.02
C LEU B 244 -32.86 -13.89 2.38
N CYS B 245 -32.01 -13.07 3.02
CA CYS B 245 -30.63 -13.40 3.31
C CYS B 245 -30.40 -13.54 4.80
N PHE B 246 -29.80 -14.65 5.21
CA PHE B 246 -29.43 -14.91 6.60
C PHE B 246 -27.92 -14.87 6.75
N ALA B 247 -27.46 -14.25 7.84
CA ALA B 247 -26.04 -14.14 8.14
C ALA B 247 -25.86 -14.05 9.65
N THR B 248 -24.63 -14.25 10.11
CA THR B 248 -24.33 -14.17 11.53
C THR B 248 -23.29 -13.09 11.81
N LEU B 249 -23.33 -12.60 13.05
CA LEU B 249 -22.28 -11.75 13.59
C LEU B 249 -22.07 -12.16 15.03
N HIS B 250 -20.93 -11.76 15.58
CA HIS B 250 -20.64 -12.05 16.98
C HIS B 250 -20.91 -10.84 17.90
N THR B 251 -21.78 -9.94 17.47
CA THR B 251 -22.20 -8.80 18.30
C THR B 251 -23.26 -9.24 19.30
N ASN B 252 -23.48 -8.43 20.32
CA ASN B 252 -24.29 -8.82 21.47
C ASN B 252 -25.62 -8.08 21.56
N SER B 253 -25.89 -7.14 20.66
CA SER B 253 -27.17 -6.42 20.70
C SER B 253 -27.48 -5.92 19.29
N ALA B 254 -28.73 -5.49 19.10
CA ALA B 254 -29.14 -4.97 17.80
C ALA B 254 -28.39 -3.69 17.47
N VAL B 255 -28.28 -2.78 18.44
CA VAL B 255 -27.59 -1.51 18.22
C VAL B 255 -26.11 -1.76 17.95
N GLN B 256 -25.49 -2.61 18.77
CA GLN B 256 -24.08 -2.95 18.56
C GLN B 256 -23.86 -3.63 17.21
N THR B 257 -24.83 -4.43 16.78
CA THR B 257 -24.73 -5.10 15.47
C THR B 257 -24.75 -4.09 14.34
N ILE B 258 -25.71 -3.16 14.40
CA ILE B 258 -25.83 -2.16 13.34
C ILE B 258 -24.59 -1.29 13.31
N ASN B 259 -24.09 -0.88 14.48
CA ASN B 259 -22.90 -0.05 14.50
C ASN B 259 -21.68 -0.79 13.95
N ARG B 260 -21.52 -2.08 14.31
CA ARG B 260 -20.37 -2.83 13.82
C ARG B 260 -20.40 -2.92 12.30
N ILE B 261 -21.60 -3.17 11.75
CA ILE B 261 -21.76 -3.35 10.31
C ILE B 261 -21.44 -2.04 9.60
N VAL B 262 -21.94 -0.93 10.13
CA VAL B 262 -21.69 0.34 9.44
C VAL B 262 -20.21 0.69 9.56
N ASP B 263 -19.63 0.51 10.74
CA ASP B 263 -18.29 1.00 11.02
C ASP B 263 -17.21 0.21 10.33
N VAL B 264 -17.51 -0.96 9.76
CA VAL B 264 -16.41 -1.64 9.07
C VAL B 264 -16.05 -0.97 7.74
N PHE B 265 -16.97 -0.11 7.15
CA PHE B 265 -16.74 0.51 5.84
C PHE B 265 -16.03 1.85 5.96
N PRO B 266 -15.31 2.25 4.89
CA PRO B 266 -14.72 3.59 4.88
C PRO B 266 -15.79 4.67 5.05
N SER B 267 -15.38 5.81 5.62
CA SER B 267 -16.33 6.85 6.01
C SER B 267 -17.18 7.29 4.82
N TYR B 268 -16.57 7.39 3.64
CA TYR B 268 -17.28 7.90 2.47
C TYR B 268 -18.36 6.94 1.99
N GLN B 269 -18.27 5.66 2.35
CA GLN B 269 -19.23 4.68 1.88
C GLN B 269 -20.28 4.34 2.94
N GLN B 270 -20.10 4.81 4.17
CA GLN B 270 -21.10 4.59 5.22
C GLN B 270 -22.47 5.17 4.90
N PRO B 271 -22.61 6.32 4.22
CA PRO B 271 -23.97 6.75 3.81
C PRO B 271 -24.70 5.70 3.02
N GLN B 272 -24.02 5.07 2.06
CA GLN B 272 -24.65 4.04 1.25
C GLN B 272 -24.98 2.80 2.06
N VAL B 273 -24.11 2.43 2.99
CA VAL B 273 -24.36 1.27 3.82
C VAL B 273 -25.56 1.50 4.72
N ARG B 274 -25.68 2.71 5.28
CA ARG B 274 -26.83 3.05 6.12
C ARG B 274 -28.12 3.08 5.31
N ALA B 275 -28.07 3.60 4.07
CA ALA B 275 -29.28 3.58 3.24
C ALA B 275 -29.70 2.16 2.89
N GLN B 276 -28.72 1.31 2.55
CA GLN B 276 -29.03 -0.08 2.24
C GLN B 276 -29.64 -0.77 3.45
N LEU B 277 -29.01 -0.66 4.63
CA LEU B 277 -29.56 -1.28 5.82
C LEU B 277 -30.96 -0.76 6.13
N SER B 278 -31.18 0.55 5.99
CA SER B 278 -32.50 1.11 6.26
C SER B 278 -33.55 0.55 5.31
N PHE B 279 -33.14 0.20 4.09
CA PHE B 279 -34.11 -0.32 3.12
C PHE B 279 -34.38 -1.81 3.31
N VAL B 280 -33.34 -2.61 3.55
CA VAL B 280 -33.43 -4.06 3.45
C VAL B 280 -33.58 -4.79 4.78
N LEU B 281 -33.25 -4.16 5.91
CA LEU B 281 -33.27 -4.84 7.20
C LEU B 281 -34.69 -5.22 7.60
N GLU B 282 -34.88 -6.51 7.91
CA GLU B 282 -36.17 -7.03 8.35
C GLU B 282 -36.16 -7.60 9.76
N GLY B 283 -34.99 -7.82 10.35
CA GLY B 283 -34.93 -8.36 11.70
C GLY B 283 -33.52 -8.53 12.23
N VAL B 284 -33.31 -8.26 13.52
CA VAL B 284 -32.04 -8.51 14.19
C VAL B 284 -32.30 -9.30 15.47
N LEU B 285 -31.69 -10.48 15.56
CA LEU B 285 -31.75 -11.32 16.75
C LEU B 285 -30.37 -11.42 17.37
N SER B 286 -30.27 -11.13 18.67
CA SER B 286 -29.01 -11.22 19.40
C SER B 286 -29.20 -12.19 20.55
N GLN B 287 -28.54 -13.35 20.47
CA GLN B 287 -28.79 -14.42 21.43
C GLN B 287 -27.61 -14.60 22.39
N THR B 288 -27.93 -15.21 23.53
CA THR B 288 -26.93 -15.71 24.47
C THR B 288 -27.59 -16.82 25.27
N LEU B 289 -26.79 -17.80 25.66
CA LEU B 289 -27.28 -18.94 26.42
C LEU B 289 -26.87 -18.78 27.88
N LEU B 290 -27.84 -18.88 28.77
CA LEU B 290 -27.61 -18.68 30.19
C LEU B 290 -27.88 -19.98 30.94
N PRO B 291 -27.14 -20.26 32.01
CA PRO B 291 -27.45 -21.45 32.79
C PRO B 291 -28.82 -21.34 33.44
N LYS B 292 -29.57 -22.43 33.35
CA LYS B 292 -30.87 -22.52 34.00
C LYS B 292 -30.68 -22.52 35.50
N ALA B 293 -31.65 -21.94 36.20
CA ALA B 293 -31.57 -21.97 37.65
C ALA B 293 -31.56 -23.41 38.14
N SER B 294 -32.08 -24.36 37.36
CA SER B 294 -32.02 -25.75 37.79
C SER B 294 -30.60 -26.30 37.83
N GLY B 295 -29.62 -25.68 37.16
CA GLY B 295 -28.32 -26.32 37.17
C GLY B 295 -28.07 -27.35 36.08
N THR B 296 -29.06 -27.65 35.24
CA THR B 296 -28.86 -28.69 34.24
C THR B 296 -29.17 -28.28 32.81
N GLY B 297 -30.13 -27.41 32.61
CA GLY B 297 -30.46 -26.92 31.30
C GLY B 297 -29.90 -25.53 31.09
N ARG B 298 -30.06 -25.04 29.88
CA ARG B 298 -29.65 -23.69 29.56
C ARG B 298 -30.87 -23.07 28.91
N VAL B 299 -30.95 -21.76 28.97
CA VAL B 299 -32.11 -21.07 28.44
C VAL B 299 -31.64 -19.94 27.53
N LEU B 300 -32.37 -19.73 26.45
CA LEU B 300 -31.99 -18.74 25.48
C LEU B 300 -32.50 -17.40 25.95
N ALA B 301 -31.60 -16.42 26.01
CA ALA B 301 -31.98 -15.02 26.17
C ALA B 301 -31.72 -14.34 24.84
N ILE B 302 -32.71 -13.61 24.34
CA ILE B 302 -32.67 -13.12 22.97
C ILE B 302 -33.20 -11.70 22.95
N GLU B 303 -32.49 -10.83 22.27
CA GLU B 303 -32.93 -9.48 21.97
C GLU B 303 -33.46 -9.47 20.55
N VAL B 304 -34.65 -8.91 20.36
CA VAL B 304 -35.34 -8.92 19.08
C VAL B 304 -35.61 -7.48 18.68
N MET B 305 -35.09 -7.09 17.51
CA MET B 305 -35.39 -5.81 16.90
C MET B 305 -36.06 -6.05 15.55
N VAL B 306 -37.27 -5.52 15.38
CA VAL B 306 -37.98 -5.61 14.12
C VAL B 306 -38.17 -4.19 13.60
N PRO B 307 -37.58 -3.84 12.45
CA PRO B 307 -37.61 -2.44 11.98
C PRO B 307 -39.02 -1.96 11.65
N ASN B 308 -39.37 -0.81 12.20
CA ASN B 308 -40.50 0.01 11.79
C ASN B 308 -40.02 1.24 11.04
N PRO B 309 -40.92 2.00 10.41
CA PRO B 309 -40.49 3.23 9.71
C PRO B 309 -39.65 4.18 10.55
N ALA B 310 -39.94 4.28 11.85
CA ALA B 310 -39.16 5.16 12.73
C ALA B 310 -37.73 4.69 12.83
N ILE B 311 -37.54 3.37 12.98
CA ILE B 311 -36.20 2.83 13.12
C ILE B 311 -35.43 2.98 11.81
N ARG B 312 -36.10 2.74 10.68
CA ARG B 312 -35.46 2.92 9.39
C ARG B 312 -35.01 4.38 9.21
N ASN B 313 -35.82 5.33 9.70
CA ASN B 313 -35.41 6.73 9.64
C ASN B 313 -34.19 6.97 10.52
N LEU B 314 -34.19 6.42 11.74
CA LEU B 314 -33.04 6.59 12.62
C LEU B 314 -31.78 6.01 11.99
N ILE B 315 -31.93 4.93 11.23
CA ILE B 315 -30.81 4.32 10.53
C ILE B 315 -30.31 5.27 9.46
N ARG B 316 -31.23 5.90 8.72
CA ARG B 316 -30.79 6.79 7.66
C ARG B 316 -30.14 8.05 8.23
N GLU B 317 -30.66 8.56 9.35
CA GLU B 317 -30.11 9.76 9.97
C GLU B 317 -28.89 9.49 10.87
N ASP B 318 -28.35 8.27 10.91
CA ASP B 318 -27.21 7.95 11.78
C ASP B 318 -27.52 8.27 13.25
N LYS B 319 -28.68 7.84 13.71
CA LYS B 319 -29.04 7.99 15.11
C LYS B 319 -29.30 6.61 15.67
N ILE B 320 -28.25 5.77 15.64
CA ILE B 320 -28.42 4.33 15.87
C ILE B 320 -28.83 4.05 17.30
N HIS B 321 -28.17 4.71 18.26
CA HIS B 321 -28.38 4.35 19.66
C HIS B 321 -29.85 4.49 20.07
N GLN B 322 -30.52 5.54 19.58
CA GLN B 322 -31.89 5.81 20.01
C GLN B 322 -32.85 4.73 19.56
N ILE B 323 -32.35 3.76 18.79
CA ILE B 323 -33.17 2.63 18.34
C ILE B 323 -33.56 1.79 19.53
N TYR B 324 -32.68 1.74 20.54
CA TYR B 324 -32.98 0.93 21.71
C TYR B 324 -34.26 1.42 22.37
N SER B 325 -34.47 2.75 22.37
CA SER B 325 -35.70 3.27 22.96
C SER B 325 -36.93 2.79 22.19
N GLN B 326 -36.82 2.64 20.87
CA GLN B 326 -37.96 2.12 20.11
C GLN B 326 -38.23 0.67 20.49
N MET B 327 -37.16 -0.08 20.76
CA MET B 327 -37.37 -1.47 21.12
C MET B 327 -38.07 -1.56 22.47
N GLN B 328 -37.88 -0.54 23.31
CA GLN B 328 -38.49 -0.57 24.63
C GLN B 328 -40.00 -0.47 24.53
N VAL B 329 -40.52 0.13 23.46
CA VAL B 329 -41.94 0.38 23.33
C VAL B 329 -42.58 -0.39 22.18
N GLY B 330 -41.85 -1.32 21.57
CA GLY B 330 -42.41 -2.05 20.45
C GLY B 330 -42.90 -3.44 20.84
N GLN B 331 -43.13 -3.62 22.14
CA GLN B 331 -43.51 -4.94 22.65
C GLN B 331 -44.89 -5.38 22.18
N GLU B 332 -45.90 -4.53 22.38
CA GLU B 332 -47.27 -4.92 22.07
C GLU B 332 -47.53 -4.96 20.56
N LYS B 333 -46.94 -4.04 19.81
CA LYS B 333 -47.27 -3.91 18.40
C LYS B 333 -46.55 -4.92 17.51
N PHE B 334 -45.26 -5.17 17.77
CA PHE B 334 -44.44 -5.96 16.87
C PHE B 334 -43.81 -7.18 17.52
N GLY B 335 -44.01 -7.41 18.81
CA GLY B 335 -43.33 -8.53 19.42
C GLY B 335 -41.88 -8.22 19.69
N MET B 336 -41.52 -6.93 19.72
CA MET B 336 -40.16 -6.50 19.98
C MET B 336 -39.83 -6.70 21.46
N MET B 337 -38.54 -6.80 21.77
CA MET B 337 -38.13 -7.10 23.14
C MET B 337 -36.65 -6.78 23.33
N THR B 338 -36.35 -5.85 24.22
CA THR B 338 -34.96 -5.62 24.58
C THR B 338 -34.45 -6.80 25.40
N MET B 339 -33.11 -6.89 25.50
CA MET B 339 -32.51 -7.96 26.28
C MET B 339 -32.91 -7.87 27.75
N ASN B 340 -33.00 -6.65 28.29
CA ASN B 340 -33.39 -6.49 29.68
C ASN B 340 -34.83 -6.97 29.92
N GLN B 341 -35.73 -6.73 28.95
CA GLN B 341 -37.10 -7.22 29.10
C GLN B 341 -37.16 -8.74 29.08
N CYS B 342 -36.31 -9.38 28.26
CA CYS B 342 -36.24 -10.83 28.25
C CYS B 342 -35.67 -11.36 29.56
N LEU B 343 -34.61 -10.74 30.07
CA LEU B 343 -34.06 -11.18 31.35
C LEU B 343 -35.07 -11.00 32.48
N TYR B 344 -35.83 -9.90 32.44
CA TYR B 344 -36.89 -9.68 33.42
C TYR B 344 -37.91 -10.80 33.38
N GLY B 345 -38.35 -11.18 32.18
CA GLY B 345 -39.31 -12.28 32.09
C GLY B 345 -38.74 -13.60 32.58
N LEU B 346 -37.50 -13.90 32.19
CA LEU B 346 -36.86 -15.13 32.65
C LEU B 346 -36.70 -15.16 34.17
N LEU B 347 -36.40 -14.01 34.79
CA LEU B 347 -36.27 -13.95 36.24
C LEU B 347 -37.62 -14.10 36.95
N GLN B 348 -38.68 -13.52 36.39
CA GLN B 348 -39.99 -13.64 37.01
C GLN B 348 -40.47 -15.09 37.02
N LYS B 349 -40.19 -15.83 35.96
CA LYS B 349 -40.52 -17.26 35.87
C LYS B 349 -39.51 -18.15 36.57
N ARG B 350 -38.47 -17.57 37.19
CA ARG B 350 -37.41 -18.30 37.90
C ARG B 350 -36.68 -19.31 37.00
N HIS B 351 -36.57 -19.01 35.70
CA HIS B 351 -35.77 -19.82 34.79
C HIS B 351 -34.27 -19.58 34.96
N ILE B 352 -33.87 -18.38 35.38
CA ILE B 352 -32.48 -18.01 35.57
C ILE B 352 -32.34 -17.42 36.96
N THR B 353 -31.11 -17.38 37.44
CA THR B 353 -30.92 -16.77 38.73
C THR B 353 -30.78 -15.26 38.62
N MET B 354 -30.96 -14.60 39.76
CA MET B 354 -30.81 -13.15 39.81
C MET B 354 -29.40 -12.73 39.45
N ASP B 355 -28.41 -13.50 39.92
CA ASP B 355 -27.01 -13.19 39.65
C ASP B 355 -26.70 -13.27 38.17
N VAL B 356 -27.23 -14.28 37.48
CA VAL B 356 -26.98 -14.42 36.05
C VAL B 356 -27.66 -13.30 35.27
N GLY B 357 -28.91 -13.00 35.62
CA GLY B 357 -29.63 -11.93 34.93
C GLY B 357 -28.98 -10.58 35.11
N MET B 358 -28.53 -10.26 36.33
CA MET B 358 -27.88 -8.98 36.54
C MET B 358 -26.50 -8.96 35.90
N GLY B 359 -25.77 -10.08 35.96
CA GLY B 359 -24.43 -10.16 35.43
C GLY B 359 -24.36 -10.14 33.92
N ARG B 360 -25.46 -10.43 33.23
CA ARG B 360 -25.47 -10.37 31.78
C ARG B 360 -26.33 -9.23 31.24
N SER B 361 -26.98 -8.48 32.12
CA SER B 361 -27.81 -7.36 31.69
C SER B 361 -26.93 -6.23 31.16
N PRO B 362 -27.23 -5.68 29.98
CA PRO B 362 -26.48 -4.51 29.49
C PRO B 362 -26.78 -3.22 30.25
N ASP B 363 -27.83 -3.19 31.09
CA ASP B 363 -28.14 -2.00 31.88
C ASP B 363 -28.78 -2.41 33.20
N PRO B 364 -27.96 -2.72 34.22
CA PRO B 364 -28.51 -3.23 35.49
C PRO B 364 -29.49 -2.27 36.16
N ASP B 365 -29.31 -0.95 36.00
CA ASP B 365 -30.24 0.00 36.59
C ASP B 365 -31.64 -0.15 36.00
N GLU B 366 -31.73 -0.39 34.68
CA GLU B 366 -33.03 -0.56 34.05
C GLU B 366 -33.70 -1.84 34.54
N LEU B 367 -32.94 -2.94 34.63
CA LEU B 367 -33.52 -4.18 35.13
C LEU B 367 -33.98 -4.03 36.57
N LYS B 368 -33.19 -3.33 37.40
CA LYS B 368 -33.62 -3.05 38.77
C LYS B 368 -34.92 -2.26 38.79
N GLN B 369 -35.04 -1.25 37.93
CA GLN B 369 -36.26 -0.45 37.87
C GLN B 369 -37.45 -1.29 37.45
N MET B 370 -37.27 -2.18 36.47
CA MET B 370 -38.37 -3.01 36.02
C MET B 370 -38.83 -3.99 37.10
N LEU B 371 -37.90 -4.47 37.91
CA LEU B 371 -38.23 -5.43 38.96
C LEU B 371 -38.93 -4.78 40.15
N ALA C 22 27.21 -34.26 30.18
CA ALA C 22 27.08 -34.43 31.62
C ALA C 22 27.79 -33.29 32.37
N ASN C 23 28.35 -32.35 31.62
CA ASN C 23 28.90 -31.16 32.26
C ASN C 23 27.82 -30.09 32.42
N MET C 24 26.89 -30.01 31.47
CA MET C 24 25.85 -28.99 31.56
C MET C 24 25.01 -29.21 32.80
N HIS C 25 24.73 -30.48 33.11
CA HIS C 25 23.95 -30.81 34.29
C HIS C 25 24.63 -30.30 35.54
N GLN C 26 25.95 -30.44 35.61
CA GLN C 26 26.68 -29.97 36.78
C GLN C 26 26.78 -28.45 36.81
N LEU C 27 26.92 -27.82 35.64
CA LEU C 27 26.99 -26.36 35.61
C LEU C 27 25.68 -25.73 36.06
N LEU C 28 24.55 -26.24 35.57
CA LEU C 28 23.26 -25.72 36.03
C LEU C 28 23.00 -26.07 37.49
N THR C 29 23.48 -27.23 37.95
CA THR C 29 23.33 -27.54 39.37
C THR C 29 24.11 -26.56 40.24
N GLU C 30 25.33 -26.20 39.82
CA GLU C 30 26.11 -25.22 40.56
C GLU C 30 25.45 -23.84 40.50
N LEU C 31 24.87 -23.50 39.33
CA LEU C 31 24.11 -22.25 39.20
C LEU C 31 23.00 -22.20 40.24
N VAL C 32 22.24 -23.28 40.37
CA VAL C 32 21.15 -23.34 41.33
C VAL C 32 21.68 -23.27 42.76
N ASN C 33 22.68 -24.09 43.08
CA ASN C 33 23.12 -24.22 44.46
C ASN C 33 23.65 -22.90 45.05
N ARG C 34 24.34 -22.07 44.26
CA ARG C 34 24.94 -20.85 44.83
C ARG C 34 23.92 -19.71 44.78
N GLY C 35 22.68 -19.99 44.36
CA GLY C 35 21.66 -18.96 44.23
C GLY C 35 21.90 -17.90 43.17
N GLY C 36 22.62 -18.25 42.10
CA GLY C 36 22.87 -17.31 41.03
C GLY C 36 21.65 -17.14 40.12
N SER C 37 21.58 -15.96 39.51
CA SER C 37 20.41 -15.62 38.69
C SER C 37 20.59 -16.03 37.23
N ASP C 38 21.80 -15.90 36.69
CA ASP C 38 22.06 -16.22 35.30
C ASP C 38 23.40 -16.93 35.18
N LEU C 39 23.47 -17.91 34.29
CA LEU C 39 24.73 -18.55 33.91
C LEU C 39 25.16 -18.12 32.51
N HIS C 40 26.42 -17.67 32.38
CA HIS C 40 26.98 -17.19 31.13
C HIS C 40 28.12 -18.11 30.67
N LEU C 41 28.05 -18.59 29.43
CA LEU C 41 29.08 -19.43 28.82
C LEU C 41 29.52 -18.82 27.50
N THR C 42 30.80 -18.45 27.39
CA THR C 42 31.35 -17.86 26.17
C THR C 42 32.85 -18.14 26.13
N THR C 43 33.41 -18.06 24.92
CA THR C 43 34.80 -18.44 24.70
C THR C 43 35.78 -17.51 25.39
N ASN C 44 36.92 -18.11 25.77
CA ASN C 44 38.07 -17.47 26.39
C ASN C 44 37.78 -17.01 27.81
N SER C 45 36.66 -17.44 28.38
CA SER C 45 36.32 -17.23 29.76
C SER C 45 35.83 -18.54 30.36
N PRO C 46 36.10 -18.78 31.63
CA PRO C 46 35.42 -19.84 32.38
C PRO C 46 33.94 -19.52 32.48
N PRO C 47 33.12 -20.50 32.84
CA PRO C 47 31.72 -20.20 33.15
C PRO C 47 31.59 -19.12 34.23
N GLN C 48 30.64 -18.21 34.03
CA GLN C 48 30.43 -17.13 35.00
C GLN C 48 28.97 -17.10 35.46
N ILE C 49 28.79 -16.84 36.75
CA ILE C 49 27.48 -16.80 37.39
C ILE C 49 27.19 -15.42 37.95
N ARG C 50 26.01 -14.90 37.67
CA ARG C 50 25.59 -13.62 38.24
C ARG C 50 25.07 -13.85 39.66
N ILE C 51 25.73 -13.22 40.64
CA ILE C 51 25.35 -13.31 42.03
C ILE C 51 25.03 -11.90 42.51
N ASP C 52 23.81 -11.69 42.97
CA ASP C 52 23.38 -10.39 43.47
C ASP C 52 23.69 -9.30 42.44
N GLY C 53 23.56 -9.64 41.17
CA GLY C 53 23.74 -8.69 40.10
C GLY C 53 25.15 -8.60 39.54
N LYS C 54 26.15 -9.23 40.18
CA LYS C 54 27.55 -9.11 39.75
C LYS C 54 28.11 -10.47 39.33
N LEU C 55 28.89 -10.47 38.26
CA LEU C 55 29.45 -11.72 37.71
C LEU C 55 30.63 -12.27 38.52
N LEU C 56 30.62 -13.59 38.74
CA LEU C 56 31.69 -14.33 39.38
C LEU C 56 32.14 -15.49 38.50
N PRO C 57 33.40 -15.59 38.10
CA PRO C 57 33.84 -16.74 37.30
C PRO C 57 33.99 -17.98 38.18
N LEU C 58 33.60 -19.12 37.62
CA LEU C 58 33.77 -20.40 38.31
C LEU C 58 35.21 -20.89 38.22
N ASP C 59 35.61 -21.68 39.22
CA ASP C 59 36.98 -22.20 39.28
C ASP C 59 37.10 -23.40 38.33
N MET C 60 37.11 -23.08 37.04
CA MET C 60 37.20 -24.03 35.95
C MET C 60 38.09 -23.42 34.88
N PRO C 61 38.62 -24.22 33.97
CA PRO C 61 39.41 -23.66 32.87
C PRO C 61 38.54 -22.85 31.92
N PRO C 62 39.13 -21.91 31.18
CA PRO C 62 38.35 -21.15 30.19
C PRO C 62 37.82 -22.07 29.11
N LEU C 63 36.66 -21.71 28.58
CA LEU C 63 36.06 -22.47 27.48
C LEU C 63 36.68 -22.10 26.14
N ASN C 64 36.75 -23.09 25.24
CA ASN C 64 37.06 -22.84 23.84
C ASN C 64 35.77 -22.99 23.03
N ALA C 65 35.89 -22.81 21.72
CA ALA C 65 34.67 -22.85 20.89
C ALA C 65 34.05 -24.24 20.84
N VAL C 66 34.88 -25.29 20.85
CA VAL C 66 34.37 -26.66 20.93
C VAL C 66 33.60 -26.85 22.22
N ASP C 67 34.12 -26.32 23.33
CA ASP C 67 33.46 -26.51 24.62
C ASP C 67 32.10 -25.82 24.60
N THR C 68 32.07 -24.55 24.20
CA THR C 68 30.83 -23.79 24.27
C THR C 68 29.77 -24.35 23.34
N LYS C 69 30.17 -24.75 22.13
CA LYS C 69 29.19 -25.33 21.21
C LYS C 69 28.65 -26.66 21.70
N GLN C 70 29.51 -27.56 22.21
CA GLN C 70 28.98 -28.85 22.65
C GLN C 70 28.05 -28.67 23.85
N LEU C 71 28.44 -27.80 24.79
CA LEU C 71 27.67 -27.59 25.99
C LEU C 71 26.31 -26.97 25.67
N CYS C 72 26.28 -25.92 24.83
CA CYS C 72 24.99 -25.32 24.51
C CYS C 72 24.12 -26.28 23.72
N TYR C 73 24.70 -27.00 22.75
CA TYR C 73 23.93 -27.94 21.95
C TYR C 73 23.40 -29.12 22.78
N SER C 74 24.01 -29.40 23.94
CA SER C 74 23.57 -30.54 24.73
C SER C 74 22.16 -30.42 25.29
N ILE C 75 21.58 -29.22 25.33
CA ILE C 75 20.24 -29.03 25.87
C ILE C 75 19.25 -28.64 24.78
N LEU C 76 19.60 -28.81 23.51
CA LEU C 76 18.73 -28.46 22.39
C LEU C 76 18.19 -29.70 21.70
N THR C 77 16.95 -29.60 21.20
CA THR C 77 16.42 -30.59 20.27
C THR C 77 17.05 -30.38 18.88
N GLU C 78 16.90 -31.40 18.03
CA GLU C 78 17.46 -31.30 16.68
C GLU C 78 16.81 -30.16 15.90
N GLN C 79 15.49 -30.01 16.02
CA GLN C 79 14.81 -28.87 15.40
C GLN C 79 15.38 -27.56 15.92
N GLN C 80 15.61 -27.46 17.23
CA GLN C 80 16.17 -26.24 17.79
C GLN C 80 17.62 -26.02 17.36
N LYS C 81 18.39 -27.10 17.20
CA LYS C 81 19.75 -26.97 16.69
C LYS C 81 19.75 -26.41 15.27
N HIS C 82 18.89 -26.95 14.40
CA HIS C 82 18.90 -26.45 13.03
C HIS C 82 18.33 -25.03 12.95
N LYS C 83 17.38 -24.68 13.82
CA LYS C 83 16.93 -23.29 13.87
C LYS C 83 18.06 -22.34 14.27
N PHE C 84 18.88 -22.76 15.24
CA PHE C 84 20.01 -21.94 15.65
C PHE C 84 21.03 -21.82 14.53
N GLU C 85 21.30 -22.93 13.83
CA GLU C 85 22.26 -22.87 12.73
C GLU C 85 21.70 -22.09 11.54
N GLU C 86 20.39 -21.98 11.44
CA GLU C 86 19.76 -21.18 10.40
C GLU C 86 19.84 -19.70 10.71
N ASN C 87 19.80 -19.32 12.00
CA ASN C 87 19.65 -17.92 12.37
C ASN C 87 20.78 -17.36 13.23
N ASN C 88 21.62 -18.20 13.83
CA ASN C 88 22.64 -17.78 14.78
C ASN C 88 22.01 -17.12 16.00
N GLU C 89 20.72 -17.37 16.21
CA GLU C 89 19.98 -16.93 17.37
C GLU C 89 18.98 -17.99 17.77
N LEU C 90 18.70 -18.07 19.07
CA LEU C 90 17.68 -19.01 19.52
C LEU C 90 17.26 -18.65 20.93
N ASP C 91 15.94 -18.50 21.12
CA ASP C 91 15.33 -18.44 22.44
C ASP C 91 14.64 -19.76 22.66
N LEU C 92 14.72 -20.27 23.88
CA LEU C 92 14.09 -21.56 24.16
C LEU C 92 13.94 -21.72 25.66
N SER C 93 13.16 -22.73 26.02
CA SER C 93 13.09 -23.18 27.41
C SER C 93 13.23 -24.68 27.44
N PHE C 94 13.71 -25.18 28.58
CA PHE C 94 13.93 -26.61 28.73
C PHE C 94 13.91 -26.94 30.20
N GLY C 95 13.73 -28.23 30.49
CA GLY C 95 13.70 -28.70 31.86
C GLY C 95 14.78 -29.69 32.20
N ILE C 96 15.15 -29.72 33.48
CA ILE C 96 16.00 -30.76 34.03
C ILE C 96 15.13 -31.38 35.11
N LYS C 97 14.70 -32.61 34.85
CA LYS C 97 13.74 -33.29 35.70
C LYS C 97 14.26 -33.39 37.12
N GLY C 98 13.39 -33.10 38.08
CA GLY C 98 13.80 -33.12 39.45
C GLY C 98 14.61 -31.93 39.88
N LEU C 99 14.91 -31.00 38.97
CA LEU C 99 15.73 -29.85 39.29
C LEU C 99 14.97 -28.55 39.02
N SER C 100 14.78 -28.16 37.77
CA SER C 100 14.25 -26.82 37.50
C SER C 100 13.96 -26.67 36.02
N ARG C 101 13.18 -25.64 35.69
CA ARG C 101 13.15 -25.22 34.30
C ARG C 101 14.14 -24.09 34.07
N PHE C 102 14.47 -23.88 32.80
CA PHE C 102 15.43 -22.85 32.46
C PHE C 102 14.99 -22.22 31.15
N ARG C 103 15.25 -20.92 31.05
CA ARG C 103 15.15 -20.21 29.79
C ARG C 103 16.53 -19.97 29.22
N GLY C 104 16.74 -20.37 27.97
CA GLY C 104 18.03 -20.27 27.34
C GLY C 104 17.97 -19.28 26.18
N ASN C 105 19.09 -18.58 25.97
CA ASN C 105 19.31 -17.89 24.71
C ASN C 105 20.69 -18.33 24.23
N VAL C 106 20.76 -18.78 22.99
CA VAL C 106 22.00 -19.17 22.35
C VAL C 106 22.25 -18.22 21.19
N PHE C 107 23.50 -17.80 21.03
CA PHE C 107 23.88 -16.89 19.96
C PHE C 107 25.32 -17.16 19.54
N VAL C 108 25.84 -16.31 18.67
CA VAL C 108 27.19 -16.43 18.12
C VAL C 108 27.90 -15.10 18.33
N GLN C 109 29.14 -15.18 18.80
CA GLN C 109 30.01 -14.04 19.01
C GLN C 109 31.44 -14.43 18.65
N ARG C 110 32.13 -13.53 17.93
CA ARG C 110 33.50 -13.77 17.48
C ARG C 110 33.63 -15.13 16.78
N GLY C 111 32.59 -15.52 16.04
CA GLY C 111 32.63 -16.77 15.31
C GLY C 111 32.42 -18.02 16.14
N ALA C 112 32.00 -17.88 17.40
CA ALA C 112 31.88 -19.01 18.31
C ALA C 112 30.54 -18.96 19.03
N VAL C 113 30.08 -20.13 19.47
CA VAL C 113 28.82 -20.23 20.23
C VAL C 113 28.94 -19.60 21.61
N ALA C 114 27.87 -18.94 22.04
CA ALA C 114 27.73 -18.41 23.40
C ALA C 114 26.30 -18.69 23.87
N GLY C 115 26.13 -18.68 25.18
CA GLY C 115 24.84 -19.02 25.78
C GLY C 115 24.62 -18.32 27.10
N VAL C 116 23.35 -18.02 27.38
CA VAL C 116 22.91 -17.48 28.67
C VAL C 116 21.69 -18.27 29.16
N PHE C 117 21.67 -18.58 30.45
CA PHE C 117 20.65 -19.47 31.01
C PHE C 117 20.06 -18.94 32.31
N ARG C 118 18.73 -18.76 32.34
CA ARG C 118 17.95 -18.26 33.47
C ARG C 118 17.21 -19.40 34.17
N VAL C 119 17.00 -19.22 35.47
CA VAL C 119 16.20 -20.14 36.27
C VAL C 119 14.72 -19.82 36.08
N ILE C 120 13.93 -20.87 35.89
CA ILE C 120 12.47 -20.82 35.89
C ILE C 120 11.95 -21.78 36.96
N PRO C 121 11.56 -21.24 38.12
CA PRO C 121 11.13 -22.07 39.25
C PRO C 121 9.85 -22.83 38.96
N TYR C 122 9.72 -23.98 39.63
CA TYR C 122 8.50 -24.78 39.56
C TYR C 122 7.33 -24.16 40.31
N LYS C 123 7.55 -23.32 41.30
CA LYS C 123 6.40 -22.78 42.02
C LYS C 123 6.07 -21.40 41.47
N ILE C 124 4.81 -21.25 41.07
CA ILE C 124 4.27 -19.99 40.57
C ILE C 124 3.79 -19.18 41.76
N LEU C 125 4.25 -17.93 41.86
CA LEU C 125 3.81 -17.14 42.99
C LEU C 125 2.37 -16.65 42.79
N SER C 126 1.73 -16.34 43.91
CA SER C 126 0.35 -15.86 43.96
C SER C 126 0.27 -14.37 43.65
N PHE C 127 -0.96 -13.88 43.45
CA PHE C 127 -1.12 -12.45 43.17
C PHE C 127 -0.57 -11.63 44.33
N GLU C 128 -0.88 -12.03 45.56
CA GLU C 128 -0.42 -11.29 46.73
C GLU C 128 1.09 -11.35 46.86
N GLU C 129 1.69 -12.52 46.61
CA GLU C 129 3.14 -12.63 46.68
C GLU C 129 3.82 -11.81 45.60
N LEU C 130 3.16 -11.60 44.46
CA LEU C 130 3.73 -10.83 43.37
C LEU C 130 3.51 -9.33 43.51
N GLY C 131 2.75 -8.88 44.50
CA GLY C 131 2.49 -7.44 44.61
C GLY C 131 1.47 -6.88 43.65
N LEU C 132 0.59 -7.71 43.13
CA LEU C 132 -0.44 -7.33 42.17
C LEU C 132 -1.70 -6.89 42.90
N PRO C 133 -2.29 -5.76 42.50
CA PRO C 133 -3.45 -5.22 43.22
C PRO C 133 -4.70 -6.04 42.96
N PRO C 134 -5.74 -5.89 43.80
CA PRO C 134 -6.94 -6.73 43.66
C PRO C 134 -7.63 -6.63 42.31
N VAL C 135 -7.47 -5.51 41.59
CA VAL C 135 -8.12 -5.40 40.30
C VAL C 135 -7.63 -6.49 39.35
N VAL C 136 -6.38 -6.94 39.51
CA VAL C 136 -5.90 -8.04 38.67
C VAL C 136 -6.67 -9.31 38.99
N ARG C 137 -6.98 -9.52 40.28
CA ARG C 137 -7.81 -10.66 40.64
C ARG C 137 -9.18 -10.57 40.01
N GLU C 138 -9.74 -9.35 39.94
CA GLU C 138 -11.06 -9.28 39.31
C GLU C 138 -10.94 -9.46 37.80
N LEU C 139 -9.79 -9.10 37.22
CA LEU C 139 -9.55 -9.35 35.81
C LEU C 139 -9.45 -10.83 35.49
N ALA C 140 -8.96 -11.64 36.44
CA ALA C 140 -8.91 -13.07 36.17
C ALA C 140 -10.28 -13.74 36.11
N GLU C 141 -11.35 -13.02 36.50
CA GLU C 141 -12.73 -13.51 36.46
C GLU C 141 -13.54 -13.00 35.27
N LYS C 142 -12.94 -12.19 34.40
CA LYS C 142 -13.69 -11.59 33.29
C LYS C 142 -14.12 -12.67 32.30
N PRO C 143 -15.38 -12.68 31.86
CA PRO C 143 -15.82 -13.72 30.92
C PRO C 143 -15.34 -13.59 29.48
N ARG C 144 -15.06 -12.40 28.97
CA ARG C 144 -14.66 -12.34 27.56
C ARG C 144 -13.92 -11.03 27.42
N GLY C 145 -13.19 -10.90 26.32
CA GLY C 145 -12.55 -9.63 26.03
C GLY C 145 -11.05 -9.75 25.87
N LEU C 146 -10.43 -8.59 25.69
CA LEU C 146 -9.00 -8.50 25.49
C LEU C 146 -8.38 -7.85 26.71
N VAL C 147 -7.39 -8.52 27.31
CA VAL C 147 -6.62 -8.04 28.45
C VAL C 147 -5.16 -8.04 28.04
N LEU C 148 -4.50 -6.88 28.18
CA LEU C 148 -3.13 -6.71 27.75
C LEU C 148 -2.22 -6.47 28.95
N VAL C 149 -1.14 -7.25 29.02
CA VAL C 149 -0.12 -7.08 30.04
C VAL C 149 1.14 -6.66 29.31
N THR C 150 1.60 -5.43 29.56
CA THR C 150 2.65 -4.86 28.74
C THR C 150 3.82 -4.38 29.58
N GLY C 151 4.89 -4.05 28.86
CA GLY C 151 6.12 -3.55 29.43
C GLY C 151 7.32 -4.08 28.68
N PRO C 152 8.51 -3.61 29.04
CA PRO C 152 9.72 -4.09 28.38
C PRO C 152 9.99 -5.54 28.72
N THR C 153 10.98 -6.10 28.02
CA THR C 153 11.40 -7.48 28.27
C THR C 153 11.87 -7.66 29.71
N GLY C 154 11.34 -8.71 30.35
CA GLY C 154 11.68 -9.08 31.71
C GLY C 154 11.09 -8.20 32.78
N SER C 155 9.93 -7.62 32.52
CA SER C 155 9.26 -6.73 33.47
C SER C 155 8.20 -7.49 34.25
N GLY C 156 8.23 -8.81 34.20
CA GLY C 156 7.29 -9.66 34.92
C GLY C 156 6.05 -10.03 34.14
N LYS C 157 6.05 -9.83 32.82
CA LYS C 157 4.81 -9.99 32.05
C LYS C 157 4.37 -11.43 32.03
N SER C 158 5.30 -12.34 31.72
CA SER C 158 4.96 -13.76 31.67
C SER C 158 4.59 -14.29 33.06
N THR C 159 5.25 -13.78 34.10
CA THR C 159 4.92 -14.19 35.46
C THR C 159 3.52 -13.76 35.87
N THR C 160 3.16 -12.50 35.58
CA THR C 160 1.81 -12.04 35.86
C THR C 160 0.78 -12.85 35.09
N LEU C 161 1.06 -13.08 33.79
CA LEU C 161 0.12 -13.85 32.97
C LEU C 161 -0.02 -15.26 33.51
N ALA C 162 1.09 -15.87 33.96
CA ALA C 162 1.02 -17.22 34.48
C ALA C 162 0.19 -17.26 35.75
N ALA C 163 0.28 -16.20 36.57
CA ALA C 163 -0.53 -16.15 37.78
C ALA C 163 -2.02 -16.03 37.43
N ILE C 164 -2.35 -15.19 36.45
CA ILE C 164 -3.74 -15.05 36.03
C ILE C 164 -4.27 -16.36 35.45
N ILE C 165 -3.47 -17.02 34.63
CA ILE C 165 -3.87 -18.27 34.00
C ILE C 165 -4.01 -19.37 35.05
N ASP C 166 -3.15 -19.36 36.06
CA ASP C 166 -3.28 -20.30 37.16
C ASP C 166 -4.57 -20.07 37.93
N LYS C 167 -4.97 -18.79 38.06
CA LYS C 167 -6.23 -18.49 38.73
C LYS C 167 -7.44 -18.96 37.92
N ILE C 168 -7.41 -18.76 36.61
CA ILE C 168 -8.47 -19.28 35.75
C ILE C 168 -8.53 -20.80 35.81
N ASN C 169 -7.36 -21.45 35.71
CA ASN C 169 -7.28 -22.91 35.79
C ASN C 169 -7.87 -23.39 37.10
N THR C 170 -7.66 -22.64 38.18
CA THR C 170 -8.16 -23.05 39.47
C THR C 170 -9.67 -22.87 39.57
N ASP C 171 -10.20 -21.79 39.00
CA ASP C 171 -11.56 -21.39 39.34
C ASP C 171 -12.60 -21.80 38.31
N ARG C 172 -12.21 -22.07 37.07
CA ARG C 172 -13.15 -22.30 35.98
C ARG C 172 -13.07 -23.72 35.45
N HIS C 173 -14.16 -24.14 34.81
CA HIS C 173 -14.24 -25.40 34.08
C HIS C 173 -14.29 -25.10 32.58
N GLU C 174 -13.18 -24.58 32.05
CA GLU C 174 -13.12 -24.08 30.68
C GLU C 174 -11.84 -24.58 30.01
N HIS C 175 -11.67 -24.23 28.74
CA HIS C 175 -10.54 -24.70 27.94
C HIS C 175 -9.58 -23.55 27.72
N ILE C 176 -8.36 -23.69 28.24
CA ILE C 176 -7.30 -22.71 28.07
C ILE C 176 -6.28 -23.23 27.08
N VAL C 177 -5.98 -22.43 26.06
CA VAL C 177 -4.94 -22.75 25.09
C VAL C 177 -3.91 -21.63 25.10
N THR C 178 -2.65 -21.99 25.19
CA THR C 178 -1.57 -21.02 25.08
C THR C 178 -0.69 -21.32 23.87
N VAL C 179 -0.19 -20.27 23.23
CA VAL C 179 0.80 -20.36 22.17
C VAL C 179 2.02 -19.55 22.59
N GLU C 180 3.18 -20.18 22.66
CA GLU C 180 4.33 -19.56 23.29
C GLU C 180 5.59 -19.88 22.50
N ASP C 181 6.54 -18.94 22.54
CA ASP C 181 7.80 -19.04 21.81
C ASP C 181 8.91 -18.50 22.70
N PRO C 182 9.42 -19.31 23.64
CA PRO C 182 9.01 -20.68 23.93
C PRO C 182 8.01 -20.75 25.08
N ILE C 183 7.56 -21.97 25.41
CA ILE C 183 6.74 -22.14 26.60
C ILE C 183 7.54 -21.77 27.84
N GLU C 184 6.96 -20.91 28.68
CA GLU C 184 7.67 -20.55 29.90
C GLU C 184 7.05 -21.29 31.10
N TYR C 185 6.14 -20.65 31.84
CA TYR C 185 5.49 -21.35 32.94
C TYR C 185 4.57 -22.47 32.45
N LEU C 186 4.62 -23.59 33.16
CA LEU C 186 3.78 -24.74 32.89
C LEU C 186 2.56 -24.78 33.80
N HIS C 187 1.37 -24.95 33.21
CA HIS C 187 0.11 -24.99 33.94
C HIS C 187 -0.50 -26.39 33.86
N PRO C 188 -0.18 -27.29 34.80
CA PRO C 188 -0.86 -28.59 34.81
C PRO C 188 -2.35 -28.41 35.03
N HIS C 189 -3.13 -29.37 34.51
CA HIS C 189 -4.58 -29.28 34.63
C HIS C 189 -4.99 -29.19 36.09
N LYS C 190 -5.88 -28.24 36.40
CA LYS C 190 -6.54 -28.19 37.69
C LYS C 190 -8.00 -28.49 37.44
N SER C 191 -8.88 -27.48 37.36
CA SER C 191 -10.26 -27.71 36.95
C SER C 191 -10.48 -27.48 35.46
N CYS C 192 -9.56 -26.79 34.81
CA CYS C 192 -9.59 -26.55 33.37
C CYS C 192 -8.81 -27.61 32.61
N VAL C 193 -9.06 -27.69 31.31
CA VAL C 193 -8.15 -28.35 30.38
C VAL C 193 -7.21 -27.30 29.81
N VAL C 194 -5.91 -27.50 29.99
CA VAL C 194 -4.88 -26.54 29.59
C VAL C 194 -3.99 -27.19 28.54
N ASN C 195 -3.97 -26.63 27.34
CA ASN C 195 -3.10 -27.07 26.26
C ASN C 195 -2.10 -25.97 25.91
N GLN C 196 -0.82 -26.33 25.84
CA GLN C 196 0.25 -25.37 25.60
C GLN C 196 1.08 -25.77 24.37
N ARG C 197 1.12 -24.87 23.38
CA ARG C 197 1.78 -25.12 22.10
C ARG C 197 3.04 -24.27 21.98
N GLU C 198 4.17 -24.94 21.77
CA GLU C 198 5.45 -24.25 21.60
C GLU C 198 5.71 -24.02 20.12
N VAL C 199 5.95 -22.75 19.74
CA VAL C 199 6.29 -22.46 18.36
C VAL C 199 7.61 -23.12 18.01
N GLY C 200 7.66 -23.74 16.83
CA GLY C 200 8.86 -24.42 16.37
C GLY C 200 8.94 -25.89 16.73
N ALA C 201 7.98 -26.39 17.50
CA ALA C 201 7.94 -27.81 17.84
C ALA C 201 6.51 -28.32 17.77
N ASP C 202 5.63 -27.77 18.61
CA ASP C 202 4.22 -28.15 18.58
C ASP C 202 3.47 -27.55 17.40
N THR C 203 3.83 -26.34 17.00
CA THR C 203 3.17 -25.64 15.91
C THR C 203 4.20 -24.88 15.08
N LYS C 204 3.89 -24.71 13.80
CA LYS C 204 4.86 -24.11 12.88
C LYS C 204 5.15 -22.65 13.22
N SER C 205 4.12 -21.92 13.62
CA SER C 205 4.21 -20.47 13.77
C SER C 205 3.02 -19.98 14.58
N PHE C 206 3.14 -18.75 15.08
CA PHE C 206 1.99 -18.08 15.67
C PHE C 206 0.83 -18.06 14.70
N LYS C 207 1.12 -17.81 13.42
CA LYS C 207 0.09 -17.74 12.39
C LYS C 207 -0.66 -19.06 12.24
N ASN C 208 0.05 -20.20 12.25
CA ASN C 208 -0.61 -21.49 12.09
C ASN C 208 -1.46 -21.85 13.31
N ALA C 209 -0.95 -21.56 14.50
CA ALA C 209 -1.73 -21.78 15.71
C ALA C 209 -2.99 -20.94 15.68
N LEU C 210 -2.87 -19.68 15.26
CA LEU C 210 -4.07 -18.85 15.19
C LEU C 210 -4.98 -19.26 14.05
N LYS C 211 -4.44 -19.97 13.04
CA LYS C 211 -5.26 -20.45 11.94
C LYS C 211 -6.18 -21.56 12.40
N TYR C 212 -5.76 -22.33 13.39
CA TYR C 212 -6.57 -23.47 13.82
C TYR C 212 -7.16 -23.29 15.21
N ILE C 213 -6.82 -22.20 15.92
CA ILE C 213 -7.20 -22.10 17.32
C ILE C 213 -8.71 -21.98 17.50
N LEU C 214 -9.39 -21.36 16.53
CA LEU C 214 -10.84 -21.19 16.58
C LEU C 214 -11.60 -22.47 16.32
N ARG C 215 -10.95 -23.46 15.72
CA ARG C 215 -11.56 -24.75 15.47
C ARG C 215 -11.31 -25.73 16.61
N GLN C 216 -10.69 -25.27 17.69
CA GLN C 216 -10.33 -26.06 18.86
C GLN C 216 -11.16 -25.78 20.11
N ASP C 217 -12.31 -25.11 19.96
CA ASP C 217 -13.23 -24.84 21.06
C ASP C 217 -12.57 -24.23 22.31
N PRO C 218 -11.84 -23.13 22.18
CA PRO C 218 -11.24 -22.50 23.35
C PRO C 218 -12.21 -21.56 24.04
N ASP C 219 -11.92 -21.27 25.32
CA ASP C 219 -12.59 -20.20 26.05
C ASP C 219 -11.65 -19.07 26.44
N VAL C 220 -10.41 -19.40 26.76
CA VAL C 220 -9.39 -18.44 27.19
C VAL C 220 -8.14 -18.74 26.38
N VAL C 221 -7.54 -17.71 25.79
CA VAL C 221 -6.40 -17.90 24.90
C VAL C 221 -5.29 -16.94 25.29
N LEU C 222 -4.07 -17.46 25.31
CA LEU C 222 -2.84 -16.69 25.47
C LEU C 222 -2.09 -16.74 24.14
N VAL C 223 -1.83 -15.59 23.54
CA VAL C 223 -1.26 -15.59 22.20
C VAL C 223 0.18 -15.13 22.18
N GLY C 224 0.76 -14.74 23.32
CA GLY C 224 2.17 -14.32 23.30
C GLY C 224 2.33 -12.89 22.83
N GLU C 225 3.47 -12.62 22.20
CA GLU C 225 3.78 -11.28 21.75
C GLU C 225 2.95 -10.97 20.52
N LEU C 226 2.45 -9.74 20.44
CA LEU C 226 1.79 -9.20 19.25
C LEU C 226 2.83 -8.90 18.18
N ARG C 227 3.28 -9.95 17.50
CA ARG C 227 4.48 -9.85 16.69
C ARG C 227 4.23 -9.08 15.39
N ASP C 228 3.04 -9.15 14.82
CA ASP C 228 2.80 -8.51 13.54
C ASP C 228 1.33 -8.14 13.43
N LEU C 229 0.98 -7.51 12.30
CA LEU C 229 -0.40 -7.12 12.06
C LEU C 229 -1.34 -8.32 12.06
N GLU C 230 -0.89 -9.44 11.47
CA GLU C 230 -1.75 -10.63 11.37
C GLU C 230 -2.13 -11.14 12.74
N THR C 231 -1.15 -11.24 13.64
CA THR C 231 -1.44 -11.67 15.00
C THR C 231 -2.37 -10.69 15.71
N ILE C 232 -2.25 -9.40 15.42
CA ILE C 232 -3.14 -8.41 16.01
C ILE C 232 -4.58 -8.64 15.54
N GLU C 233 -4.76 -8.85 14.24
CA GLU C 233 -6.10 -9.11 13.71
C GLU C 233 -6.69 -10.39 14.30
N ALA C 234 -5.85 -11.41 14.47
CA ALA C 234 -6.33 -12.67 15.06
C ALA C 234 -6.77 -12.45 16.50
N ALA C 235 -6.00 -11.67 17.27
CA ALA C 235 -6.36 -11.41 18.66
C ALA C 235 -7.66 -10.61 18.75
N LEU C 236 -7.83 -9.63 17.86
CA LEU C 236 -9.09 -8.88 17.86
C LEU C 236 -10.27 -9.76 17.48
N THR C 237 -10.08 -10.68 16.53
CA THR C 237 -11.15 -11.59 16.17
C THR C 237 -11.50 -12.49 17.36
N LEU C 238 -10.48 -13.04 18.03
CA LEU C 238 -10.72 -13.85 19.22
C LEU C 238 -11.46 -13.07 20.28
N ALA C 239 -11.08 -11.81 20.50
CA ALA C 239 -11.69 -11.02 21.57
C ALA C 239 -13.13 -10.67 21.24
N GLU C 240 -13.45 -10.52 19.95
CA GLU C 240 -14.79 -10.14 19.58
C GLU C 240 -15.71 -11.34 19.36
N THR C 241 -15.16 -12.56 19.27
CA THR C 241 -15.97 -13.76 19.10
C THR C 241 -16.35 -14.44 20.41
N GLY C 242 -16.28 -13.73 21.54
CA GLY C 242 -16.73 -14.28 22.80
C GLY C 242 -15.65 -14.90 23.68
N HIS C 243 -14.38 -14.68 23.39
CA HIS C 243 -13.28 -15.28 24.15
C HIS C 243 -12.52 -14.23 24.94
N LEU C 244 -11.86 -14.69 26.01
CA LEU C 244 -10.90 -13.90 26.77
C LEU C 244 -9.50 -14.12 26.23
N CYS C 245 -8.90 -13.08 25.66
CA CYS C 245 -7.61 -13.15 24.98
C CYS C 245 -6.53 -12.37 25.73
N PHE C 246 -5.42 -13.03 26.00
CA PHE C 246 -4.25 -12.42 26.64
C PHE C 246 -3.11 -12.27 25.63
N ALA C 247 -2.45 -11.12 25.67
CA ALA C 247 -1.35 -10.82 24.77
C ALA C 247 -0.39 -9.85 25.46
N THR C 248 0.82 -9.73 24.89
CA THR C 248 1.82 -8.83 25.45
C THR C 248 2.25 -7.80 24.43
N LEU C 249 2.76 -6.68 24.95
CA LEU C 249 3.40 -5.64 24.17
C LEU C 249 4.57 -5.09 24.98
N HIS C 250 5.51 -4.45 24.27
CA HIS C 250 6.66 -3.84 24.93
C HIS C 250 6.45 -2.34 25.19
N THR C 251 5.20 -1.88 25.26
CA THR C 251 4.91 -0.50 25.62
C THR C 251 4.96 -0.29 27.13
N ASN C 252 5.04 0.98 27.54
CA ASN C 252 5.31 1.32 28.93
C ASN C 252 4.14 1.96 29.65
N SER C 253 3.00 2.16 28.97
CA SER C 253 1.84 2.75 29.63
C SER C 253 0.61 2.33 28.84
N ALA C 254 -0.56 2.53 29.46
CA ALA C 254 -1.82 2.20 28.79
C ALA C 254 -2.05 3.07 27.57
N VAL C 255 -1.80 4.37 27.69
CA VAL C 255 -1.99 5.30 26.58
C VAL C 255 -1.03 4.95 25.45
N GLN C 256 0.24 4.76 25.80
CA GLN C 256 1.25 4.39 24.81
C GLN C 256 0.90 3.06 24.16
N THR C 257 0.36 2.12 24.93
CA THR C 257 -0.04 0.82 24.39
C THR C 257 -1.14 0.98 23.34
N ILE C 258 -2.17 1.76 23.68
CA ILE C 258 -3.29 1.96 22.77
C ILE C 258 -2.83 2.66 21.50
N ASN C 259 -2.00 3.69 21.64
CA ASN C 259 -1.52 4.41 20.47
C ASN C 259 -0.67 3.49 19.60
N ARG C 260 0.16 2.65 20.23
CA ARG C 260 1.01 1.73 19.49
C ARG C 260 0.18 0.72 18.72
N ILE C 261 -0.90 0.24 19.34
CA ILE C 261 -1.76 -0.74 18.69
C ILE C 261 -2.47 -0.13 17.50
N VAL C 262 -2.97 1.09 17.64
CA VAL C 262 -3.71 1.71 16.55
C VAL C 262 -2.77 2.10 15.40
N ASP C 263 -1.63 2.71 15.72
CA ASP C 263 -0.76 3.29 14.70
C ASP C 263 -0.02 2.27 13.84
N VAL C 264 -0.05 0.97 14.17
CA VAL C 264 0.59 -0.03 13.32
C VAL C 264 -0.17 -0.18 12.01
N PHE C 265 -1.53 0.09 12.00
CA PHE C 265 -2.38 -0.19 10.85
C PHE C 265 -2.41 0.99 9.89
N PRO C 266 -2.67 0.71 8.61
CA PRO C 266 -2.84 1.78 7.64
C PRO C 266 -3.98 2.72 8.04
N SER C 267 -3.88 3.97 7.59
CA SER C 267 -4.79 5.02 8.04
C SER C 267 -6.24 4.63 7.82
N TYR C 268 -6.54 3.96 6.71
CA TYR C 268 -7.91 3.65 6.35
C TYR C 268 -8.53 2.60 7.26
N GLN C 269 -7.71 1.77 7.92
CA GLN C 269 -8.18 0.72 8.82
C GLN C 269 -8.19 1.13 10.28
N GLN C 270 -7.53 2.24 10.62
CA GLN C 270 -7.54 2.69 12.02
C GLN C 270 -8.93 2.95 12.59
N PRO C 271 -9.92 3.47 11.85
CA PRO C 271 -11.28 3.55 12.41
C PRO C 271 -11.84 2.22 12.89
N GLN C 272 -11.65 1.15 12.10
CA GLN C 272 -12.15 -0.16 12.50
C GLN C 272 -11.40 -0.68 13.71
N VAL C 273 -10.08 -0.48 13.74
CA VAL C 273 -9.29 -0.93 14.87
C VAL C 273 -9.71 -0.22 16.15
N ARG C 274 -9.95 1.09 16.07
CA ARG C 274 -10.41 1.85 17.23
C ARG C 274 -11.79 1.39 17.69
N ALA C 275 -12.70 1.10 16.76
CA ALA C 275 -14.01 0.58 17.13
C ALA C 275 -13.89 -0.78 17.82
N GLN C 276 -13.04 -1.66 17.28
CA GLN C 276 -12.84 -2.97 17.87
C GLN C 276 -12.30 -2.83 19.29
N LEU C 277 -11.23 -2.04 19.47
CA LEU C 277 -10.67 -1.85 20.80
C LEU C 277 -11.70 -1.27 21.77
N SER C 278 -12.49 -0.28 21.31
CA SER C 278 -13.49 0.32 22.18
C SER C 278 -14.54 -0.71 22.61
N PHE C 279 -14.81 -1.69 21.75
CA PHE C 279 -15.81 -2.70 22.08
C PHE C 279 -15.26 -3.81 22.98
N VAL C 280 -14.05 -4.31 22.67
CA VAL C 280 -13.56 -5.55 23.28
C VAL C 280 -12.59 -5.37 24.46
N LEU C 281 -11.97 -4.20 24.60
CA LEU C 281 -10.96 -3.99 25.64
C LEU C 281 -11.56 -4.07 27.04
N GLU C 282 -10.93 -4.89 27.91
CA GLU C 282 -11.35 -5.05 29.29
C GLU C 282 -10.28 -4.68 30.31
N GLY C 283 -9.02 -4.60 29.91
CA GLY C 283 -7.94 -4.22 30.81
C GLY C 283 -6.61 -4.01 30.11
N VAL C 284 -5.86 -3.02 30.58
CA VAL C 284 -4.50 -2.78 30.14
C VAL C 284 -3.62 -2.70 31.38
N LEU C 285 -2.61 -3.57 31.42
CA LEU C 285 -1.66 -3.70 32.52
C LEU C 285 -0.26 -3.36 32.01
N SER C 286 0.39 -2.37 32.64
CA SER C 286 1.73 -1.96 32.20
C SER C 286 2.69 -2.06 33.38
N GLN C 287 3.62 -3.01 33.31
CA GLN C 287 4.47 -3.34 34.46
C GLN C 287 5.92 -2.92 34.25
N THR C 288 6.61 -2.79 35.38
CA THR C 288 8.05 -2.63 35.45
C THR C 288 8.50 -3.10 36.83
N LEU C 289 9.71 -3.62 36.90
CA LEU C 289 10.24 -4.17 38.16
C LEU C 289 11.30 -3.22 38.70
N LEU C 290 11.12 -2.80 39.96
CA LEU C 290 12.01 -1.85 40.61
C LEU C 290 12.75 -2.54 41.75
N PRO C 291 13.98 -2.14 42.06
CA PRO C 291 14.64 -2.72 43.23
C PRO C 291 13.92 -2.32 44.51
N LYS C 292 13.73 -3.30 45.37
CA LYS C 292 13.15 -3.07 46.69
C LYS C 292 14.11 -2.26 47.54
N ALA C 293 13.54 -1.43 48.41
CA ALA C 293 14.40 -0.68 49.31
C ALA C 293 15.23 -1.62 50.18
N SER C 294 14.77 -2.87 50.38
CA SER C 294 15.56 -3.80 51.16
C SER C 294 16.85 -4.23 50.44
N GLY C 295 16.97 -4.05 49.12
CA GLY C 295 18.18 -4.54 48.51
C GLY C 295 18.17 -5.99 48.09
N THR C 296 17.09 -6.72 48.31
CA THR C 296 17.12 -8.13 47.91
C THR C 296 15.93 -8.55 47.08
N GLY C 297 14.81 -7.90 47.26
CA GLY C 297 13.62 -8.17 46.50
C GLY C 297 13.45 -7.13 45.42
N ARG C 298 12.46 -7.37 44.59
CA ARG C 298 12.11 -6.43 43.55
C ARG C 298 10.63 -6.25 43.75
N VAL C 299 10.11 -5.12 43.36
CA VAL C 299 8.70 -4.85 43.58
C VAL C 299 8.09 -4.46 42.26
N LEU C 300 6.87 -4.90 42.04
CA LEU C 300 6.20 -4.64 40.79
C LEU C 300 5.56 -3.27 40.88
N ALA C 301 5.86 -2.42 39.90
CA ALA C 301 5.12 -1.19 39.68
C ALA C 301 4.27 -1.40 38.44
N ILE C 302 3.00 -1.07 38.53
CA ILE C 302 2.04 -1.47 37.51
C ILE C 302 1.04 -0.35 37.34
N GLU C 303 0.79 0.01 36.09
CA GLU C 303 -0.25 0.94 35.71
C GLU C 303 -1.45 0.11 35.27
N VAL C 304 -2.62 0.45 35.79
CA VAL C 304 -3.84 -0.31 35.58
C VAL C 304 -4.85 0.60 34.91
N MET C 305 -5.31 0.22 33.73
CA MET C 305 -6.40 0.89 33.03
C MET C 305 -7.53 -0.10 32.85
N VAL C 306 -8.69 0.19 33.43
CA VAL C 306 -9.88 -0.62 33.25
C VAL C 306 -10.92 0.25 32.53
N PRO C 307 -11.34 -0.13 31.32
CA PRO C 307 -12.22 0.74 30.53
C PRO C 307 -13.60 0.90 31.14
N ASN C 308 -14.03 2.14 31.25
CA ASN C 308 -15.42 2.52 31.50
C ASN C 308 -16.05 3.08 30.23
N PRO C 309 -17.38 3.30 30.21
CA PRO C 309 -18.01 3.89 29.02
C PRO C 309 -17.32 5.16 28.50
N ALA C 310 -16.84 6.01 29.40
CA ALA C 310 -16.17 7.25 29.00
C ALA C 310 -14.87 6.96 28.26
N ILE C 311 -14.10 5.99 28.75
CA ILE C 311 -12.84 5.65 28.12
C ILE C 311 -13.11 5.03 26.75
N ARG C 312 -14.13 4.19 26.67
CA ARG C 312 -14.50 3.57 25.39
C ARG C 312 -14.90 4.65 24.39
N ASN C 313 -15.60 5.70 24.85
CA ASN C 313 -15.95 6.81 23.96
C ASN C 313 -14.68 7.54 23.51
N LEU C 314 -13.74 7.76 24.43
CA LEU C 314 -12.50 8.44 24.04
C LEU C 314 -11.74 7.62 23.01
N ILE C 315 -11.79 6.29 23.13
CA ILE C 315 -11.16 5.41 22.16
C ILE C 315 -11.85 5.55 20.80
N ARG C 316 -13.19 5.57 20.79
CA ARG C 316 -13.90 5.69 19.53
C ARG C 316 -13.65 7.05 18.89
N GLU C 317 -13.59 8.11 19.69
CA GLU C 317 -13.40 9.46 19.17
C GLU C 317 -11.95 9.83 18.93
N ASP C 318 -11.00 8.90 19.07
CA ASP C 318 -9.58 9.20 18.83
C ASP C 318 -9.08 10.32 19.75
N LYS C 319 -9.42 10.21 21.03
CA LYS C 319 -8.88 11.14 22.02
C LYS C 319 -8.14 10.34 23.07
N ILE C 320 -7.11 9.63 22.61
CA ILE C 320 -6.44 8.62 23.43
C ILE C 320 -5.77 9.25 24.64
N HIS C 321 -5.04 10.35 24.42
CA HIS C 321 -4.25 10.94 25.50
C HIS C 321 -5.09 11.23 26.74
N GLN C 322 -6.29 11.78 26.53
CA GLN C 322 -7.12 12.23 27.64
C GLN C 322 -7.57 11.06 28.52
N ILE C 323 -7.21 9.84 28.11
CA ILE C 323 -7.57 8.67 28.90
C ILE C 323 -6.79 8.67 30.18
N TYR C 324 -5.55 9.20 30.15
CA TYR C 324 -4.74 9.24 31.36
C TYR C 324 -5.49 10.01 32.44
N SER C 325 -6.21 11.08 32.05
CA SER C 325 -6.95 11.85 33.06
C SER C 325 -8.06 11.01 33.68
N GLN C 326 -8.68 10.12 32.91
CA GLN C 326 -9.69 9.24 33.49
C GLN C 326 -9.06 8.29 34.49
N MET C 327 -7.83 7.84 34.21
CA MET C 327 -7.18 6.94 35.14
C MET C 327 -6.85 7.69 36.42
N GLN C 328 -6.64 9.00 36.30
CA GLN C 328 -6.28 9.77 37.48
C GLN C 328 -7.44 9.81 38.48
N VAL C 329 -8.68 9.64 38.02
CA VAL C 329 -9.83 9.78 38.90
C VAL C 329 -10.61 8.49 39.06
N GLY C 330 -10.11 7.38 38.56
CA GLY C 330 -10.85 6.13 38.65
C GLY C 330 -10.37 5.21 39.75
N GLN C 331 -9.69 5.77 40.75
CA GLN C 331 -9.10 4.93 41.80
C GLN C 331 -10.18 4.35 42.72
N GLU C 332 -11.07 5.19 43.24
CA GLU C 332 -12.07 4.73 44.20
C GLU C 332 -13.11 3.83 43.54
N LYS C 333 -13.55 4.18 42.34
CA LYS C 333 -14.66 3.51 41.69
C LYS C 333 -14.26 2.18 41.05
N PHE C 334 -13.18 2.18 40.25
CA PHE C 334 -12.86 1.02 39.43
C PHE C 334 -11.56 0.34 39.81
N GLY C 335 -10.83 0.85 40.81
CA GLY C 335 -9.56 0.23 41.13
C GLY C 335 -8.49 0.60 40.13
N MET C 336 -8.69 1.70 39.39
CA MET C 336 -7.75 2.19 38.41
C MET C 336 -6.58 2.87 39.14
N MET C 337 -5.44 2.96 38.44
CA MET C 337 -4.24 3.51 39.08
C MET C 337 -3.22 3.88 38.02
N THR C 338 -2.84 5.15 37.97
CA THR C 338 -1.75 5.54 37.10
C THR C 338 -0.43 5.03 37.67
N MET C 339 0.59 5.01 36.81
CA MET C 339 1.91 4.60 37.27
C MET C 339 2.40 5.50 38.39
N ASN C 340 2.19 6.82 38.26
CA ASN C 340 2.64 7.75 39.29
C ASN C 340 1.94 7.48 40.62
N GLN C 341 0.65 7.15 40.60
CA GLN C 341 -0.04 6.84 41.85
C GLN C 341 0.48 5.55 42.48
N CYS C 342 0.86 4.57 41.66
CA CYS C 342 1.49 3.36 42.18
C CYS C 342 2.83 3.67 42.81
N LEU C 343 3.67 4.46 42.12
CA LEU C 343 4.95 4.84 42.70
C LEU C 343 4.75 5.60 44.01
N TYR C 344 3.73 6.47 44.06
CA TYR C 344 3.43 7.19 45.29
C TYR C 344 3.10 6.24 46.43
N GLY C 345 2.28 5.23 46.15
CA GLY C 345 1.94 4.26 47.18
C GLY C 345 3.13 3.43 47.62
N LEU C 346 3.96 3.00 46.67
CA LEU C 346 5.17 2.24 47.02
C LEU C 346 6.13 3.08 47.86
N LEU C 347 6.24 4.38 47.56
CA LEU C 347 7.09 5.26 48.34
C LEU C 347 6.55 5.49 49.74
N GLN C 348 5.23 5.67 49.87
CA GLN C 348 4.63 5.87 51.18
C GLN C 348 4.84 4.65 52.09
N LYS C 349 4.76 3.45 51.52
CA LYS C 349 4.97 2.20 52.24
C LYS C 349 6.44 1.84 52.40
N ARG C 350 7.36 2.69 51.91
CA ARG C 350 8.81 2.47 52.00
C ARG C 350 9.26 1.18 51.30
N HIS C 351 8.52 0.79 50.25
CA HIS C 351 8.90 -0.36 49.44
C HIS C 351 10.04 -0.06 48.47
N ILE C 352 10.14 1.20 48.02
CA ILE C 352 11.14 1.66 47.06
C ILE C 352 11.77 2.93 47.60
N THR C 353 12.93 3.26 47.06
CA THR C 353 13.54 4.50 47.50
C THR C 353 12.99 5.69 46.73
N MET C 354 13.24 6.88 47.29
CA MET C 354 12.79 8.11 46.64
C MET C 354 13.48 8.29 45.29
N ASP C 355 14.76 7.97 45.21
CA ASP C 355 15.50 8.12 43.97
C ASP C 355 14.97 7.18 42.89
N VAL C 356 14.60 5.96 43.26
CA VAL C 356 14.08 5.03 42.27
C VAL C 356 12.72 5.47 41.76
N GLY C 357 11.83 5.88 42.67
CA GLY C 357 10.52 6.35 42.25
C GLY C 357 10.57 7.59 41.39
N MET C 358 11.35 8.60 41.81
CA MET C 358 11.47 9.78 40.98
C MET C 358 12.18 9.49 39.67
N GLY C 359 13.20 8.64 39.69
CA GLY C 359 13.99 8.28 38.52
C GLY C 359 13.24 7.49 37.48
N ARG C 360 12.19 6.77 37.87
CA ARG C 360 11.46 6.00 36.87
C ARG C 360 10.09 6.59 36.57
N SER C 361 9.65 7.59 37.34
CA SER C 361 8.37 8.22 37.14
C SER C 361 8.30 8.87 35.75
N PRO C 362 7.25 8.60 34.96
CA PRO C 362 7.10 9.29 33.68
C PRO C 362 6.76 10.77 33.81
N ASP C 363 6.40 11.26 35.00
CA ASP C 363 6.11 12.68 35.20
C ASP C 363 6.50 13.07 36.61
N PRO C 364 7.78 13.39 36.83
CA PRO C 364 8.25 13.68 38.19
C PRO C 364 7.53 14.85 38.84
N ASP C 365 7.05 15.82 38.06
CA ASP C 365 6.33 16.96 38.64
C ASP C 365 5.02 16.52 39.29
N GLU C 366 4.30 15.59 38.65
CA GLU C 366 3.06 15.08 39.23
C GLU C 366 3.34 14.31 40.52
N LEU C 367 4.34 13.43 40.50
CA LEU C 367 4.69 12.67 41.70
C LEU C 367 5.14 13.58 42.84
N LYS C 368 5.95 14.60 42.55
CA LYS C 368 6.33 15.57 43.56
C LYS C 368 5.14 16.30 44.15
N GLN C 369 4.19 16.74 43.31
CA GLN C 369 2.98 17.39 43.83
C GLN C 369 2.21 16.43 44.74
N MET C 370 2.04 15.17 44.33
CA MET C 370 1.31 14.22 45.19
C MET C 370 2.03 13.93 46.50
N LEU C 371 3.36 13.91 46.48
CA LEU C 371 4.13 13.56 47.68
C LEU C 371 4.22 14.71 48.65
N THR C 372 4.18 15.93 48.14
CA THR C 372 4.50 17.13 48.91
C THR C 372 3.40 18.17 48.77
N PRO D 16 59.64 0.11 -17.01
CA PRO D 16 60.00 -1.28 -17.30
C PRO D 16 59.14 -2.29 -16.54
N ARG D 17 58.84 -3.42 -17.20
CA ARG D 17 58.05 -4.46 -16.58
C ARG D 17 58.82 -5.12 -15.44
N GLY D 18 58.13 -5.94 -14.66
CA GLY D 18 58.75 -6.61 -13.53
C GLY D 18 58.07 -7.92 -13.23
N SER D 19 58.84 -8.85 -12.64
CA SER D 19 58.30 -10.16 -12.29
C SER D 19 58.50 -10.47 -10.80
N HIS D 20 58.71 -9.46 -9.97
CA HIS D 20 58.64 -9.58 -8.52
C HIS D 20 57.73 -8.48 -8.01
N MET D 21 56.57 -8.85 -7.49
CA MET D 21 55.64 -7.89 -6.91
C MET D 21 55.41 -8.24 -5.45
N ALA D 22 55.58 -7.25 -4.57
CA ALA D 22 55.17 -7.32 -3.18
C ALA D 22 53.84 -8.06 -3.03
N ASN D 23 53.73 -8.88 -1.98
CA ASN D 23 52.47 -9.54 -1.70
C ASN D 23 51.57 -8.69 -0.81
N MET D 24 50.36 -9.21 -0.56
CA MET D 24 49.41 -8.49 0.28
C MET D 24 49.98 -8.32 1.67
N HIS D 25 50.67 -9.36 2.14
CA HIS D 25 51.26 -9.31 3.47
C HIS D 25 52.27 -8.19 3.57
N GLN D 26 53.08 -8.03 2.52
CA GLN D 26 54.10 -6.98 2.52
C GLN D 26 53.47 -5.60 2.33
N LEU D 27 52.41 -5.50 1.51
CA LEU D 27 51.74 -4.22 1.35
C LEU D 27 51.09 -3.75 2.66
N LEU D 28 50.42 -4.66 3.36
CA LEU D 28 49.80 -4.31 4.64
C LEU D 28 50.85 -4.04 5.71
N THR D 29 51.98 -4.74 5.65
CA THR D 29 53.08 -4.47 6.56
C THR D 29 53.62 -3.07 6.32
N GLU D 30 53.75 -2.66 5.06
CA GLU D 30 54.19 -1.31 4.75
C GLU D 30 53.17 -0.28 5.22
N LEU D 31 51.88 -0.59 5.06
CA LEU D 31 50.82 0.28 5.56
C LEU D 31 50.95 0.50 7.06
N VAL D 32 51.19 -0.59 7.82
CA VAL D 32 51.34 -0.47 9.26
C VAL D 32 52.61 0.30 9.61
N ASN D 33 53.74 -0.07 9.00
CA ASN D 33 55.04 0.48 9.36
C ASN D 33 55.09 1.99 9.14
N ARG D 34 54.38 2.50 8.13
CA ARG D 34 54.43 3.92 7.81
C ARG D 34 53.36 4.72 8.53
N GLY D 35 52.64 4.10 9.46
CA GLY D 35 51.62 4.82 10.20
C GLY D 35 50.46 5.28 9.35
N GLY D 36 50.17 4.58 8.25
CA GLY D 36 49.05 4.93 7.42
C GLY D 36 47.73 4.46 8.01
N SER D 37 46.69 5.24 7.72
CA SER D 37 45.35 4.89 8.18
C SER D 37 44.62 3.98 7.20
N ASP D 38 44.85 4.17 5.89
CA ASP D 38 44.12 3.44 4.87
C ASP D 38 45.04 3.11 3.71
N LEU D 39 44.89 1.90 3.17
CA LEU D 39 45.57 1.49 1.95
C LEU D 39 44.57 1.39 0.82
N HIS D 40 44.88 2.01 -0.32
CA HIS D 40 44.02 2.05 -1.49
C HIS D 40 44.71 1.30 -2.61
N LEU D 41 43.96 0.37 -3.23
CA LEU D 41 44.43 -0.42 -4.38
C LEU D 41 43.43 -0.30 -5.52
N THR D 42 43.87 0.26 -6.64
CA THR D 42 43.00 0.39 -7.81
C THR D 42 43.85 0.42 -9.07
N THR D 43 43.21 0.16 -10.21
CA THR D 43 43.94 0.03 -11.46
C THR D 43 44.49 1.37 -11.93
N ASN D 44 45.60 1.28 -12.65
CA ASN D 44 46.32 2.39 -13.29
C ASN D 44 46.97 3.31 -12.28
N SER D 45 46.99 2.92 -11.01
CA SER D 45 47.73 3.61 -9.97
C SER D 45 48.53 2.61 -9.15
N PRO D 46 49.70 3.01 -8.65
CA PRO D 46 50.40 2.20 -7.65
C PRO D 46 49.59 2.16 -6.37
N PRO D 47 49.90 1.23 -5.46
CA PRO D 47 49.27 1.27 -4.14
C PRO D 47 49.51 2.62 -3.47
N GLN D 48 48.46 3.15 -2.82
CA GLN D 48 48.54 4.45 -2.18
C GLN D 48 48.11 4.34 -0.72
N ILE D 49 48.77 5.10 0.14
CA ILE D 49 48.52 5.08 1.58
C ILE D 49 48.12 6.47 2.08
N ARG D 50 47.13 6.51 2.97
CA ARG D 50 46.68 7.75 3.58
C ARG D 50 47.47 7.97 4.87
N ILE D 51 48.24 9.05 4.91
CA ILE D 51 49.02 9.41 6.08
C ILE D 51 48.53 10.78 6.53
N ASP D 52 48.02 10.85 7.76
CA ASP D 52 47.51 12.10 8.33
C ASP D 52 46.48 12.74 7.39
N GLY D 53 45.71 11.90 6.73
CA GLY D 53 44.64 12.38 5.88
C GLY D 53 45.01 12.55 4.42
N LYS D 54 46.29 12.50 4.06
CA LYS D 54 46.72 12.78 2.69
C LYS D 54 47.31 11.55 2.04
N LEU D 55 46.98 11.34 0.76
CA LEU D 55 47.43 10.18 0.00
C LEU D 55 48.87 10.32 -0.50
N LEU D 56 49.59 9.19 -0.45
CA LEU D 56 50.95 9.03 -0.95
C LEU D 56 51.08 7.75 -1.76
N PRO D 57 51.56 7.82 -3.01
CA PRO D 57 51.78 6.58 -3.78
C PRO D 57 53.06 5.90 -3.31
N LEU D 58 53.02 4.57 -3.27
CA LEU D 58 54.23 3.81 -2.97
C LEU D 58 55.10 3.71 -4.22
N ASP D 59 56.41 3.55 -4.01
CA ASP D 59 57.36 3.50 -5.12
C ASP D 59 57.31 2.10 -5.75
N MET D 60 56.22 1.86 -6.48
CA MET D 60 55.95 0.59 -7.11
C MET D 60 55.29 0.86 -8.46
N PRO D 61 55.32 -0.11 -9.38
CA PRO D 61 54.64 0.07 -10.65
C PRO D 61 53.14 0.17 -10.45
N PRO D 62 52.43 0.82 -11.37
CA PRO D 62 50.96 0.87 -11.29
C PRO D 62 50.36 -0.51 -11.45
N LEU D 63 49.22 -0.72 -10.80
CA LEU D 63 48.54 -2.00 -10.85
C LEU D 63 47.68 -2.11 -12.11
N ASN D 64 47.47 -3.34 -12.56
CA ASN D 64 46.48 -3.62 -13.60
C ASN D 64 45.32 -4.39 -12.98
N ALA D 65 44.34 -4.76 -13.81
CA ALA D 65 43.16 -5.43 -13.27
C ALA D 65 43.51 -6.81 -12.71
N VAL D 66 44.46 -7.51 -13.34
CA VAL D 66 44.91 -8.79 -12.81
C VAL D 66 45.55 -8.62 -11.45
N ASP D 67 46.33 -7.55 -11.29
CA ASP D 67 47.01 -7.34 -10.02
C ASP D 67 46.01 -7.05 -8.92
N THR D 68 45.12 -6.08 -9.16
CA THR D 68 44.16 -5.68 -8.13
C THR D 68 43.23 -6.83 -7.75
N LYS D 69 42.77 -7.59 -8.74
CA LYS D 69 41.89 -8.72 -8.43
C LYS D 69 42.60 -9.81 -7.64
N GLN D 70 43.84 -10.17 -8.03
CA GLN D 70 44.52 -11.23 -7.29
C GLN D 70 44.83 -10.78 -5.87
N LEU D 71 45.27 -9.53 -5.71
CA LEU D 71 45.64 -9.01 -4.41
C LEU D 71 44.43 -8.94 -3.50
N CYS D 72 43.31 -8.39 -3.97
CA CYS D 72 42.14 -8.29 -3.09
C CYS D 72 41.57 -9.67 -2.78
N TYR D 73 41.56 -10.58 -3.76
CA TYR D 73 41.04 -11.93 -3.53
C TYR D 73 41.92 -12.73 -2.57
N SER D 74 43.20 -12.36 -2.43
CA SER D 74 44.11 -13.13 -1.59
C SER D 74 43.73 -13.12 -0.11
N ILE D 75 42.87 -12.21 0.34
CA ILE D 75 42.51 -12.13 1.75
C ILE D 75 41.03 -12.46 1.98
N LEU D 76 40.37 -13.08 1.00
CA LEU D 76 38.96 -13.44 1.11
C LEU D 76 38.77 -14.96 1.21
N THR D 77 37.74 -15.36 1.93
CA THR D 77 37.29 -16.75 1.91
C THR D 77 36.49 -17.00 0.62
N GLU D 78 36.25 -18.28 0.34
CA GLU D 78 35.48 -18.64 -0.85
C GLU D 78 34.05 -18.10 -0.77
N GLN D 79 33.44 -18.18 0.41
CA GLN D 79 32.12 -17.59 0.61
C GLN D 79 32.15 -16.09 0.32
N GLN D 80 33.17 -15.40 0.84
CA GLN D 80 33.29 -13.97 0.60
C GLN D 80 33.59 -13.67 -0.86
N LYS D 81 34.36 -14.53 -1.53
CA LYS D 81 34.61 -14.33 -2.95
C LYS D 81 33.32 -14.43 -3.76
N HIS D 82 32.50 -15.45 -3.48
CA HIS D 82 31.27 -15.57 -4.25
C HIS D 82 30.27 -14.47 -3.89
N LYS D 83 30.29 -13.99 -2.64
CA LYS D 83 29.46 -12.83 -2.31
C LYS D 83 29.90 -11.59 -3.08
N PHE D 84 31.20 -11.36 -3.19
CA PHE D 84 31.68 -10.24 -3.97
C PHE D 84 31.29 -10.39 -5.43
N GLU D 85 31.40 -11.61 -5.97
CA GLU D 85 31.06 -11.84 -7.37
C GLU D 85 29.55 -11.75 -7.61
N GLU D 86 28.76 -11.96 -6.56
CA GLU D 86 27.31 -11.83 -6.66
C GLU D 86 26.88 -10.37 -6.59
N ASN D 87 27.62 -9.53 -5.86
CA ASN D 87 27.15 -8.18 -5.59
C ASN D 87 28.07 -7.07 -6.11
N ASN D 88 29.31 -7.39 -6.49
CA ASN D 88 30.33 -6.40 -6.83
C ASN D 88 30.62 -5.46 -5.66
N GLU D 89 30.23 -5.87 -4.46
CA GLU D 89 30.48 -5.18 -3.22
C GLU D 89 30.78 -6.16 -2.10
N LEU D 90 31.64 -5.77 -1.15
CA LEU D 90 31.90 -6.64 -0.01
C LEU D 90 32.55 -5.84 1.11
N ASP D 91 31.94 -5.91 2.30
CA ASP D 91 32.54 -5.47 3.56
C ASP D 91 33.00 -6.67 4.36
N LEU D 92 34.16 -6.53 5.01
CA LEU D 92 34.69 -7.65 5.80
C LEU D 92 35.75 -7.11 6.75
N SER D 93 36.14 -7.94 7.72
CA SER D 93 37.28 -7.64 8.55
C SER D 93 38.16 -8.88 8.64
N PHE D 94 39.44 -8.65 8.88
CA PHE D 94 40.38 -9.76 8.95
C PHE D 94 41.61 -9.34 9.75
N GLY D 95 42.37 -10.33 10.20
CA GLY D 95 43.58 -10.10 10.96
C GLY D 95 44.83 -10.69 10.35
N ILE D 96 45.96 -10.02 10.60
CA ILE D 96 47.27 -10.57 10.28
C ILE D 96 47.94 -10.73 11.63
N LYS D 97 48.19 -11.99 12.00
CA LYS D 97 48.69 -12.34 13.33
C LYS D 97 50.02 -11.66 13.60
N GLY D 98 50.13 -11.05 14.77
CA GLY D 98 51.36 -10.37 15.11
C GLY D 98 51.52 -9.03 14.44
N LEU D 99 50.54 -8.61 13.64
CA LEU D 99 50.63 -7.35 12.91
C LEU D 99 49.48 -6.43 13.27
N SER D 100 48.27 -6.71 12.77
CA SER D 100 47.19 -5.74 12.97
C SER D 100 45.87 -6.37 12.52
N ARG D 101 44.76 -5.74 12.92
CA ARG D 101 43.48 -6.03 12.30
C ARG D 101 43.19 -5.02 11.19
N PHE D 102 42.27 -5.39 10.31
CA PHE D 102 41.93 -4.57 9.17
C PHE D 102 40.44 -4.67 8.83
N ARG D 103 39.92 -3.53 8.37
CA ARG D 103 38.62 -3.44 7.74
C ARG D 103 38.79 -3.37 6.24
N GLY D 104 38.15 -4.25 5.51
CA GLY D 104 38.31 -4.30 4.06
C GLY D 104 36.98 -3.96 3.42
N ASN D 105 37.05 -3.26 2.30
CA ASN D 105 35.95 -3.09 1.37
C ASN D 105 36.47 -3.41 -0.02
N VAL D 106 35.77 -4.27 -0.74
CA VAL D 106 36.14 -4.60 -2.11
C VAL D 106 34.98 -4.18 -2.99
N PHE D 107 35.32 -3.56 -4.13
CA PHE D 107 34.30 -3.10 -5.07
C PHE D 107 34.85 -3.18 -6.49
N VAL D 108 34.06 -2.69 -7.44
CA VAL D 108 34.40 -2.69 -8.87
C VAL D 108 34.30 -1.28 -9.41
N GLN D 109 35.30 -0.88 -10.20
CA GLN D 109 35.33 0.41 -10.88
C GLN D 109 35.99 0.26 -12.24
N ARG D 110 35.39 0.91 -13.25
CA ARG D 110 35.87 0.85 -14.63
C ARG D 110 36.11 -0.58 -15.09
N GLY D 111 35.27 -1.49 -14.60
CA GLY D 111 35.37 -2.89 -14.99
C GLY D 111 36.46 -3.68 -14.31
N ALA D 112 37.08 -3.15 -13.26
CA ALA D 112 38.19 -3.80 -12.60
C ALA D 112 38.01 -3.76 -11.08
N VAL D 113 38.67 -4.68 -10.40
CA VAL D 113 38.59 -4.75 -8.95
C VAL D 113 39.34 -3.60 -8.30
N ALA D 114 38.77 -3.08 -7.20
CA ALA D 114 39.42 -2.09 -6.37
C ALA D 114 39.17 -2.47 -4.92
N GLY D 115 40.04 -1.98 -4.03
CA GLY D 115 39.96 -2.34 -2.63
C GLY D 115 40.48 -1.24 -1.74
N VAL D 116 39.88 -1.13 -0.56
CA VAL D 116 40.32 -0.20 0.48
C VAL D 116 40.43 -0.95 1.81
N PHE D 117 41.48 -0.66 2.57
CA PHE D 117 41.76 -1.40 3.80
C PHE D 117 42.13 -0.40 4.90
N ARG D 118 41.43 -0.48 6.01
CA ARG D 118 41.59 0.43 7.15
C ARG D 118 42.26 -0.31 8.30
N VAL D 119 43.18 0.39 8.98
CA VAL D 119 43.94 -0.21 10.07
C VAL D 119 43.10 -0.22 11.34
N ILE D 120 43.10 -1.35 12.04
CA ILE D 120 42.53 -1.49 13.36
C ILE D 120 43.62 -1.96 14.30
N PRO D 121 44.18 -1.05 15.10
CA PRO D 121 45.30 -1.42 15.97
C PRO D 121 44.89 -2.43 17.02
N TYR D 122 45.85 -3.29 17.40
CA TYR D 122 45.63 -4.23 18.49
C TYR D 122 45.60 -3.55 19.87
N LYS D 123 46.37 -2.48 20.06
CA LYS D 123 46.45 -1.85 21.38
C LYS D 123 45.60 -0.59 21.47
N ILE D 124 44.68 -0.60 22.45
CA ILE D 124 43.80 0.54 22.69
C ILE D 124 44.53 1.56 23.56
N LEU D 125 44.55 2.82 23.13
CA LEU D 125 45.21 3.83 23.93
C LEU D 125 44.33 4.28 25.11
N SER D 126 44.96 4.85 26.11
CA SER D 126 44.30 5.26 27.34
C SER D 126 43.61 6.61 27.16
N PHE D 127 42.84 7.01 28.19
CA PHE D 127 42.13 8.28 28.11
C PHE D 127 43.12 9.43 28.00
N GLU D 128 44.18 9.39 28.82
CA GLU D 128 45.15 10.47 28.83
C GLU D 128 45.99 10.47 27.55
N GLU D 129 46.27 9.29 26.99
CA GLU D 129 46.98 9.23 25.71
C GLU D 129 46.15 9.80 24.58
N LEU D 130 44.83 9.63 24.62
CA LEU D 130 43.95 10.15 23.57
C LEU D 130 43.57 11.62 23.75
N GLY D 131 43.93 12.25 24.87
CA GLY D 131 43.53 13.63 25.06
C GLY D 131 42.10 13.86 25.51
N LEU D 132 41.49 12.87 26.15
CA LEU D 132 40.10 12.96 26.61
C LEU D 132 40.04 13.54 28.02
N PRO D 133 39.14 14.50 28.26
CA PRO D 133 39.07 15.18 29.58
C PRO D 133 38.56 14.26 30.68
N PRO D 134 38.76 14.62 31.96
CA PRO D 134 38.33 13.73 33.05
C PRO D 134 36.86 13.38 33.06
N VAL D 135 36.00 14.21 32.44
CA VAL D 135 34.58 13.90 32.44
C VAL D 135 34.31 12.60 31.68
N VAL D 136 35.15 12.25 30.71
CA VAL D 136 34.96 10.96 30.03
C VAL D 136 35.23 9.82 31.01
N ARG D 137 36.21 10.03 31.90
CA ARG D 137 36.48 9.03 32.92
C ARG D 137 35.28 8.91 33.86
N GLU D 138 34.61 10.02 34.17
CA GLU D 138 33.45 9.88 35.03
C GLU D 138 32.30 9.20 34.28
N LEU D 139 32.23 9.40 32.95
CA LEU D 139 31.22 8.72 32.14
C LEU D 139 31.42 7.21 32.09
N ALA D 140 32.67 6.76 32.14
CA ALA D 140 32.91 5.31 32.13
C ALA D 140 32.41 4.64 33.40
N GLU D 141 32.10 5.42 34.43
CA GLU D 141 31.59 4.92 35.71
C GLU D 141 30.07 5.01 35.84
N LYS D 142 29.37 5.51 34.82
CA LYS D 142 27.90 5.65 34.89
C LYS D 142 27.23 4.28 34.99
N PRO D 143 26.26 4.10 35.90
CA PRO D 143 25.59 2.79 36.03
C PRO D 143 24.56 2.48 34.96
N ARG D 144 23.88 3.48 34.41
CA ARG D 144 22.83 3.19 33.43
C ARG D 144 22.67 4.45 32.60
N GLY D 145 22.02 4.32 31.46
CA GLY D 145 21.70 5.48 30.66
C GLY D 145 22.25 5.39 29.24
N LEU D 146 22.04 6.48 28.51
CA LEU D 146 22.46 6.58 27.12
C LEU D 146 23.59 7.59 27.02
N VAL D 147 24.73 7.14 26.48
CA VAL D 147 25.90 7.96 26.24
C VAL D 147 26.20 7.92 24.75
N LEU D 148 26.25 9.09 24.12
CA LEU D 148 26.44 9.19 22.68
C LEU D 148 27.79 9.79 22.34
N VAL D 149 28.52 9.14 21.43
CA VAL D 149 29.80 9.63 20.94
C VAL D 149 29.61 9.89 19.45
N THR D 150 29.64 11.16 19.06
CA THR D 150 29.27 11.56 17.71
C THR D 150 30.42 12.30 17.03
N GLY D 151 30.27 12.47 15.71
CA GLY D 151 31.24 13.17 14.90
C GLY D 151 31.27 12.61 13.49
N PRO D 152 32.00 13.28 12.60
CA PRO D 152 32.10 12.78 11.22
C PRO D 152 32.87 11.47 11.16
N THR D 153 32.88 10.88 9.96
CA THR D 153 33.59 9.63 9.75
C THR D 153 35.07 9.81 10.03
N GLY D 154 35.64 8.87 10.79
CA GLY D 154 37.04 8.87 11.13
C GLY D 154 37.45 9.95 12.10
N SER D 155 36.53 10.35 12.99
CA SER D 155 36.78 11.42 13.95
C SER D 155 37.16 10.85 15.31
N GLY D 156 37.46 9.56 15.39
CA GLY D 156 37.89 8.93 16.62
C GLY D 156 36.78 8.30 17.43
N LYS D 157 35.58 8.15 16.85
CA LYS D 157 34.44 7.71 17.66
C LYS D 157 34.62 6.30 18.17
N SER D 158 35.00 5.36 17.29
CA SER D 158 35.22 3.99 17.71
C SER D 158 36.37 3.88 18.70
N THR D 159 37.42 4.68 18.51
CA THR D 159 38.56 4.63 19.42
C THR D 159 38.20 5.10 20.82
N THR D 160 37.44 6.21 20.92
CA THR D 160 36.96 6.66 22.22
C THR D 160 36.06 5.62 22.86
N LEU D 161 35.13 5.06 22.08
CA LEU D 161 34.23 4.05 22.62
C LEU D 161 35.00 2.84 23.10
N ALA D 162 36.05 2.45 22.37
CA ALA D 162 36.86 1.31 22.79
C ALA D 162 37.59 1.61 24.09
N ALA D 163 38.04 2.86 24.27
CA ALA D 163 38.70 3.20 25.53
C ALA D 163 37.73 3.14 26.69
N ILE D 164 36.51 3.65 26.51
CA ILE D 164 35.50 3.60 27.57
C ILE D 164 35.13 2.15 27.89
N ILE D 165 34.96 1.33 26.85
CA ILE D 165 34.59 -0.06 27.06
C ILE D 165 35.72 -0.83 27.73
N ASP D 166 36.97 -0.50 27.38
CA ASP D 166 38.10 -1.12 28.05
C ASP D 166 38.15 -0.73 29.52
N LYS D 167 37.76 0.52 29.83
CA LYS D 167 37.70 0.94 31.23
C LYS D 167 36.62 0.18 32.00
N ILE D 168 35.45 0.02 31.40
CA ILE D 168 34.39 -0.77 32.03
C ILE D 168 34.84 -2.21 32.23
N ASN D 169 35.43 -2.81 31.20
CA ASN D 169 35.95 -4.17 31.28
C ASN D 169 36.97 -4.30 32.42
N THR D 170 37.78 -3.27 32.62
CA THR D 170 38.81 -3.33 33.65
C THR D 170 38.20 -3.20 35.04
N ASP D 171 37.17 -2.37 35.19
CA ASP D 171 36.74 -1.96 36.52
C ASP D 171 35.50 -2.70 37.02
N ARG D 172 34.69 -3.26 36.14
CA ARG D 172 33.41 -3.82 36.52
C ARG D 172 33.37 -5.34 36.33
N HIS D 173 32.47 -5.97 37.07
CA HIS D 173 32.16 -7.39 36.91
C HIS D 173 30.78 -7.52 36.28
N GLU D 174 30.66 -7.10 35.03
CA GLU D 174 29.39 -7.00 34.34
C GLU D 174 29.52 -7.61 32.94
N HIS D 175 28.39 -7.65 32.23
CA HIS D 175 28.30 -8.27 30.91
C HIS D 175 28.21 -7.18 29.87
N ILE D 176 29.21 -7.10 29.00
CA ILE D 176 29.27 -6.14 27.90
C ILE D 176 28.96 -6.85 26.59
N VAL D 177 28.02 -6.32 25.84
CA VAL D 177 27.68 -6.83 24.51
C VAL D 177 27.89 -5.72 23.49
N THR D 178 28.62 -6.03 22.42
CA THR D 178 28.78 -5.11 21.30
C THR D 178 28.22 -5.72 20.02
N VAL D 179 27.60 -4.87 19.19
CA VAL D 179 27.14 -5.25 17.86
C VAL D 179 27.81 -4.34 16.85
N GLU D 180 28.55 -4.92 15.91
CA GLU D 180 29.43 -4.14 15.05
C GLU D 180 29.41 -4.68 13.63
N ASP D 181 29.58 -3.76 12.70
CA ASP D 181 29.56 -4.05 11.26
C ASP D 181 30.68 -3.24 10.64
N PRO D 182 31.93 -3.73 10.70
CA PRO D 182 32.36 -4.97 11.34
C PRO D 182 32.90 -4.70 12.74
N ILE D 183 33.34 -5.76 13.42
CA ILE D 183 34.01 -5.60 14.71
C ILE D 183 35.33 -4.86 14.51
N GLU D 184 35.53 -3.77 15.25
CA GLU D 184 36.78 -3.06 15.08
C GLU D 184 37.75 -3.36 16.23
N TYR D 185 37.69 -2.61 17.33
CA TYR D 185 38.55 -2.89 18.47
C TYR D 185 38.12 -4.17 19.18
N LEU D 186 39.08 -5.03 19.51
CA LEU D 186 38.83 -6.20 20.32
C LEU D 186 39.08 -5.96 21.80
N HIS D 187 38.15 -6.46 22.64
CA HIS D 187 38.22 -6.31 24.10
C HIS D 187 38.27 -7.70 24.72
N PRO D 188 39.45 -8.30 24.85
CA PRO D 188 39.54 -9.58 25.57
C PRO D 188 39.06 -9.44 27.00
N HIS D 189 38.52 -10.52 27.54
CA HIS D 189 37.97 -10.50 28.89
C HIS D 189 39.00 -10.00 29.90
N LYS D 190 38.56 -9.06 30.75
CA LYS D 190 39.36 -8.64 31.88
C LYS D 190 38.58 -9.06 33.13
N SER D 191 37.88 -8.13 33.79
CA SER D 191 36.98 -8.51 34.85
C SER D 191 35.56 -8.74 34.38
N CYS D 192 35.21 -8.21 33.20
CA CYS D 192 33.90 -8.39 32.60
C CYS D 192 33.87 -9.60 31.67
N VAL D 193 32.67 -10.04 31.32
CA VAL D 193 32.45 -10.93 30.18
C VAL D 193 32.07 -10.05 28.99
N VAL D 194 32.85 -10.13 27.92
CA VAL D 194 32.66 -9.27 26.74
C VAL D 194 32.32 -10.15 25.56
N ASN D 195 31.13 -9.95 24.98
CA ASN D 195 30.70 -10.64 23.77
C ASN D 195 30.53 -9.64 22.64
N GLN D 196 31.14 -9.94 21.49
CA GLN D 196 31.15 -9.06 20.33
C GLN D 196 30.59 -9.78 19.11
N ARG D 197 29.52 -9.23 18.55
CA ARG D 197 28.79 -9.84 17.43
C ARG D 197 29.02 -9.03 16.17
N GLU D 198 29.50 -9.68 15.10
CA GLU D 198 29.74 -9.03 13.83
C GLU D 198 28.53 -9.26 12.93
N VAL D 199 27.97 -8.15 12.41
CA VAL D 199 26.85 -8.24 11.49
C VAL D 199 27.30 -8.92 10.20
N GLY D 200 26.48 -9.84 9.69
CA GLY D 200 26.80 -10.56 8.49
C GLY D 200 27.55 -11.86 8.70
N ALA D 201 27.93 -12.18 9.93
CA ALA D 201 28.60 -13.43 10.24
C ALA D 201 28.05 -13.99 11.54
N ASP D 202 28.25 -13.25 12.63
CA ASP D 202 27.72 -13.69 13.92
C ASP D 202 26.21 -13.49 14.01
N THR D 203 25.69 -12.42 13.42
CA THR D 203 24.27 -12.11 13.46
C THR D 203 23.83 -11.56 12.11
N LYS D 204 22.55 -11.76 11.78
CA LYS D 204 22.07 -11.39 10.46
C LYS D 204 22.08 -9.88 10.27
N SER D 205 21.79 -9.12 11.32
CA SER D 205 21.59 -7.69 11.18
C SER D 205 21.59 -7.04 12.55
N PHE D 206 21.66 -5.71 12.55
CA PHE D 206 21.45 -4.95 13.78
C PHE D 206 20.08 -5.27 14.37
N LYS D 207 19.07 -5.39 13.50
CA LYS D 207 17.72 -5.66 13.96
C LYS D 207 17.63 -6.99 14.70
N ASN D 208 18.30 -8.03 14.19
CA ASN D 208 18.24 -9.35 14.83
C ASN D 208 19.00 -9.37 16.15
N ALA D 209 20.17 -8.73 16.18
CA ALA D 209 20.93 -8.64 17.41
C ALA D 209 20.12 -7.91 18.47
N LEU D 210 19.50 -6.79 18.09
CA LEU D 210 18.68 -6.06 19.05
C LEU D 210 17.43 -6.84 19.42
N LYS D 211 16.98 -7.74 18.54
CA LYS D 211 15.80 -8.55 18.85
C LYS D 211 16.09 -9.53 19.96
N TYR D 212 17.34 -9.96 20.09
CA TYR D 212 17.67 -10.96 21.10
C TYR D 212 18.53 -10.41 22.22
N ILE D 213 18.98 -9.15 22.12
CA ILE D 213 19.96 -8.63 23.06
C ILE D 213 19.36 -8.49 24.45
N LEU D 214 18.05 -8.23 24.56
CA LEU D 214 17.40 -8.09 25.86
C LEU D 214 17.27 -9.42 26.58
N ARG D 215 17.33 -10.52 25.84
CA ARG D 215 17.30 -11.87 26.39
C ARG D 215 18.69 -12.43 26.68
N GLN D 216 19.74 -11.61 26.57
CA GLN D 216 21.10 -12.06 26.79
C GLN D 216 21.72 -11.51 28.08
N ASP D 217 20.87 -10.98 28.97
CA ASP D 217 21.29 -10.49 30.29
C ASP D 217 22.46 -9.50 30.24
N PRO D 218 22.38 -8.45 29.43
CA PRO D 218 23.46 -7.47 29.37
C PRO D 218 23.36 -6.43 30.46
N ASP D 219 24.50 -5.81 30.74
CA ASP D 219 24.57 -4.60 31.59
C ASP D 219 25.00 -3.38 30.81
N VAL D 220 25.94 -3.54 29.87
CA VAL D 220 26.46 -2.46 29.03
C VAL D 220 26.35 -2.93 27.59
N VAL D 221 25.86 -2.07 26.70
CA VAL D 221 25.62 -2.46 25.31
C VAL D 221 26.18 -1.39 24.38
N LEU D 222 26.92 -1.83 23.37
CA LEU D 222 27.39 -1.02 22.25
C LEU D 222 26.60 -1.41 21.01
N VAL D 223 25.91 -0.45 20.41
CA VAL D 223 25.00 -0.78 19.31
C VAL D 223 25.49 -0.24 17.97
N GLY D 224 26.63 0.44 17.92
CA GLY D 224 27.10 0.92 16.64
C GLY D 224 26.34 2.17 16.21
N GLU D 225 26.25 2.33 14.89
CA GLU D 225 25.63 3.51 14.32
C GLU D 225 24.12 3.44 14.51
N LEU D 226 23.52 4.60 14.82
CA LEU D 226 22.07 4.77 14.87
C LEU D 226 21.54 4.89 13.45
N ARG D 227 21.45 3.74 12.78
CA ARG D 227 21.22 3.76 11.35
C ARG D 227 19.76 3.97 10.98
N ASP D 228 18.81 3.54 11.80
CA ASP D 228 17.40 3.72 11.45
C ASP D 228 16.58 3.97 12.72
N LEU D 229 15.28 4.22 12.51
CA LEU D 229 14.37 4.46 13.63
C LEU D 229 14.30 3.26 14.56
N GLU D 230 14.27 2.05 13.97
CA GLU D 230 14.17 0.82 14.77
C GLU D 230 15.33 0.73 15.77
N THR D 231 16.54 0.97 15.29
CA THR D 231 17.70 0.93 16.18
C THR D 231 17.61 1.99 17.27
N ILE D 232 17.08 3.17 16.91
CA ILE D 232 16.89 4.23 17.91
C ILE D 232 15.92 3.78 19.00
N GLU D 233 14.81 3.15 18.61
CA GLU D 233 13.85 2.67 19.61
C GLU D 233 14.45 1.58 20.48
N ALA D 234 15.28 0.72 19.89
CA ALA D 234 15.97 -0.31 20.67
C ALA D 234 16.91 0.31 21.69
N ALA D 235 17.65 1.34 21.27
CA ALA D 235 18.59 1.97 22.18
C ALA D 235 17.86 2.71 23.30
N LEU D 236 16.74 3.37 22.99
CA LEU D 236 15.95 4.03 24.02
C LEU D 236 15.39 3.01 25.00
N THR D 237 14.95 1.85 24.49
CA THR D 237 14.44 0.82 25.40
C THR D 237 15.55 0.30 26.29
N LEU D 238 16.73 0.04 25.73
CA LEU D 238 17.86 -0.41 26.53
C LEU D 238 18.21 0.60 27.61
N ALA D 239 18.30 1.88 27.25
CA ALA D 239 18.67 2.90 28.23
C ALA D 239 17.57 3.12 29.27
N GLU D 240 16.32 2.81 28.95
CA GLU D 240 15.25 2.99 29.91
C GLU D 240 15.12 1.79 30.85
N THR D 241 15.58 0.62 30.44
CA THR D 241 15.41 -0.61 31.20
C THR D 241 16.59 -0.91 32.12
N GLY D 242 17.38 0.10 32.46
CA GLY D 242 18.45 -0.08 33.43
C GLY D 242 19.82 -0.39 32.88
N HIS D 243 20.05 -0.17 31.58
CA HIS D 243 21.33 -0.47 30.96
C HIS D 243 22.05 0.81 30.53
N LEU D 244 23.38 0.69 30.41
CA LEU D 244 24.22 1.72 29.82
C LEU D 244 24.44 1.41 28.34
N CYS D 245 23.93 2.28 27.48
CA CYS D 245 23.94 2.07 26.03
C CYS D 245 24.86 3.07 25.34
N PHE D 246 25.76 2.56 24.49
CA PHE D 246 26.65 3.36 23.68
C PHE D 246 26.26 3.28 22.21
N ALA D 247 26.24 4.43 21.55
CA ALA D 247 25.90 4.51 20.13
C ALA D 247 26.63 5.68 19.49
N THR D 248 26.68 5.69 18.16
CA THR D 248 27.34 6.77 17.44
C THR D 248 26.35 7.47 16.53
N LEU D 249 26.67 8.73 16.25
CA LEU D 249 26.00 9.50 15.21
C LEU D 249 27.05 10.30 14.46
N HIS D 250 26.70 10.74 13.26
CA HIS D 250 27.58 11.58 12.48
C HIS D 250 27.25 13.06 12.62
N THR D 251 26.63 13.44 13.73
CA THR D 251 26.37 14.85 14.01
C THR D 251 27.62 15.50 14.61
N ASN D 252 27.63 16.83 14.59
CA ASN D 252 28.84 17.58 14.92
C ASN D 252 28.75 18.32 16.24
N SER D 253 27.60 18.28 16.93
CA SER D 253 27.47 18.98 18.18
C SER D 253 26.37 18.32 19.01
N ALA D 254 26.36 18.64 20.31
CA ALA D 254 25.37 18.06 21.21
C ALA D 254 23.96 18.48 20.80
N VAL D 255 23.77 19.77 20.53
CA VAL D 255 22.45 20.27 20.15
C VAL D 255 22.01 19.66 18.82
N GLN D 256 22.92 19.67 17.84
CA GLN D 256 22.62 19.05 16.55
C GLN D 256 22.31 17.57 16.70
N THR D 257 22.99 16.89 17.63
CA THR D 257 22.74 15.47 17.85
C THR D 257 21.34 15.25 18.41
N ILE D 258 20.97 16.04 19.42
CA ILE D 258 19.66 15.87 20.05
C ILE D 258 18.55 16.20 19.05
N ASN D 259 18.72 17.27 18.28
CA ASN D 259 17.71 17.63 17.30
C ASN D 259 17.60 16.54 16.23
N ARG D 260 18.73 15.98 15.78
CA ARG D 260 18.72 14.93 14.78
C ARG D 260 17.95 13.72 15.30
N ILE D 261 18.19 13.37 16.57
CA ILE D 261 17.54 12.20 17.16
C ILE D 261 16.03 12.41 17.25
N VAL D 262 15.60 13.60 17.68
CA VAL D 262 14.18 13.83 17.85
C VAL D 262 13.47 13.91 16.50
N ASP D 263 14.08 14.59 15.53
CA ASP D 263 13.38 14.93 14.29
C ASP D 263 13.20 13.75 13.33
N VAL D 264 13.83 12.60 13.57
CA VAL D 264 13.59 11.46 12.69
C VAL D 264 12.23 10.81 12.94
N PHE D 265 11.61 11.11 14.07
CA PHE D 265 10.33 10.50 14.41
C PHE D 265 9.17 11.34 13.90
N PRO D 266 8.03 10.69 13.65
CA PRO D 266 6.81 11.45 13.31
C PRO D 266 6.45 12.43 14.42
N SER D 267 5.77 13.51 14.03
CA SER D 267 5.55 14.63 14.95
C SER D 267 4.78 14.18 16.18
N TYR D 268 3.86 13.22 16.03
CA TYR D 268 3.04 12.77 17.14
C TYR D 268 3.84 11.96 18.16
N GLN D 269 4.95 11.35 17.75
CA GLN D 269 5.74 10.55 18.67
C GLN D 269 6.95 11.31 19.21
N GLN D 270 7.24 12.50 18.70
CA GLN D 270 8.34 13.29 19.25
C GLN D 270 8.18 13.66 20.73
N PRO D 271 6.98 13.94 21.26
CA PRO D 271 6.87 14.14 22.73
C PRO D 271 7.43 13.00 23.57
N GLN D 272 7.09 11.77 23.20
CA GLN D 272 7.60 10.61 23.94
C GLN D 272 9.11 10.51 23.80
N VAL D 273 9.62 10.72 22.58
CA VAL D 273 11.06 10.61 22.35
C VAL D 273 11.81 11.64 23.18
N ARG D 274 11.29 12.88 23.25
CA ARG D 274 11.88 13.91 24.08
C ARG D 274 11.83 13.56 25.56
N ALA D 275 10.72 12.98 26.02
CA ALA D 275 10.64 12.58 27.42
C ALA D 275 11.64 11.48 27.74
N GLN D 276 11.75 10.50 26.85
CA GLN D 276 12.71 9.43 27.04
C GLN D 276 14.13 9.99 27.10
N LEU D 277 14.51 10.81 26.11
CA LEU D 277 15.84 11.42 26.11
C LEU D 277 16.09 12.23 27.38
N SER D 278 15.09 13.01 27.83
CA SER D 278 15.26 13.80 29.05
C SER D 278 15.49 12.92 30.26
N PHE D 279 14.95 11.71 30.26
CA PHE D 279 15.11 10.84 31.41
C PHE D 279 16.44 10.07 31.36
N VAL D 280 16.78 9.51 30.20
CA VAL D 280 17.86 8.54 30.10
C VAL D 280 19.23 9.11 29.70
N LEU D 281 19.27 10.28 29.09
CA LEU D 281 20.53 10.83 28.60
C LEU D 281 21.51 11.14 29.72
N GLU D 282 22.73 10.60 29.60
CA GLU D 282 23.79 10.82 30.58
C GLU D 282 25.02 11.50 30.00
N GLY D 283 25.16 11.58 28.68
CA GLY D 283 26.31 12.25 28.09
C GLY D 283 26.29 12.30 26.57
N VAL D 284 26.75 13.41 26.01
CA VAL D 284 26.93 13.56 24.57
C VAL D 284 28.33 14.07 24.29
N LEU D 285 29.10 13.31 23.51
CA LEU D 285 30.44 13.70 23.08
C LEU D 285 30.45 13.87 21.57
N SER D 286 30.97 15.00 21.09
CA SER D 286 31.05 15.28 19.66
C SER D 286 32.51 15.57 19.33
N GLN D 287 33.13 14.68 18.54
CA GLN D 287 34.56 14.71 18.32
C GLN D 287 34.91 15.12 16.88
N THR D 288 36.13 15.61 16.73
CA THR D 288 36.77 15.80 15.44
C THR D 288 38.28 15.75 15.66
N LEU D 289 39.00 15.36 14.62
CA LEU D 289 40.45 15.24 14.70
C LEU D 289 41.07 16.36 13.87
N LEU D 290 41.95 17.14 14.50
CA LEU D 290 42.57 18.27 13.85
C LEU D 290 44.06 18.02 13.70
N PRO D 291 44.68 18.52 12.64
CA PRO D 291 46.14 18.39 12.54
C PRO D 291 46.83 19.19 13.63
N LYS D 292 47.85 18.57 14.23
CA LYS D 292 48.62 19.23 15.26
C LYS D 292 49.45 20.35 14.64
N ALA D 293 49.81 21.31 15.46
CA ALA D 293 50.59 22.43 14.95
C ALA D 293 51.94 21.95 14.45
N SER D 294 52.48 20.87 15.05
CA SER D 294 53.77 20.37 14.59
C SER D 294 53.73 19.79 13.19
N GLY D 295 52.56 19.37 12.69
CA GLY D 295 52.57 18.75 11.40
C GLY D 295 52.67 17.24 11.37
N THR D 296 52.59 16.56 12.52
CA THR D 296 52.70 15.11 12.45
C THR D 296 51.67 14.40 13.31
N GLY D 297 51.31 14.98 14.43
CA GLY D 297 50.34 14.38 15.32
C GLY D 297 48.96 14.93 14.99
N ARG D 298 47.96 14.34 15.61
CA ARG D 298 46.60 14.82 15.43
C ARG D 298 46.06 15.01 16.83
N VAL D 299 45.20 16.00 17.01
CA VAL D 299 44.69 16.28 18.34
C VAL D 299 43.18 16.22 18.32
N LEU D 300 42.61 15.69 19.39
CA LEU D 300 41.17 15.50 19.46
C LEU D 300 40.57 16.81 19.93
N ALA D 301 39.57 17.30 19.22
CA ALA D 301 38.73 18.39 19.71
C ALA D 301 37.37 17.80 19.99
N ILE D 302 36.85 18.06 21.18
CA ILE D 302 35.67 17.35 21.66
C ILE D 302 34.75 18.35 22.36
N GLU D 303 33.47 18.27 22.04
CA GLU D 303 32.42 18.99 22.74
C GLU D 303 31.74 18.02 23.69
N VAL D 304 31.61 18.43 24.95
CA VAL D 304 31.10 17.57 26.02
C VAL D 304 29.84 18.20 26.59
N MET D 305 28.74 17.47 26.58
CA MET D 305 27.49 17.87 27.22
C MET D 305 27.10 16.81 28.25
N VAL D 306 27.03 17.22 29.51
CA VAL D 306 26.58 16.34 30.59
C VAL D 306 25.28 16.90 31.14
N PRO D 307 24.17 16.17 31.03
CA PRO D 307 22.86 16.73 31.40
C PRO D 307 22.74 17.01 32.89
N ASN D 308 22.29 18.22 33.21
CA ASN D 308 21.83 18.60 34.52
C ASN D 308 20.31 18.74 34.52
N PRO D 309 19.67 18.92 35.68
CA PRO D 309 18.20 19.10 35.70
C PRO D 309 17.69 20.18 34.76
N ALA D 310 18.44 21.27 34.58
CA ALA D 310 18.02 22.35 33.69
C ALA D 310 18.02 21.89 32.25
N ILE D 311 19.04 21.16 31.83
CA ILE D 311 19.12 20.69 30.45
C ILE D 311 18.01 19.67 30.19
N ARG D 312 17.75 18.82 31.18
CA ARG D 312 16.67 17.85 31.04
C ARG D 312 15.33 18.55 30.90
N ASN D 313 15.16 19.68 31.59
CA ASN D 313 13.92 20.44 31.43
C ASN D 313 13.84 21.06 30.04
N LEU D 314 14.95 21.63 29.56
CA LEU D 314 14.97 22.20 28.21
C LEU D 314 14.63 21.14 27.17
N ILE D 315 15.08 19.91 27.41
CA ILE D 315 14.76 18.79 26.52
C ILE D 315 13.26 18.50 26.56
N ARG D 316 12.68 18.44 27.76
CA ARG D 316 11.25 18.15 27.84
C ARG D 316 10.42 19.28 27.24
N GLU D 317 10.84 20.53 27.43
CA GLU D 317 10.12 21.69 26.91
C GLU D 317 10.40 21.98 25.43
N ASP D 318 11.20 21.15 24.75
CA ASP D 318 11.58 21.39 23.35
C ASP D 318 12.26 22.73 23.17
N LYS D 319 13.20 23.06 24.06
CA LYS D 319 13.99 24.27 23.91
C LYS D 319 15.45 23.85 23.76
N ILE D 320 15.71 23.10 22.67
CA ILE D 320 16.97 22.39 22.53
C ILE D 320 18.13 23.36 22.37
N HIS D 321 17.95 24.40 21.56
CA HIS D 321 19.06 25.29 21.23
C HIS D 321 19.68 25.90 22.50
N GLN D 322 18.84 26.24 23.48
CA GLN D 322 19.28 27.01 24.63
C GLN D 322 20.20 26.15 25.50
N ILE D 323 20.35 24.88 25.12
CA ILE D 323 21.23 23.98 25.84
C ILE D 323 22.66 24.40 25.65
N TYR D 324 22.98 24.98 24.49
CA TYR D 324 24.35 25.42 24.26
C TYR D 324 24.75 26.46 25.32
N SER D 325 23.80 27.32 25.71
CA SER D 325 24.12 28.31 26.73
C SER D 325 24.45 27.65 28.06
N GLN D 326 23.75 26.55 28.39
CA GLN D 326 24.09 25.86 29.62
C GLN D 326 25.49 25.26 29.54
N MET D 327 25.88 24.82 28.34
CA MET D 327 27.21 24.24 28.22
C MET D 327 28.27 25.32 28.38
N GLN D 328 27.92 26.56 28.04
CA GLN D 328 28.88 27.64 28.16
C GLN D 328 29.21 27.92 29.63
N VAL D 329 28.32 27.58 30.56
CA VAL D 329 28.53 27.92 31.96
C VAL D 329 28.66 26.68 32.84
N GLY D 330 28.76 25.50 32.26
CA GLY D 330 28.88 24.31 33.09
C GLY D 330 30.31 23.82 33.19
N GLN D 331 31.25 24.74 32.95
CA GLN D 331 32.66 24.37 32.92
C GLN D 331 33.16 24.00 34.32
N GLU D 332 32.97 24.92 35.27
CA GLU D 332 33.50 24.72 36.62
C GLU D 332 32.74 23.65 37.37
N LYS D 333 31.42 23.61 37.21
CA LYS D 333 30.56 22.73 38.00
C LYS D 333 30.61 21.27 37.52
N PHE D 334 30.39 21.04 36.22
CA PHE D 334 30.18 19.69 35.70
C PHE D 334 31.29 19.21 34.79
N GLY D 335 32.32 20.01 34.53
CA GLY D 335 33.35 19.59 33.59
C GLY D 335 32.88 19.66 32.16
N MET D 336 31.82 20.42 31.91
CA MET D 336 31.26 20.63 30.58
C MET D 336 32.17 21.55 29.77
N MET D 337 31.97 21.53 28.45
CA MET D 337 32.86 22.28 27.57
C MET D 337 32.30 22.37 26.15
N THR D 338 32.05 23.57 25.67
CA THR D 338 31.66 23.69 24.28
C THR D 338 32.88 23.43 23.38
N MET D 339 32.61 23.14 22.10
CA MET D 339 33.68 22.91 21.14
C MET D 339 34.57 24.12 21.03
N ASN D 340 33.96 25.31 21.02
CA ASN D 340 34.74 26.53 20.93
C ASN D 340 35.63 26.72 22.14
N GLN D 341 35.16 26.35 23.33
CA GLN D 341 36.01 26.44 24.52
C GLN D 341 37.20 25.49 24.40
N CYS D 342 36.99 24.34 23.77
CA CYS D 342 38.09 23.40 23.55
C CYS D 342 39.08 23.93 22.52
N LEU D 343 38.57 24.53 21.43
CA LEU D 343 39.47 25.10 20.45
C LEU D 343 40.27 26.26 21.06
N TYR D 344 39.64 27.03 21.94
CA TYR D 344 40.36 28.10 22.65
C TYR D 344 41.51 27.52 23.46
N GLY D 345 41.24 26.45 24.21
CA GLY D 345 42.29 25.85 25.01
C GLY D 345 43.39 25.23 24.16
N LEU D 346 43.01 24.58 23.05
CA LEU D 346 44.00 24.02 22.14
C LEU D 346 44.84 25.12 21.50
N LEU D 347 44.25 26.31 21.30
CA LEU D 347 44.98 27.41 20.68
C LEU D 347 45.96 28.05 21.65
N GLN D 348 45.56 28.22 22.92
CA GLN D 348 46.45 28.82 23.91
C GLN D 348 47.63 27.91 24.25
N LYS D 349 47.42 26.60 24.23
CA LYS D 349 48.51 25.65 24.43
C LYS D 349 49.32 25.39 23.16
N ARG D 350 49.03 26.10 22.07
CA ARG D 350 49.77 26.03 20.81
C ARG D 350 49.74 24.61 20.24
N HIS D 351 48.65 23.87 20.49
CA HIS D 351 48.47 22.53 19.94
C HIS D 351 47.96 22.52 18.51
N ILE D 352 47.24 23.56 18.11
CA ILE D 352 46.68 23.72 16.77
C ILE D 352 47.00 25.12 16.29
N THR D 353 46.97 25.28 14.98
CA THR D 353 47.21 26.61 14.47
C THR D 353 45.95 27.45 14.58
N MET D 354 46.14 28.77 14.42
CA MET D 354 45.01 29.68 14.49
C MET D 354 44.07 29.47 13.31
N ASP D 355 44.63 29.17 12.14
CA ASP D 355 43.80 28.93 10.97
C ASP D 355 42.92 27.71 11.14
N VAL D 356 43.45 26.63 11.72
CA VAL D 356 42.64 25.41 11.90
C VAL D 356 41.54 25.64 12.92
N GLY D 357 41.88 26.29 14.04
CA GLY D 357 40.87 26.56 15.05
C GLY D 357 39.77 27.45 14.55
N MET D 358 40.11 28.52 13.82
CA MET D 358 39.05 29.38 13.30
C MET D 358 38.30 28.68 12.17
N GLY D 359 39.02 27.99 11.28
CA GLY D 359 38.44 27.28 10.16
C GLY D 359 37.53 26.14 10.54
N ARG D 360 37.50 25.74 11.80
CA ARG D 360 36.72 24.59 12.18
C ARG D 360 35.71 24.94 13.26
N SER D 361 35.90 26.09 13.92
CA SER D 361 35.00 26.58 14.95
C SER D 361 33.59 26.76 14.39
N PRO D 362 32.57 26.22 15.07
CA PRO D 362 31.18 26.47 14.62
C PRO D 362 30.74 27.92 14.77
N ASP D 363 31.44 28.73 15.58
CA ASP D 363 31.15 30.17 15.68
C ASP D 363 32.43 30.98 15.83
N PRO D 364 32.99 31.46 14.72
CA PRO D 364 34.28 32.18 14.80
C PRO D 364 34.21 33.48 15.61
N ASP D 365 33.05 34.15 15.66
CA ASP D 365 32.97 35.39 16.42
C ASP D 365 33.04 35.12 17.92
N GLU D 366 32.46 34.01 18.37
CA GLU D 366 32.57 33.62 19.77
C GLU D 366 34.02 33.32 20.13
N LEU D 367 34.72 32.54 19.29
CA LEU D 367 36.12 32.24 19.54
C LEU D 367 36.97 33.51 19.55
N LYS D 368 36.67 34.46 18.66
CA LYS D 368 37.33 35.77 18.69
C LYS D 368 37.12 36.44 20.04
N GLN D 369 35.87 36.49 20.50
CA GLN D 369 35.56 37.12 21.79
C GLN D 369 36.30 36.43 22.93
N MET D 370 36.37 35.10 22.91
CA MET D 370 37.14 34.40 23.93
C MET D 370 38.62 34.72 23.85
N LEU D 371 39.11 34.99 22.64
CA LEU D 371 40.52 35.32 22.48
C LEU D 371 40.81 36.74 22.95
N THR D 372 39.79 37.60 22.91
CA THR D 372 39.92 38.91 23.51
C THR D 372 39.65 38.90 25.01
N SER D 373 38.94 37.91 25.50
CA SER D 373 38.67 37.79 26.92
C SER D 373 39.76 36.98 27.61
N MET E 21 30.79 -1.16 -43.83
CA MET E 21 30.11 -0.07 -43.13
C MET E 21 31.05 1.07 -42.77
N ALA E 22 31.94 1.40 -43.71
CA ALA E 22 32.87 2.52 -43.57
C ALA E 22 32.10 3.84 -43.66
N ASN E 23 30.78 3.73 -43.68
CA ASN E 23 29.99 4.94 -43.67
C ASN E 23 29.77 5.34 -42.23
N MET E 24 29.61 4.38 -41.32
CA MET E 24 29.43 4.77 -39.93
C MET E 24 30.68 5.51 -39.47
N HIS E 25 31.85 5.04 -39.93
CA HIS E 25 33.11 5.67 -39.57
C HIS E 25 33.14 7.11 -40.07
N GLN E 26 32.67 7.32 -41.31
CA GLN E 26 32.70 8.69 -41.82
C GLN E 26 31.65 9.58 -41.13
N LEU E 27 30.48 9.02 -40.84
CA LEU E 27 29.43 9.78 -40.16
C LEU E 27 29.84 10.20 -38.75
N LEU E 28 30.45 9.30 -37.99
CA LEU E 28 30.89 9.66 -36.65
C LEU E 28 32.07 10.62 -36.70
N THR E 29 32.92 10.50 -37.72
CA THR E 29 34.00 11.46 -37.87
C THR E 29 33.44 12.86 -38.14
N GLU E 30 32.42 12.97 -38.99
CA GLU E 30 31.80 14.28 -39.22
C GLU E 30 31.13 14.81 -37.96
N LEU E 31 30.46 13.93 -37.20
CA LEU E 31 29.86 14.33 -35.94
C LEU E 31 30.91 14.95 -35.02
N VAL E 32 32.08 14.32 -34.90
CA VAL E 32 33.13 14.88 -34.06
C VAL E 32 33.65 16.19 -34.65
N ASN E 33 33.98 16.18 -35.94
CA ASN E 33 34.63 17.32 -36.59
C ASN E 33 33.78 18.59 -36.56
N ARG E 34 32.45 18.47 -36.63
CA ARG E 34 31.59 19.63 -36.68
C ARG E 34 31.11 20.06 -35.29
N GLY E 35 31.67 19.45 -34.23
CA GLY E 35 31.31 19.82 -32.87
C GLY E 35 29.88 19.49 -32.49
N GLY E 36 29.29 18.48 -33.11
CA GLY E 36 27.95 18.07 -32.75
C GLY E 36 27.91 17.28 -31.46
N SER E 37 26.77 17.37 -30.76
CA SER E 37 26.58 16.65 -29.52
C SER E 37 25.95 15.28 -29.75
N ASP E 38 25.05 15.18 -30.74
CA ASP E 38 24.33 13.94 -31.01
C ASP E 38 24.16 13.77 -32.50
N LEU E 39 24.29 12.52 -32.96
CA LEU E 39 23.99 12.14 -34.33
C LEU E 39 22.71 11.30 -34.35
N HIS E 40 21.78 11.67 -35.23
CA HIS E 40 20.49 11.02 -35.36
C HIS E 40 20.41 10.35 -36.72
N LEU E 41 20.04 9.06 -36.73
CA LEU E 41 19.86 8.28 -37.95
C LEU E 41 18.47 7.66 -37.94
N THR E 42 17.64 8.03 -38.91
CA THR E 42 16.29 7.46 -39.00
C THR E 42 15.83 7.53 -40.45
N THR E 43 14.81 6.73 -40.74
CA THR E 43 14.35 6.59 -42.12
C THR E 43 13.65 7.86 -42.61
N ASN E 44 13.76 8.06 -43.92
CA ASN E 44 13.15 9.14 -44.70
C ASN E 44 13.75 10.49 -44.38
N SER E 45 14.85 10.53 -43.63
CA SER E 45 15.64 11.71 -43.40
C SER E 45 17.11 11.40 -43.62
N PRO E 46 17.89 12.37 -44.10
CA PRO E 46 19.34 12.22 -44.09
C PRO E 46 19.85 12.18 -42.66
N PRO E 47 21.08 11.74 -42.44
CA PRO E 47 21.68 11.87 -41.10
C PRO E 47 21.65 13.31 -40.63
N GLN E 48 21.31 13.50 -39.35
CA GLN E 48 21.21 14.84 -38.77
C GLN E 48 22.07 14.95 -37.53
N ILE E 49 22.68 16.12 -37.33
CA ILE E 49 23.55 16.36 -36.19
C ILE E 49 23.06 17.54 -35.36
N ARG E 50 23.12 17.38 -34.04
CA ARG E 50 22.77 18.40 -33.07
C ARG E 50 24.01 19.22 -32.74
N ILE E 51 23.99 20.50 -33.04
CA ILE E 51 25.13 21.34 -32.69
C ILE E 51 24.61 22.41 -31.75
N ASP E 52 25.12 22.42 -30.52
CA ASP E 52 24.71 23.41 -29.52
C ASP E 52 23.19 23.43 -29.38
N GLY E 53 22.58 22.26 -29.47
CA GLY E 53 21.16 22.10 -29.29
C GLY E 53 20.31 22.11 -30.54
N LYS E 54 20.82 22.52 -31.71
CA LYS E 54 19.96 22.64 -32.87
C LYS E 54 20.35 21.63 -33.95
N LEU E 55 19.34 21.02 -34.58
CA LEU E 55 19.55 20.01 -35.61
C LEU E 55 19.91 20.58 -36.98
N LEU E 56 20.83 19.90 -37.66
CA LEU E 56 21.27 20.20 -39.02
C LEU E 56 21.35 18.92 -39.85
N PRO E 57 20.68 18.86 -41.00
CA PRO E 57 20.82 17.69 -41.86
C PRO E 57 22.15 17.75 -42.62
N LEU E 58 22.77 16.58 -42.76
CA LEU E 58 23.98 16.47 -43.57
C LEU E 58 23.62 16.41 -45.05
N ASP E 59 24.55 16.85 -45.89
CA ASP E 59 24.32 16.90 -47.33
C ASP E 59 24.48 15.50 -47.93
N MET E 60 23.48 14.66 -47.66
CA MET E 60 23.47 13.27 -48.06
C MET E 60 22.05 12.88 -48.42
N PRO E 61 21.87 11.81 -49.20
CA PRO E 61 20.51 11.35 -49.50
C PRO E 61 19.82 10.85 -48.25
N PRO E 62 18.49 10.90 -48.21
CA PRO E 62 17.75 10.35 -47.08
C PRO E 62 17.97 8.85 -46.97
N LEU E 63 17.94 8.37 -45.73
CA LEU E 63 18.14 6.94 -45.48
C LEU E 63 16.84 6.16 -45.68
N ASN E 64 16.99 4.90 -46.03
CA ASN E 64 15.87 3.95 -46.03
C ASN E 64 16.07 2.96 -44.89
N ALA E 65 15.15 2.00 -44.78
CA ALA E 65 15.23 1.05 -43.68
C ALA E 65 16.47 0.17 -43.80
N VAL E 66 16.86 -0.19 -45.04
CA VAL E 66 18.08 -0.96 -45.25
C VAL E 66 19.30 -0.17 -44.77
N ASP E 67 19.33 1.13 -45.04
CA ASP E 67 20.47 1.95 -44.67
C ASP E 67 20.58 2.04 -43.15
N THR E 68 19.47 2.39 -42.49
CA THR E 68 19.49 2.57 -41.05
C THR E 68 19.85 1.27 -40.35
N LYS E 69 19.30 0.14 -40.85
CA LYS E 69 19.63 -1.14 -40.23
C LYS E 69 21.10 -1.52 -40.38
N GLN E 70 21.66 -1.36 -41.59
CA GLN E 70 23.05 -1.75 -41.78
C GLN E 70 23.99 -0.85 -40.97
N LEU E 71 23.71 0.47 -40.98
CA LEU E 71 24.55 1.43 -40.29
C LEU E 71 24.51 1.20 -38.78
N CYS E 72 23.32 1.04 -38.19
CA CYS E 72 23.27 0.86 -36.74
C CYS E 72 23.85 -0.50 -36.33
N TYR E 73 23.61 -1.54 -37.13
CA TYR E 73 24.14 -2.86 -36.81
C TYR E 73 25.66 -2.93 -36.93
N SER E 74 26.26 -2.03 -37.73
CA SER E 74 27.70 -2.05 -37.95
C SER E 74 28.55 -1.80 -36.71
N ILE E 75 27.98 -1.27 -35.63
CA ILE E 75 28.76 -0.97 -34.44
C ILE E 75 28.32 -1.82 -33.24
N LEU E 76 27.59 -2.90 -33.50
CA LEU E 76 27.11 -3.80 -32.46
C LEU E 76 27.80 -5.14 -32.52
N THR E 77 27.98 -5.75 -31.35
CA THR E 77 28.39 -7.14 -31.27
C THR E 77 27.20 -8.05 -31.58
N GLU E 78 27.50 -9.33 -31.79
CA GLU E 78 26.44 -10.30 -32.08
C GLU E 78 25.48 -10.41 -30.90
N GLN E 79 26.01 -10.46 -29.69
CA GLN E 79 25.16 -10.48 -28.50
C GLN E 79 24.27 -9.25 -28.45
N GLN E 80 24.83 -8.08 -28.76
CA GLN E 80 24.03 -6.86 -28.75
C GLN E 80 23.00 -6.86 -29.87
N LYS E 81 23.34 -7.43 -31.03
CA LYS E 81 22.37 -7.54 -32.12
C LYS E 81 21.20 -8.40 -31.72
N HIS E 82 21.48 -9.57 -31.15
CA HIS E 82 20.42 -10.45 -30.67
C HIS E 82 19.60 -9.81 -29.57
N LYS E 83 20.25 -9.02 -28.68
CA LYS E 83 19.50 -8.30 -27.65
C LYS E 83 18.56 -7.26 -28.24
N PHE E 84 19.04 -6.52 -29.24
CA PHE E 84 18.18 -5.55 -29.92
C PHE E 84 17.02 -6.24 -30.60
N GLU E 85 17.29 -7.38 -31.25
CA GLU E 85 16.23 -8.09 -31.95
C GLU E 85 15.25 -8.74 -30.99
N GLU E 86 15.68 -8.99 -29.75
CA GLU E 86 14.79 -9.53 -28.73
C GLU E 86 13.91 -8.44 -28.12
N ASN E 87 14.41 -7.20 -28.04
CA ASN E 87 13.70 -6.16 -27.31
C ASN E 87 13.30 -4.95 -28.13
N ASN E 88 13.82 -4.78 -29.35
CA ASN E 88 13.64 -3.58 -30.17
C ASN E 88 14.17 -2.34 -29.45
N GLU E 89 15.01 -2.55 -28.44
CA GLU E 89 15.68 -1.50 -27.70
C GLU E 89 17.10 -1.93 -27.36
N LEU E 90 18.02 -0.98 -27.31
CA LEU E 90 19.38 -1.30 -26.91
C LEU E 90 20.12 -0.03 -26.52
N ASP E 91 20.67 -0.02 -25.31
CA ASP E 91 21.65 0.95 -24.83
C ASP E 91 23.05 0.34 -24.81
N LEU E 92 24.03 1.13 -25.19
CA LEU E 92 25.41 0.63 -25.23
C LEU E 92 26.35 1.82 -25.25
N SER E 93 27.62 1.55 -24.99
CA SER E 93 28.64 2.56 -25.19
C SER E 93 29.80 1.93 -25.96
N PHE E 94 30.53 2.77 -26.67
CA PHE E 94 31.64 2.26 -27.46
C PHE E 94 32.62 3.40 -27.74
N GLY E 95 33.83 3.02 -28.12
CA GLY E 95 34.87 3.98 -28.42
C GLY E 95 35.43 3.84 -29.83
N ILE E 96 35.86 4.96 -30.38
CA ILE E 96 36.61 4.96 -31.63
C ILE E 96 37.97 5.52 -31.26
N LYS E 97 39.00 4.67 -31.35
CA LYS E 97 40.33 5.00 -30.87
C LYS E 97 40.88 6.23 -31.58
N GLY E 98 41.42 7.17 -30.81
CA GLY E 98 41.95 8.37 -31.40
C GLY E 98 40.89 9.36 -31.81
N LEU E 99 39.61 9.04 -31.59
CA LEU E 99 38.51 9.91 -31.99
C LEU E 99 37.67 10.30 -30.78
N SER E 100 36.83 9.42 -30.24
CA SER E 100 35.91 9.84 -29.19
C SER E 100 35.24 8.63 -28.56
N ARG E 101 34.61 8.86 -27.40
CA ARG E 101 33.67 7.89 -26.87
C ARG E 101 32.24 8.23 -27.28
N PHE E 102 31.37 7.23 -27.22
CA PHE E 102 29.99 7.41 -27.64
C PHE E 102 29.03 6.60 -26.79
N ARG E 103 27.86 7.19 -26.58
CA ARG E 103 26.69 6.51 -26.05
C ARG E 103 25.74 6.23 -27.20
N GLY E 104 25.34 4.98 -27.37
CA GLY E 104 24.48 4.62 -28.48
C GLY E 104 23.16 4.14 -27.90
N ASN E 105 22.07 4.47 -28.60
CA ASN E 105 20.76 3.88 -28.40
C ASN E 105 20.22 3.45 -29.74
N VAL E 106 19.77 2.21 -29.83
CA VAL E 106 19.16 1.71 -31.06
C VAL E 106 17.72 1.34 -30.73
N PHE E 107 16.79 1.71 -31.61
CA PHE E 107 15.38 1.41 -31.40
C PHE E 107 14.70 1.20 -32.75
N VAL E 108 13.38 1.04 -32.71
CA VAL E 108 12.56 0.80 -33.89
C VAL E 108 11.45 1.84 -33.92
N GLN E 109 11.20 2.40 -35.10
CA GLN E 109 10.13 3.35 -35.36
C GLN E 109 9.59 3.14 -36.76
N ARG E 110 8.26 3.16 -36.89
CA ARG E 110 7.59 2.95 -38.18
C ARG E 110 8.06 1.64 -38.82
N GLY E 111 8.35 0.65 -37.99
CA GLY E 111 8.80 -0.63 -38.51
C GLY E 111 10.23 -0.66 -39.02
N ALA E 112 11.03 0.36 -38.73
CA ALA E 112 12.38 0.46 -39.26
C ALA E 112 13.35 0.84 -38.14
N VAL E 113 14.62 0.51 -38.35
CA VAL E 113 15.65 0.81 -37.35
C VAL E 113 15.93 2.30 -37.30
N ALA E 114 16.17 2.81 -36.09
CA ALA E 114 16.62 4.17 -35.85
C ALA E 114 17.69 4.12 -34.78
N GLY E 115 18.53 5.14 -34.76
CA GLY E 115 19.66 5.17 -33.83
C GLY E 115 20.01 6.58 -33.46
N VAL E 116 20.46 6.74 -32.22
CA VAL E 116 20.98 8.01 -31.71
C VAL E 116 22.33 7.77 -31.04
N PHE E 117 23.26 8.69 -31.25
CA PHE E 117 24.63 8.49 -30.75
C PHE E 117 25.08 9.81 -30.14
N ARG E 118 25.50 9.76 -28.88
CA ARG E 118 25.89 10.94 -28.11
C ARG E 118 27.40 10.94 -27.93
N VAL E 119 28.00 12.12 -28.03
CA VAL E 119 29.45 12.26 -27.91
C VAL E 119 29.84 12.26 -26.44
N ILE E 120 30.87 11.50 -26.09
CA ILE E 120 31.56 11.60 -24.83
C ILE E 120 33.00 12.01 -25.13
N PRO E 121 33.34 13.29 -24.96
CA PRO E 121 34.66 13.79 -25.33
C PRO E 121 35.82 13.26 -24.49
N TYR E 122 36.98 13.14 -25.15
CA TYR E 122 38.22 12.81 -24.44
C TYR E 122 38.79 13.97 -23.62
N LYS E 123 38.64 15.21 -24.12
CA LYS E 123 39.22 16.40 -23.48
C LYS E 123 38.29 17.28 -22.66
N ILE E 124 38.63 17.45 -21.38
CA ILE E 124 37.86 18.31 -20.49
C ILE E 124 38.34 19.75 -20.65
N LEU E 125 37.43 20.69 -20.88
CA LEU E 125 37.88 22.08 -21.01
C LEU E 125 38.11 22.70 -19.62
N SER E 126 38.89 23.77 -19.59
CA SER E 126 39.26 24.44 -18.34
C SER E 126 38.14 25.37 -17.89
N PHE E 127 38.30 25.93 -16.68
CA PHE E 127 37.27 26.84 -16.15
C PHE E 127 37.16 28.06 -17.06
N GLU E 128 38.31 28.63 -17.44
CA GLU E 128 38.31 29.82 -18.26
C GLU E 128 37.83 29.52 -19.67
N GLU E 129 38.14 28.33 -20.19
CA GLU E 129 37.61 27.93 -21.49
C GLU E 129 36.10 27.77 -21.47
N LEU E 130 35.53 27.32 -20.35
CA LEU E 130 34.09 27.14 -20.23
C LEU E 130 33.34 28.41 -19.85
N GLY E 131 34.02 29.50 -19.54
CA GLY E 131 33.28 30.69 -19.14
C GLY E 131 32.78 30.68 -17.72
N LEU E 132 33.40 29.91 -16.84
CA LEU E 132 32.96 29.81 -15.46
C LEU E 132 33.66 30.88 -14.61
N PRO E 133 32.92 31.58 -13.76
CA PRO E 133 33.51 32.68 -12.98
C PRO E 133 34.46 32.17 -11.91
N PRO E 134 35.32 33.06 -11.37
CA PRO E 134 36.32 32.62 -10.37
C PRO E 134 35.71 31.97 -9.13
N VAL E 135 34.45 32.25 -8.82
CA VAL E 135 33.86 31.65 -7.63
C VAL E 135 33.79 30.14 -7.78
N VAL E 136 33.68 29.64 -9.02
CA VAL E 136 33.70 28.19 -9.22
C VAL E 136 35.06 27.64 -8.87
N ARG E 137 36.11 28.41 -9.18
CA ARG E 137 37.45 28.00 -8.82
C ARG E 137 37.60 27.96 -7.30
N GLU E 138 36.98 28.92 -6.59
CA GLU E 138 37.09 28.84 -5.14
C GLU E 138 36.26 27.68 -4.58
N LEU E 139 35.15 27.33 -5.27
CA LEU E 139 34.35 26.18 -4.87
C LEU E 139 35.11 24.86 -5.03
N ALA E 140 35.99 24.77 -6.02
CA ALA E 140 36.75 23.54 -6.17
C ALA E 140 37.73 23.31 -5.03
N GLU E 141 37.98 24.31 -4.19
CA GLU E 141 38.86 24.23 -3.04
C GLU E 141 38.12 23.99 -1.73
N LYS E 142 36.78 23.89 -1.75
CA LYS E 142 36.01 23.70 -0.52
C LYS E 142 36.38 22.35 0.09
N PRO E 143 36.64 22.27 1.41
CA PRO E 143 37.01 20.99 2.03
C PRO E 143 35.89 20.00 2.27
N ARG E 144 34.67 20.46 2.51
CA ARG E 144 33.58 19.52 2.80
C ARG E 144 32.29 20.23 2.46
N GLY E 145 31.22 19.48 2.33
CA GLY E 145 29.91 20.07 2.13
C GLY E 145 29.24 19.57 0.87
N LEU E 146 28.08 20.15 0.59
CA LEU E 146 27.28 19.77 -0.55
C LEU E 146 27.29 20.93 -1.55
N VAL E 147 27.73 20.64 -2.78
CA VAL E 147 27.75 21.58 -3.89
C VAL E 147 26.88 21.02 -5.00
N LEU E 148 25.90 21.80 -5.44
CA LEU E 148 24.93 21.34 -6.44
C LEU E 148 25.10 22.11 -7.75
N VAL E 149 25.18 21.37 -8.85
CA VAL E 149 25.25 21.96 -10.19
C VAL E 149 23.97 21.53 -10.91
N THR E 150 23.10 22.48 -11.19
CA THR E 150 21.77 22.18 -11.68
C THR E 150 21.51 22.86 -13.02
N GLY E 151 20.44 22.42 -13.67
CA GLY E 151 20.02 22.95 -14.94
C GLY E 151 19.33 21.88 -15.74
N PRO E 152 18.75 22.24 -16.88
CA PRO E 152 18.08 21.25 -17.72
C PRO E 152 19.10 20.31 -18.35
N THR E 153 18.57 19.28 -19.01
CA THR E 153 19.40 18.30 -19.68
C THR E 153 20.26 18.98 -20.74
N GLY E 154 21.55 18.65 -20.75
CA GLY E 154 22.49 19.17 -21.71
C GLY E 154 22.82 20.64 -21.53
N SER E 155 22.78 21.13 -20.29
CA SER E 155 23.04 22.53 -19.99
C SER E 155 24.47 22.72 -19.51
N GLY E 156 25.31 21.71 -19.66
CA GLY E 156 26.70 21.78 -19.31
C GLY E 156 27.02 21.27 -17.92
N LYS E 157 26.08 20.58 -17.26
CA LYS E 157 26.26 20.22 -15.86
C LYS E 157 27.41 19.24 -15.69
N SER E 158 27.42 18.17 -16.48
CA SER E 158 28.48 17.17 -16.39
C SER E 158 29.83 17.77 -16.77
N THR E 159 29.83 18.67 -17.75
CA THR E 159 31.09 19.29 -18.16
C THR E 159 31.69 20.17 -17.07
N THR E 160 30.85 20.97 -16.42
CA THR E 160 31.30 21.78 -15.28
C THR E 160 31.79 20.89 -14.15
N LEU E 161 31.03 19.84 -13.84
CA LEU E 161 31.43 18.93 -12.76
C LEU E 161 32.75 18.26 -13.08
N ALA E 162 32.96 17.88 -14.35
CA ALA E 162 34.21 17.26 -14.74
C ALA E 162 35.37 18.23 -14.61
N ALA E 163 35.14 19.51 -14.90
CA ALA E 163 36.21 20.50 -14.74
C ALA E 163 36.57 20.67 -13.26
N ILE E 164 35.57 20.71 -12.38
CA ILE E 164 35.83 20.85 -10.95
C ILE E 164 36.56 19.62 -10.43
N ILE E 165 36.12 18.43 -10.84
CA ILE E 165 36.75 17.20 -10.37
C ILE E 165 38.17 17.10 -10.90
N ASP E 166 38.41 17.56 -12.14
CA ASP E 166 39.75 17.56 -12.67
C ASP E 166 40.66 18.51 -11.89
N LYS E 167 40.11 19.64 -11.43
CA LYS E 167 40.92 20.54 -10.63
C LYS E 167 41.26 19.92 -9.27
N ILE E 168 40.29 19.26 -8.64
CA ILE E 168 40.57 18.57 -7.38
C ILE E 168 41.63 17.48 -7.59
N ASN E 169 41.46 16.68 -8.64
CA ASN E 169 42.44 15.65 -8.98
C ASN E 169 43.83 16.24 -9.16
N THR E 170 43.90 17.44 -9.75
CA THR E 170 45.20 18.06 -10.01
C THR E 170 45.84 18.58 -8.73
N ASP E 171 45.04 19.12 -7.80
CA ASP E 171 45.60 19.92 -6.73
C ASP E 171 45.70 19.18 -5.39
N ARG E 172 44.90 18.13 -5.18
CA ARG E 172 44.78 17.47 -3.88
C ARG E 172 45.33 16.04 -3.94
N HIS E 173 45.69 15.54 -2.76
CA HIS E 173 46.08 14.14 -2.57
C HIS E 173 44.98 13.40 -1.80
N GLU E 174 43.82 13.25 -2.44
CA GLU E 174 42.64 12.69 -1.79
C GLU E 174 41.99 11.63 -2.69
N HIS E 175 40.93 11.00 -2.18
CA HIS E 175 40.27 9.90 -2.86
C HIS E 175 38.93 10.40 -3.41
N ILE E 176 38.80 10.39 -4.74
CA ILE E 176 37.58 10.79 -5.43
C ILE E 176 36.89 9.54 -5.94
N VAL E 177 35.61 9.40 -5.61
CA VAL E 177 34.78 8.31 -6.12
C VAL E 177 33.58 8.92 -6.84
N THR E 178 33.33 8.44 -8.06
CA THR E 178 32.15 8.84 -8.81
C THR E 178 31.25 7.64 -9.09
N VAL E 179 29.94 7.87 -9.06
CA VAL E 179 28.92 6.89 -9.43
C VAL E 179 28.10 7.50 -10.56
N GLU E 180 28.07 6.82 -11.71
CA GLU E 180 27.54 7.42 -12.93
C GLU E 180 26.72 6.39 -13.69
N ASP E 181 25.70 6.88 -14.38
CA ASP E 181 24.79 6.04 -15.17
C ASP E 181 24.52 6.77 -16.48
N PRO E 182 25.42 6.65 -17.46
CA PRO E 182 26.69 5.92 -17.42
C PRO E 182 27.87 6.82 -17.09
N ILE E 183 29.07 6.25 -17.05
CA ILE E 183 30.28 7.07 -16.88
C ILE E 183 30.44 7.96 -18.11
N GLU E 184 30.57 9.26 -17.88
CA GLU E 184 30.74 10.16 -19.01
C GLU E 184 32.20 10.61 -19.14
N TYR E 185 32.57 11.70 -18.47
CA TYR E 185 33.96 12.15 -18.50
C TYR E 185 34.85 11.20 -17.71
N LEU E 186 36.00 10.86 -18.29
CA LEU E 186 37.01 10.07 -17.60
C LEU E 186 38.06 10.94 -16.93
N HIS E 187 38.40 10.59 -15.68
CA HIS E 187 39.40 11.30 -14.88
C HIS E 187 40.55 10.35 -14.53
N PRO E 188 41.55 10.22 -15.37
CA PRO E 188 42.72 9.42 -14.99
C PRO E 188 43.42 10.02 -13.77
N HIS E 189 44.08 9.15 -13.01
CA HIS E 189 44.75 9.59 -11.79
C HIS E 189 45.76 10.70 -12.08
N LYS E 190 45.71 11.77 -11.28
CA LYS E 190 46.74 12.79 -11.30
C LYS E 190 47.43 12.74 -9.95
N SER E 191 47.11 13.64 -9.01
CA SER E 191 47.61 13.52 -7.65
C SER E 191 46.65 12.75 -6.75
N CYS E 192 45.39 12.66 -7.14
CA CYS E 192 44.36 11.91 -6.42
C CYS E 192 44.27 10.47 -6.91
N VAL E 193 43.60 9.63 -6.12
CA VAL E 193 43.11 8.34 -6.58
C VAL E 193 41.65 8.50 -6.98
N VAL E 194 41.33 8.20 -8.24
CA VAL E 194 40.00 8.40 -8.80
C VAL E 194 39.41 7.05 -9.17
N ASN E 195 38.30 6.68 -8.55
CA ASN E 195 37.55 5.47 -8.86
C ASN E 195 36.17 5.84 -9.41
N GLN E 196 35.80 5.26 -10.56
CA GLN E 196 34.55 5.57 -11.26
C GLN E 196 33.72 4.31 -11.47
N ARG E 197 32.51 4.30 -10.92
CA ARG E 197 31.61 3.15 -10.93
C ARG E 197 30.43 3.42 -11.86
N GLU E 198 30.22 2.54 -12.84
CA GLU E 198 29.11 2.66 -13.78
C GLU E 198 27.96 1.80 -13.29
N VAL E 199 26.78 2.40 -13.14
CA VAL E 199 25.59 1.66 -12.74
C VAL E 199 25.22 0.65 -13.83
N GLY E 200 24.90 -0.57 -13.40
CA GLY E 200 24.55 -1.63 -14.33
C GLY E 200 25.71 -2.49 -14.77
N ALA E 201 26.93 -2.15 -14.38
CA ALA E 201 28.10 -2.95 -14.72
C ALA E 201 29.03 -3.04 -13.51
N ASP E 202 29.55 -1.90 -13.07
CA ASP E 202 30.41 -1.89 -11.89
C ASP E 202 29.62 -2.07 -10.61
N THR E 203 28.41 -1.50 -10.55
CA THR E 203 27.57 -1.57 -9.37
C THR E 203 26.12 -1.75 -9.80
N LYS E 204 25.34 -2.39 -8.92
CA LYS E 204 23.97 -2.74 -9.27
C LYS E 204 23.09 -1.51 -9.42
N SER E 205 23.31 -0.48 -8.61
CA SER E 205 22.40 0.68 -8.56
C SER E 205 23.07 1.82 -7.79
N PHE E 206 22.46 3.01 -7.88
CA PHE E 206 22.88 4.11 -7.01
C PHE E 206 22.77 3.71 -5.55
N LYS E 207 21.70 2.97 -5.20
CA LYS E 207 21.50 2.58 -3.81
C LYS E 207 22.64 1.69 -3.31
N ASN E 208 23.10 0.76 -4.13
CA ASN E 208 24.15 -0.15 -3.68
C ASN E 208 25.50 0.55 -3.57
N ALA E 209 25.81 1.41 -4.54
CA ALA E 209 27.05 2.18 -4.46
C ALA E 209 27.05 3.06 -3.23
N LEU E 210 25.93 3.75 -2.98
CA LEU E 210 25.86 4.59 -1.80
C LEU E 210 25.83 3.77 -0.51
N LYS E 211 25.41 2.50 -0.59
CA LYS E 211 25.38 1.64 0.58
C LYS E 211 26.79 1.31 1.02
N TYR E 212 27.73 1.26 0.07
CA TYR E 212 29.09 0.86 0.42
C TYR E 212 30.08 2.00 0.33
N ILE E 213 29.66 3.18 -0.14
CA ILE E 213 30.60 4.25 -0.44
C ILE E 213 31.25 4.80 0.84
N LEU E 214 30.54 4.75 1.96
CA LEU E 214 31.08 5.24 3.22
C LEU E 214 32.16 4.36 3.82
N ARG E 215 32.22 3.09 3.41
CA ARG E 215 33.25 2.16 3.86
C ARG E 215 34.45 2.12 2.91
N GLN E 216 34.50 3.03 1.94
CA GLN E 216 35.56 3.06 0.93
C GLN E 216 36.51 4.25 1.11
N ASP E 217 36.47 4.89 2.29
CA ASP E 217 37.37 5.97 2.65
C ASP E 217 37.43 7.10 1.62
N PRO E 218 36.28 7.65 1.20
CA PRO E 218 36.32 8.76 0.24
C PRO E 218 36.53 10.10 0.92
N ASP E 219 37.00 11.05 0.11
CA ASP E 219 37.05 12.47 0.50
C ASP E 219 36.12 13.33 -0.34
N VAL E 220 36.02 13.04 -1.63
CA VAL E 220 35.16 13.77 -2.57
C VAL E 220 34.33 12.73 -3.31
N VAL E 221 33.02 12.98 -3.43
CA VAL E 221 32.11 12.02 -4.03
C VAL E 221 31.21 12.73 -5.04
N LEU E 222 31.09 12.15 -6.22
CA LEU E 222 30.13 12.54 -7.26
C LEU E 222 29.04 11.48 -7.32
N VAL E 223 27.80 11.88 -7.11
CA VAL E 223 26.72 10.90 -7.01
C VAL E 223 25.78 10.96 -8.18
N GLY E 224 26.00 11.85 -9.16
CA GLY E 224 25.11 11.88 -10.29
C GLY E 224 23.80 12.59 -9.97
N GLU E 225 22.77 12.15 -10.67
CA GLU E 225 21.45 12.78 -10.56
C GLU E 225 20.83 12.37 -9.24
N LEU E 226 20.14 13.31 -8.60
CA LEU E 226 19.34 13.05 -7.39
C LEU E 226 18.03 12.38 -7.78
N ARG E 227 18.15 11.08 -8.06
CA ARG E 227 17.07 10.35 -8.71
C ARG E 227 15.98 9.89 -7.76
N ASP E 228 16.27 9.62 -6.48
CA ASP E 228 15.23 9.15 -5.57
C ASP E 228 15.50 9.68 -4.15
N LEU E 229 14.57 9.37 -3.24
CA LEU E 229 14.72 9.80 -1.85
C LEU E 229 15.99 9.23 -1.25
N GLU E 230 16.32 7.98 -1.62
CA GLU E 230 17.48 7.31 -1.07
C GLU E 230 18.77 8.07 -1.42
N THR E 231 18.90 8.47 -2.68
CA THR E 231 20.08 9.22 -3.10
C THR E 231 20.14 10.58 -2.41
N ILE E 232 18.98 11.22 -2.23
CA ILE E 232 18.93 12.49 -1.52
C ILE E 232 19.42 12.33 -0.09
N GLU E 233 18.97 11.28 0.59
CA GLU E 233 19.39 11.01 1.97
C GLU E 233 20.88 10.70 2.01
N ALA E 234 21.38 10.01 0.99
CA ALA E 234 22.81 9.71 0.91
C ALA E 234 23.62 11.00 0.78
N ALA E 235 23.13 11.96 0.00
CA ALA E 235 23.87 13.20 -0.17
C ALA E 235 23.88 14.00 1.14
N LEU E 236 22.74 14.00 1.85
CA LEU E 236 22.71 14.68 3.15
C LEU E 236 23.65 13.99 4.14
N THR E 237 23.73 12.66 4.08
CA THR E 237 24.65 11.94 4.96
C THR E 237 26.10 12.24 4.63
N LEU E 238 26.45 12.26 3.33
CA LEU E 238 27.81 12.60 2.91
C LEU E 238 28.19 13.99 3.39
N ALA E 239 27.31 14.96 3.18
CA ALA E 239 27.63 16.32 3.57
C ALA E 239 27.70 16.44 5.09
N GLU E 240 27.03 15.56 5.83
CA GLU E 240 27.09 15.63 7.28
C GLU E 240 28.31 14.90 7.84
N THR E 241 28.85 13.92 7.11
CA THR E 241 29.95 13.11 7.63
C THR E 241 31.33 13.62 7.24
N GLY E 242 31.47 14.89 6.86
CA GLY E 242 32.78 15.45 6.60
C GLY E 242 33.28 15.37 5.18
N HIS E 243 32.43 15.10 4.20
CA HIS E 243 32.82 14.97 2.81
C HIS E 243 32.27 16.09 1.93
N LEU E 244 32.94 16.30 0.80
CA LEU E 244 32.47 17.18 -0.26
C LEU E 244 31.70 16.35 -1.30
N CYS E 245 30.41 16.61 -1.43
CA CYS E 245 29.51 15.84 -2.28
C CYS E 245 29.01 16.68 -3.46
N PHE E 246 29.13 16.12 -4.65
CA PHE E 246 28.62 16.74 -5.87
C PHE E 246 27.43 15.96 -6.39
N ALA E 247 26.38 16.69 -6.78
CA ALA E 247 25.16 16.10 -7.30
C ALA E 247 24.53 17.06 -8.30
N THR E 248 23.60 16.54 -9.09
CA THR E 248 22.90 17.37 -10.06
C THR E 248 21.41 17.37 -9.81
N LEU E 249 20.77 18.43 -10.27
CA LEU E 249 19.32 18.50 -10.34
C LEU E 249 18.97 19.15 -11.66
N HIS E 250 17.73 18.94 -12.10
CA HIS E 250 17.27 19.58 -13.32
C HIS E 250 16.47 20.85 -13.06
N THR E 251 16.70 21.51 -11.93
CA THR E 251 16.09 22.79 -11.61
C THR E 251 16.84 23.93 -12.29
N ASN E 252 16.20 25.10 -12.36
CA ASN E 252 16.72 26.21 -13.16
C ASN E 252 17.23 27.37 -12.32
N SER E 253 17.12 27.31 -11.00
CA SER E 253 17.59 28.41 -10.17
C SER E 253 17.91 27.87 -8.78
N ALA E 254 18.65 28.68 -8.02
CA ALA E 254 19.02 28.29 -6.67
C ALA E 254 17.79 28.11 -5.78
N VAL E 255 16.88 29.09 -5.82
CA VAL E 255 15.69 29.03 -4.99
C VAL E 255 14.80 27.86 -5.41
N GLN E 256 14.60 27.70 -6.72
CA GLN E 256 13.83 26.57 -7.23
C GLN E 256 14.47 25.24 -6.85
N THR E 257 15.80 25.20 -6.83
CA THR E 257 16.50 23.97 -6.45
C THR E 257 16.25 23.65 -4.99
N ILE E 258 16.38 24.65 -4.11
CA ILE E 258 16.20 24.41 -2.69
C ILE E 258 14.76 24.00 -2.39
N ASN E 259 13.79 24.68 -3.00
CA ASN E 259 12.40 24.31 -2.78
C ASN E 259 12.12 22.90 -3.27
N ARG E 260 12.66 22.55 -4.45
CA ARG E 260 12.46 21.22 -5.00
C ARG E 260 13.01 20.17 -4.06
N ILE E 261 14.20 20.42 -3.50
CA ILE E 261 14.84 19.46 -2.61
C ILE E 261 14.02 19.27 -1.35
N VAL E 262 13.54 20.36 -0.76
CA VAL E 262 12.80 20.25 0.49
C VAL E 262 11.45 19.57 0.26
N ASP E 263 10.76 19.94 -0.81
CA ASP E 263 9.37 19.55 -1.00
C ASP E 263 9.19 18.08 -1.38
N VAL E 264 10.26 17.36 -1.73
CA VAL E 264 10.10 15.94 -2.02
C VAL E 264 9.87 15.10 -0.77
N PHE E 265 10.18 15.62 0.41
CA PHE E 265 10.05 14.88 1.65
C PHE E 265 8.68 15.07 2.28
N PRO E 266 8.23 14.08 3.06
CA PRO E 266 7.00 14.26 3.84
C PRO E 266 7.11 15.46 4.77
N SER E 267 5.96 16.05 5.09
CA SER E 267 5.95 17.33 5.81
C SER E 267 6.65 17.22 7.15
N TYR E 268 6.55 16.07 7.82
CA TYR E 268 7.14 15.91 9.13
C TYR E 268 8.66 15.84 9.09
N GLN E 269 9.23 15.46 7.96
CA GLN E 269 10.67 15.37 7.87
C GLN E 269 11.32 16.58 7.19
N GLN E 270 10.52 17.50 6.64
CA GLN E 270 11.09 18.72 6.08
C GLN E 270 11.86 19.60 7.07
N PRO E 271 11.46 19.71 8.35
CA PRO E 271 12.32 20.46 9.30
C PRO E 271 13.76 19.96 9.37
N GLN E 272 13.93 18.64 9.45
CA GLN E 272 15.27 18.07 9.48
C GLN E 272 16.00 18.34 8.17
N VAL E 273 15.32 18.17 7.04
CA VAL E 273 15.96 18.37 5.75
C VAL E 273 16.44 19.81 5.61
N ARG E 274 15.61 20.77 6.05
CA ARG E 274 16.01 22.18 6.03
C ARG E 274 17.19 22.46 6.96
N ALA E 275 17.22 21.83 8.14
CA ALA E 275 18.35 22.03 9.04
C ALA E 275 19.63 21.46 8.46
N GLN E 276 19.54 20.28 7.86
CA GLN E 276 20.70 19.68 7.22
C GLN E 276 21.21 20.57 6.10
N LEU E 277 20.31 21.01 5.19
CA LEU E 277 20.73 21.90 4.12
C LEU E 277 21.36 23.19 4.66
N SER E 278 20.78 23.77 5.70
CA SER E 278 21.33 25.00 6.28
C SER E 278 22.73 24.78 6.83
N PHE E 279 23.02 23.56 7.28
CA PHE E 279 24.34 23.32 7.85
C PHE E 279 25.37 22.99 6.76
N VAL E 280 25.01 22.14 5.81
CA VAL E 280 25.97 21.54 4.90
C VAL E 280 26.12 22.24 3.54
N LEU E 281 25.15 23.03 3.11
CA LEU E 281 25.21 23.63 1.78
C LEU E 281 26.37 24.60 1.64
N GLU E 282 27.19 24.39 0.60
CA GLU E 282 28.33 25.26 0.31
C GLU E 282 28.25 25.95 -1.04
N GLY E 283 27.35 25.53 -1.94
CA GLY E 283 27.22 26.18 -3.23
C GLY E 283 26.11 25.61 -4.10
N VAL E 284 25.42 26.49 -4.84
CA VAL E 284 24.42 26.09 -5.82
C VAL E 284 24.72 26.80 -7.15
N LEU E 285 24.91 26.02 -8.20
CA LEU E 285 25.13 26.52 -9.55
C LEU E 285 23.97 26.06 -10.44
N SER E 286 23.34 27.00 -11.13
CA SER E 286 22.24 26.68 -12.04
C SER E 286 22.61 27.18 -13.43
N GLN E 287 22.85 26.25 -14.35
CA GLN E 287 23.37 26.59 -15.67
C GLN E 287 22.31 26.45 -16.75
N THR E 288 22.55 27.17 -17.85
CA THR E 288 21.81 26.99 -19.10
C THR E 288 22.70 27.48 -20.23
N LEU E 289 22.56 26.83 -21.38
CA LEU E 289 23.37 27.17 -22.55
C LEU E 289 22.51 27.98 -23.52
N LEU E 290 23.00 29.15 -23.91
CA LEU E 290 22.25 30.03 -24.79
C LEU E 290 22.99 30.16 -26.12
N PRO E 291 22.28 30.33 -27.23
CA PRO E 291 22.98 30.55 -28.49
C PRO E 291 23.73 31.86 -28.49
N LYS E 292 24.95 31.81 -29.00
CA LYS E 292 25.81 32.98 -29.09
C LYS E 292 25.24 33.93 -30.14
N ALA E 293 25.61 35.20 -29.99
CA ALA E 293 25.11 36.20 -30.92
C ALA E 293 25.62 35.90 -32.33
N SER E 294 26.80 35.28 -32.45
CA SER E 294 27.32 34.97 -33.78
C SER E 294 26.50 33.93 -34.53
N GLY E 295 25.71 33.10 -33.86
CA GLY E 295 25.00 32.07 -34.59
C GLY E 295 25.65 30.72 -34.69
N THR E 296 26.77 30.48 -34.01
CA THR E 296 27.36 29.16 -34.14
C THR E 296 27.79 28.57 -32.81
N GLY E 297 28.27 29.40 -31.90
CA GLY E 297 28.70 28.93 -30.60
C GLY E 297 27.59 29.13 -29.59
N ARG E 298 27.81 28.60 -28.41
CA ARG E 298 26.86 28.75 -27.32
C ARG E 298 27.62 29.24 -26.10
N VAL E 299 26.95 30.02 -25.27
CA VAL E 299 27.58 30.63 -24.12
C VAL E 299 26.84 30.20 -22.86
N LEU E 300 27.60 29.99 -21.79
CA LEU E 300 27.05 29.49 -20.55
C LEU E 300 26.50 30.68 -19.76
N ALA E 301 25.26 30.56 -19.32
CA ALA E 301 24.67 31.47 -18.35
C ALA E 301 24.48 30.70 -17.06
N ILE E 302 24.94 31.26 -15.95
CA ILE E 302 25.03 30.51 -14.71
C ILE E 302 24.58 31.43 -13.57
N GLU E 303 23.74 30.89 -12.71
CA GLU E 303 23.35 31.52 -11.46
C GLU E 303 24.15 30.88 -10.33
N VAL E 304 24.77 31.72 -9.50
CA VAL E 304 25.68 31.28 -8.45
C VAL E 304 25.10 31.74 -7.12
N MET E 305 24.89 30.79 -6.22
CA MET E 305 24.48 31.07 -4.84
C MET E 305 25.52 30.46 -3.91
N VAL E 306 26.17 31.31 -3.11
CA VAL E 306 27.13 30.86 -2.11
C VAL E 306 26.54 31.22 -0.74
N PRO E 307 26.24 30.23 0.10
CA PRO E 307 25.55 30.51 1.37
C PRO E 307 26.40 31.32 2.34
N ASN E 308 25.80 32.37 2.88
CA ASN E 308 26.31 33.11 4.02
C ASN E 308 25.45 32.82 5.25
N PRO E 309 25.87 33.28 6.45
CA PRO E 309 25.03 33.05 7.65
C PRO E 309 23.57 33.49 7.50
N ALA E 310 23.32 34.57 6.77
CA ALA E 310 21.95 35.05 6.58
C ALA E 310 21.14 34.06 5.75
N ILE E 311 21.75 33.54 4.69
CA ILE E 311 21.05 32.59 3.84
C ILE E 311 20.79 31.30 4.61
N ARG E 312 21.76 30.87 5.43
CA ARG E 312 21.56 29.67 6.23
C ARG E 312 20.42 29.86 7.23
N ASN E 313 20.27 31.08 7.76
CA ASN E 313 19.13 31.33 8.66
C ASN E 313 17.82 31.31 7.89
N LEU E 314 17.80 31.94 6.70
CA LEU E 314 16.59 31.90 5.88
C LEU E 314 16.19 30.47 5.55
N ILE E 315 17.19 29.61 5.35
CA ILE E 315 16.93 28.19 5.10
C ILE E 315 16.31 27.54 6.34
N ARG E 316 16.87 27.82 7.51
CA ARG E 316 16.30 27.23 8.72
C ARG E 316 14.91 27.75 9.01
N GLU E 317 14.67 29.04 8.74
CA GLU E 317 13.36 29.66 8.99
C GLU E 317 12.32 29.40 7.90
N ASP E 318 12.64 28.61 6.87
CA ASP E 318 11.73 28.36 5.75
C ASP E 318 11.32 29.65 5.05
N LYS E 319 12.28 30.54 4.82
CA LYS E 319 12.00 31.76 4.06
C LYS E 319 12.86 31.72 2.80
N ILE E 320 12.62 30.70 1.98
CA ILE E 320 13.51 30.39 0.88
C ILE E 320 13.54 31.51 -0.15
N HIS E 321 12.38 32.08 -0.46
CA HIS E 321 12.30 33.07 -1.53
C HIS E 321 13.25 34.24 -1.28
N GLN E 322 13.35 34.70 -0.03
CA GLN E 322 14.10 35.92 0.26
C GLN E 322 15.58 35.72 0.01
N ILE E 323 15.97 34.48 -0.33
CA ILE E 323 17.36 34.19 -0.61
C ILE E 323 17.77 34.88 -1.90
N TYR E 324 16.85 35.03 -2.84
CA TYR E 324 17.19 35.68 -4.10
C TYR E 324 17.67 37.10 -3.83
N SER E 325 17.06 37.78 -2.85
CA SER E 325 17.49 39.14 -2.55
C SER E 325 18.93 39.17 -2.02
N GLN E 326 19.32 38.15 -1.25
CA GLN E 326 20.71 38.11 -0.79
C GLN E 326 21.65 37.91 -1.97
N MET E 327 21.22 37.16 -2.98
CA MET E 327 22.09 36.95 -4.13
C MET E 327 22.25 38.24 -4.90
N GLN E 328 21.25 39.12 -4.83
CA GLN E 328 21.34 40.38 -5.55
C GLN E 328 22.43 41.27 -4.97
N VAL E 329 22.80 41.09 -3.70
CA VAL E 329 23.75 41.97 -3.05
C VAL E 329 25.04 41.27 -2.63
N GLY E 330 25.25 40.03 -3.06
CA GLY E 330 26.45 39.30 -2.66
C GLY E 330 27.51 39.29 -3.74
N GLN E 331 27.46 40.28 -4.64
CA GLN E 331 28.36 40.32 -5.79
C GLN E 331 29.82 40.60 -5.38
N GLU E 332 30.04 41.69 -4.64
CA GLU E 332 31.42 42.09 -4.32
C GLU E 332 32.08 41.17 -3.32
N LYS E 333 31.34 40.71 -2.31
CA LYS E 333 31.95 39.94 -1.22
C LYS E 333 32.24 38.50 -1.61
N PHE E 334 31.26 37.78 -2.16
CA PHE E 334 31.37 36.34 -2.35
C PHE E 334 31.39 35.91 -3.81
N GLY E 335 31.32 36.83 -4.77
CA GLY E 335 31.28 36.38 -6.14
C GLY E 335 29.94 35.80 -6.52
N MET E 336 28.90 36.13 -5.76
CA MET E 336 27.55 35.65 -6.02
C MET E 336 26.99 36.38 -7.24
N MET E 337 25.94 35.82 -7.83
CA MET E 337 25.40 36.38 -9.06
C MET E 337 24.05 35.77 -9.43
N THR E 338 23.01 36.59 -9.53
CA THR E 338 21.74 36.10 -10.01
C THR E 338 21.82 35.84 -11.51
N MET E 339 20.86 35.06 -12.01
CA MET E 339 20.80 34.78 -13.43
C MET E 339 20.64 36.06 -14.24
N ASN E 340 19.80 36.98 -13.76
CA ASN E 340 19.60 38.24 -14.47
C ASN E 340 20.88 39.07 -14.52
N GLN E 341 21.67 39.06 -13.44
CA GLN E 341 22.94 39.78 -13.47
C GLN E 341 23.90 39.19 -14.51
N CYS E 342 23.86 37.86 -14.68
CA CYS E 342 24.69 37.23 -15.68
C CYS E 342 24.19 37.54 -17.09
N LEU E 343 22.89 37.51 -17.30
CA LEU E 343 22.35 37.88 -18.60
C LEU E 343 22.67 39.33 -18.94
N TYR E 344 22.63 40.21 -17.93
CA TYR E 344 23.01 41.60 -18.13
C TYR E 344 24.45 41.69 -18.63
N GLY E 345 25.37 40.97 -17.98
CA GLY E 345 26.75 41.02 -18.41
C GLY E 345 26.96 40.42 -19.78
N LEU E 346 26.26 39.32 -20.07
CA LEU E 346 26.35 38.72 -21.40
C LEU E 346 25.77 39.65 -22.47
N LEU E 347 24.79 40.47 -22.11
CA LEU E 347 24.18 41.38 -23.08
C LEU E 347 25.09 42.57 -23.37
N GLN E 348 25.73 43.11 -22.34
CA GLN E 348 26.61 44.26 -22.55
C GLN E 348 27.86 43.87 -23.32
N LYS E 349 28.37 42.65 -23.14
CA LYS E 349 29.50 42.17 -23.93
C LYS E 349 29.08 41.63 -25.30
N ARG E 350 27.81 41.72 -25.65
CA ARG E 350 27.28 41.33 -26.97
C ARG E 350 27.52 39.85 -27.28
N HIS E 351 27.53 39.01 -26.23
CA HIS E 351 27.67 37.57 -26.40
C HIS E 351 26.34 36.90 -26.76
N ILE E 352 25.21 37.50 -26.36
CA ILE E 352 23.88 36.98 -26.63
C ILE E 352 23.04 38.12 -27.16
N THR E 353 21.98 37.75 -27.87
CA THR E 353 21.10 38.79 -28.34
C THR E 353 20.17 39.26 -27.24
N MET E 354 19.53 40.41 -27.49
CA MET E 354 18.60 40.96 -26.52
C MET E 354 17.37 40.07 -26.40
N ASP E 355 16.94 39.49 -27.52
CA ASP E 355 15.78 38.62 -27.52
C ASP E 355 16.02 37.37 -26.67
N VAL E 356 17.21 36.77 -26.77
CA VAL E 356 17.48 35.56 -25.99
C VAL E 356 17.58 35.88 -24.50
N GLY E 357 18.26 36.97 -24.16
CA GLY E 357 18.38 37.35 -22.77
C GLY E 357 17.03 37.68 -22.15
N MET E 358 16.19 38.43 -22.87
CA MET E 358 14.89 38.73 -22.31
C MET E 358 13.99 37.49 -22.30
N GLY E 359 14.02 36.70 -23.37
CA GLY E 359 13.22 35.49 -23.48
C GLY E 359 13.55 34.41 -22.47
N ARG E 360 14.65 34.55 -21.75
CA ARG E 360 15.05 33.49 -20.84
C ARG E 360 15.21 34.00 -19.43
N SER E 361 15.28 35.31 -19.25
CA SER E 361 15.39 35.94 -17.94
C SER E 361 14.20 35.54 -17.06
N PRO E 362 14.43 35.06 -15.85
CA PRO E 362 13.32 34.77 -14.94
C PRO E 362 12.54 36.00 -14.49
N ASP E 363 13.10 37.21 -14.63
CA ASP E 363 12.36 38.43 -14.33
C ASP E 363 12.73 39.54 -15.31
N PRO E 364 11.97 39.68 -16.40
CA PRO E 364 12.32 40.68 -17.44
C PRO E 364 12.30 42.13 -16.95
N ASP E 365 11.47 42.46 -15.96
CA ASP E 365 11.42 43.86 -15.49
C ASP E 365 12.69 44.24 -14.73
N GLU E 366 13.25 43.29 -13.99
CA GLU E 366 14.53 43.52 -13.32
C GLU E 366 15.64 43.75 -14.34
N LEU E 367 15.71 42.89 -15.36
CA LEU E 367 16.73 43.06 -16.39
C LEU E 367 16.55 44.40 -17.11
N LYS E 368 15.31 44.81 -17.37
CA LYS E 368 15.05 46.12 -17.93
C LYS E 368 15.61 47.23 -17.04
N GLN E 369 15.30 47.15 -15.73
CA GLN E 369 15.79 48.15 -14.79
C GLN E 369 17.32 48.18 -14.76
N MET E 370 17.96 47.02 -14.80
CA MET E 370 19.42 46.97 -14.85
C MET E 370 19.94 47.59 -16.14
N LEU E 371 19.18 47.47 -17.22
CA LEU E 371 19.61 48.03 -18.49
C LEU E 371 19.44 49.54 -18.51
N THR E 372 18.49 50.06 -17.74
CA THR E 372 18.33 51.51 -17.61
C THR E 372 19.31 52.10 -16.62
N SER E 373 19.74 51.34 -15.62
CA SER E 373 20.68 51.81 -14.60
C SER E 373 22.02 52.21 -15.21
CA ALA F 22 -8.75 -8.08 -52.20
C ALA F 22 -10.14 -7.45 -52.06
N ASN F 23 -11.05 -8.18 -51.41
CA ASN F 23 -12.37 -7.62 -51.10
C ASN F 23 -12.24 -6.41 -50.18
N MET F 24 -11.31 -6.45 -49.22
CA MET F 24 -11.17 -5.34 -48.29
C MET F 24 -10.81 -4.06 -49.03
N HIS F 25 -9.98 -4.18 -50.07
CA HIS F 25 -9.58 -3.01 -50.84
C HIS F 25 -10.78 -2.34 -51.47
N GLN F 26 -11.70 -3.14 -52.02
CA GLN F 26 -12.87 -2.58 -52.66
C GLN F 26 -13.84 -2.02 -51.64
N LEU F 27 -13.98 -2.69 -50.49
CA LEU F 27 -14.86 -2.19 -49.44
C LEU F 27 -14.39 -0.84 -48.90
N LEU F 28 -13.09 -0.71 -48.65
CA LEU F 28 -12.55 0.56 -48.16
C LEU F 28 -12.58 1.64 -49.24
N THR F 29 -12.39 1.26 -50.50
CA THR F 29 -12.52 2.21 -51.59
C THR F 29 -13.95 2.73 -51.69
N GLU F 30 -14.93 1.84 -51.53
CA GLU F 30 -16.33 2.28 -51.54
C GLU F 30 -16.62 3.18 -50.36
N LEU F 31 -16.07 2.87 -49.18
CA LEU F 31 -16.21 3.74 -48.02
C LEU F 31 -15.69 5.14 -48.31
N VAL F 32 -14.51 5.24 -48.93
CA VAL F 32 -13.95 6.56 -49.25
C VAL F 32 -14.80 7.26 -50.31
N ASN F 33 -15.13 6.55 -51.40
CA ASN F 33 -15.81 7.16 -52.54
C ASN F 33 -17.18 7.73 -52.16
N ARG F 34 -17.87 7.11 -51.21
CA ARG F 34 -19.21 7.54 -50.83
C ARG F 34 -19.23 8.56 -49.69
N GLY F 35 -18.06 9.06 -49.28
CA GLY F 35 -18.04 10.05 -48.22
C GLY F 35 -18.50 9.50 -46.88
N GLY F 36 -18.35 8.20 -46.67
CA GLY F 36 -18.75 7.61 -45.40
C GLY F 36 -17.74 7.88 -44.29
N SER F 37 -18.26 7.95 -43.07
CA SER F 37 -17.41 8.17 -41.90
C SER F 37 -16.92 6.87 -41.28
N ASP F 38 -17.71 5.80 -41.34
CA ASP F 38 -17.35 4.55 -40.69
C ASP F 38 -17.84 3.38 -41.53
N LEU F 39 -17.02 2.33 -41.61
CA LEU F 39 -17.44 1.08 -42.22
C LEU F 39 -17.60 0.00 -41.15
N HIS F 40 -18.75 -0.69 -41.18
CA HIS F 40 -19.10 -1.71 -40.20
C HIS F 40 -19.19 -3.06 -40.92
N LEU F 41 -18.49 -4.07 -40.37
CA LEU F 41 -18.51 -5.44 -40.88
C LEU F 41 -18.87 -6.39 -39.74
N THR F 42 -20.00 -7.09 -39.88
CA THR F 42 -20.43 -8.05 -38.87
C THR F 42 -21.29 -9.12 -39.53
N THR F 43 -21.43 -10.24 -38.83
CA THR F 43 -22.12 -11.40 -39.37
C THR F 43 -23.61 -11.17 -39.50
N ASN F 44 -24.20 -11.84 -40.49
CA ASN F 44 -25.63 -11.87 -40.81
C ASN F 44 -26.12 -10.53 -41.34
N SER F 45 -25.20 -9.61 -41.63
CA SER F 45 -25.49 -8.36 -42.31
C SER F 45 -24.49 -8.14 -43.43
N PRO F 46 -24.91 -7.51 -44.52
CA PRO F 46 -23.95 -7.03 -45.51
C PRO F 46 -23.09 -5.94 -44.91
N PRO F 47 -21.96 -5.60 -45.54
CA PRO F 47 -21.21 -4.42 -45.09
C PRO F 47 -22.08 -3.18 -45.08
N GLN F 48 -21.92 -2.37 -44.03
CA GLN F 48 -22.73 -1.15 -43.85
C GLN F 48 -21.82 0.06 -43.66
N ILE F 49 -22.24 1.19 -44.22
CA ILE F 49 -21.49 2.44 -44.16
C ILE F 49 -22.31 3.55 -43.52
N ARG F 50 -21.67 4.35 -42.67
CA ARG F 50 -22.35 5.48 -42.05
C ARG F 50 -22.17 6.70 -42.94
N ILE F 51 -23.28 7.22 -43.45
CA ILE F 51 -23.31 8.40 -44.29
C ILE F 51 -24.16 9.44 -43.59
N ASP F 52 -23.57 10.59 -43.28
CA ASP F 52 -24.27 11.68 -42.60
C ASP F 52 -24.92 11.19 -41.31
N GLY F 53 -24.27 10.25 -40.64
CA GLY F 53 -24.73 9.78 -39.37
C GLY F 53 -25.61 8.54 -39.44
N LYS F 54 -26.08 8.15 -40.62
CA LYS F 54 -27.05 7.06 -40.76
C LYS F 54 -26.45 5.90 -41.55
N LEU F 55 -26.74 4.68 -41.10
CA LEU F 55 -26.21 3.46 -41.71
C LEU F 55 -26.94 3.10 -43.00
N LEU F 56 -26.16 2.62 -43.98
CA LEU F 56 -26.63 2.12 -45.26
C LEU F 56 -25.95 0.81 -45.63
N PRO F 57 -26.71 -0.25 -45.91
CA PRO F 57 -26.09 -1.50 -46.36
C PRO F 57 -25.63 -1.41 -47.80
N LEU F 58 -24.47 -2.01 -48.08
CA LEU F 58 -24.00 -2.12 -49.45
C LEU F 58 -24.73 -3.25 -50.15
N ASP F 59 -24.83 -3.16 -51.48
CA ASP F 59 -25.55 -4.16 -52.26
C ASP F 59 -24.67 -5.40 -52.45
N MET F 60 -24.55 -6.14 -51.36
CA MET F 60 -23.70 -7.33 -51.30
C MET F 60 -24.41 -8.36 -50.44
N PRO F 61 -24.04 -9.64 -50.56
CA PRO F 61 -24.63 -10.66 -49.69
C PRO F 61 -24.24 -10.44 -48.24
N PRO F 62 -25.06 -10.92 -47.30
CA PRO F 62 -24.68 -10.83 -45.89
C PRO F 62 -23.43 -11.65 -45.62
N LEU F 63 -22.64 -11.19 -44.66
CA LEU F 63 -21.41 -11.87 -44.32
C LEU F 63 -21.68 -13.02 -43.35
N ASN F 64 -20.81 -14.03 -43.40
CA ASN F 64 -20.79 -15.07 -42.39
C ASN F 64 -19.53 -14.91 -41.55
N ALA F 65 -19.33 -15.82 -40.59
CA ALA F 65 -18.17 -15.68 -39.71
C ALA F 65 -16.86 -15.86 -40.46
N VAL F 66 -16.85 -16.76 -41.46
CA VAL F 66 -15.66 -16.92 -42.29
C VAL F 66 -15.35 -15.64 -43.04
N ASP F 67 -16.39 -14.97 -43.54
CA ASP F 67 -16.14 -13.76 -44.31
C ASP F 67 -15.58 -12.67 -43.42
N THR F 68 -16.24 -12.41 -42.28
CA THR F 68 -15.81 -11.32 -41.42
C THR F 68 -14.42 -11.56 -40.86
N LYS F 69 -14.11 -12.80 -40.46
CA LYS F 69 -12.78 -13.07 -39.94
C LYS F 69 -11.70 -12.93 -41.01
N GLN F 70 -11.93 -13.44 -42.23
CA GLN F 70 -10.89 -13.33 -43.25
C GLN F 70 -10.67 -11.86 -43.63
N LEU F 71 -11.77 -11.11 -43.77
CA LEU F 71 -11.69 -9.72 -44.18
C LEU F 71 -10.97 -8.88 -43.13
N CYS F 72 -11.32 -9.04 -41.86
CA CYS F 72 -10.67 -8.24 -40.83
C CYS F 72 -9.21 -8.65 -40.67
N TYR F 73 -8.92 -9.95 -40.78
CA TYR F 73 -7.54 -10.42 -40.64
C TYR F 73 -6.67 -9.98 -41.82
N SER F 74 -7.28 -9.66 -42.97
CA SER F 74 -6.50 -9.30 -44.15
C SER F 74 -5.71 -8.00 -43.98
N ILE F 75 -6.02 -7.17 -42.98
CA ILE F 75 -5.32 -5.90 -42.80
C ILE F 75 -4.51 -5.86 -41.50
N LEU F 76 -4.27 -7.02 -40.90
CA LEU F 76 -3.51 -7.11 -39.65
C LEU F 76 -2.15 -7.75 -39.87
N THR F 77 -1.18 -7.31 -39.07
CA THR F 77 0.09 -8.02 -39.00
C THR F 77 -0.07 -9.26 -38.12
N GLU F 78 0.93 -10.15 -38.17
CA GLU F 78 0.89 -11.36 -37.37
C GLU F 78 0.86 -11.04 -35.88
N GLN F 79 1.66 -10.06 -35.45
CA GLN F 79 1.63 -9.62 -34.05
C GLN F 79 0.25 -9.12 -33.67
N GLN F 80 -0.36 -8.30 -34.55
CA GLN F 80 -1.69 -7.80 -34.28
C GLN F 80 -2.72 -8.92 -34.27
N LYS F 81 -2.54 -9.92 -35.13
CA LYS F 81 -3.45 -11.07 -35.13
C LYS F 81 -3.38 -11.83 -33.81
N HIS F 82 -2.16 -12.08 -33.32
CA HIS F 82 -2.04 -12.80 -32.05
C HIS F 82 -2.53 -11.96 -30.88
N LYS F 83 -2.35 -10.62 -30.93
CA LYS F 83 -2.95 -9.78 -29.90
C LYS F 83 -4.47 -9.84 -29.91
N PHE F 84 -5.08 -9.82 -31.09
CA PHE F 84 -6.53 -9.95 -31.16
C PHE F 84 -6.97 -11.30 -30.61
N GLU F 85 -6.24 -12.37 -30.95
CA GLU F 85 -6.63 -13.69 -30.47
C GLU F 85 -6.36 -13.87 -28.99
N GLU F 86 -5.46 -13.06 -28.43
CA GLU F 86 -5.20 -13.09 -26.99
C GLU F 86 -6.25 -12.32 -26.21
N ASN F 87 -6.82 -11.26 -26.80
CA ASN F 87 -7.69 -10.37 -26.05
C ASN F 87 -9.11 -10.27 -26.58
N ASN F 88 -9.37 -10.76 -27.80
CA ASN F 88 -10.67 -10.57 -28.49
C ASN F 88 -10.98 -9.09 -28.67
N GLU F 89 -9.95 -8.25 -28.55
CA GLU F 89 -10.03 -6.82 -28.78
C GLU F 89 -8.77 -6.34 -29.47
N LEU F 90 -8.91 -5.33 -30.31
CA LEU F 90 -7.73 -4.76 -30.95
C LEU F 90 -8.06 -3.39 -31.51
N ASP F 91 -7.28 -2.40 -31.11
CA ASP F 91 -7.24 -1.09 -31.75
C ASP F 91 -5.98 -1.04 -32.59
N LEU F 92 -6.08 -0.45 -33.77
CA LEU F 92 -4.93 -0.40 -34.65
C LEU F 92 -5.16 0.66 -35.70
N SER F 93 -4.09 1.02 -36.40
CA SER F 93 -4.21 1.88 -37.55
C SER F 93 -3.41 1.28 -38.70
N PHE F 94 -3.82 1.62 -39.92
CA PHE F 94 -3.17 1.09 -41.11
C PHE F 94 -3.44 2.03 -42.26
N GLY F 95 -2.65 1.90 -43.31
CA GLY F 95 -2.79 2.74 -44.48
C GLY F 95 -3.02 2.00 -45.78
N ILE F 96 -3.74 2.65 -46.68
CA ILE F 96 -3.86 2.18 -48.05
C ILE F 96 -3.21 3.27 -48.86
N LYS F 97 -2.08 2.93 -49.49
CA LYS F 97 -1.24 3.90 -50.17
C LYS F 97 -2.01 4.62 -51.26
N GLY F 98 -1.89 5.94 -51.27
CA GLY F 98 -2.60 6.73 -52.25
C GLY F 98 -4.07 6.90 -51.95
N LEU F 99 -4.55 6.34 -50.85
CA LEU F 99 -5.97 6.42 -50.55
C LEU F 99 -6.14 7.12 -49.21
N SER F 100 -5.86 6.44 -48.11
CA SER F 100 -6.17 7.06 -46.83
C SER F 100 -5.56 6.24 -45.71
N ARG F 101 -5.49 6.82 -44.52
CA ARG F 101 -5.24 6.00 -43.34
C ARG F 101 -6.56 5.66 -42.67
N PHE F 102 -6.54 4.64 -41.83
CA PHE F 102 -7.75 4.17 -41.17
C PHE F 102 -7.36 3.74 -39.76
N ARG F 103 -8.29 3.98 -38.84
CA ARG F 103 -8.25 3.43 -37.50
C ARG F 103 -9.24 2.29 -37.46
N GLY F 104 -8.78 1.12 -37.04
CA GLY F 104 -9.60 -0.06 -37.02
C GLY F 104 -9.79 -0.50 -35.58
N ASN F 105 -10.97 -1.06 -35.32
CA ASN F 105 -11.21 -1.79 -34.09
C ASN F 105 -11.79 -3.13 -34.51
N VAL F 106 -11.18 -4.19 -33.98
CA VAL F 106 -11.64 -5.54 -34.24
C VAL F 106 -12.06 -6.13 -32.90
N PHE F 107 -13.19 -6.82 -32.91
CA PHE F 107 -13.70 -7.44 -31.69
C PHE F 107 -14.45 -8.71 -32.05
N VAL F 108 -15.08 -9.31 -31.05
CA VAL F 108 -15.82 -10.55 -31.18
C VAL F 108 -17.22 -10.32 -30.66
N GLN F 109 -18.21 -10.81 -31.40
CA GLN F 109 -19.61 -10.77 -31.03
C GLN F 109 -20.30 -12.03 -31.51
N ARG F 110 -21.14 -12.60 -30.63
CA ARG F 110 -21.84 -13.85 -30.92
C ARG F 110 -20.88 -14.93 -31.39
N GLY F 111 -19.66 -14.91 -30.87
CA GLY F 111 -18.68 -15.91 -31.24
C GLY F 111 -18.02 -15.72 -32.58
N ALA F 112 -18.18 -14.56 -33.22
CA ALA F 112 -17.68 -14.31 -34.56
C ALA F 112 -16.97 -12.96 -34.60
N VAL F 113 -16.08 -12.81 -35.58
CA VAL F 113 -15.32 -11.57 -35.73
C VAL F 113 -16.22 -10.44 -36.24
N ALA F 114 -15.98 -9.23 -35.73
CA ALA F 114 -16.61 -8.02 -36.20
C ALA F 114 -15.55 -6.92 -36.27
N GLY F 115 -15.80 -5.92 -37.10
CA GLY F 115 -14.83 -4.85 -37.29
C GLY F 115 -15.48 -3.54 -37.64
N VAL F 116 -14.86 -2.45 -37.19
CA VAL F 116 -15.24 -1.09 -37.52
C VAL F 116 -14.02 -0.31 -37.98
N PHE F 117 -14.18 0.52 -39.01
CA PHE F 117 -13.04 1.20 -39.61
C PHE F 117 -13.39 2.66 -39.86
N ARG F 118 -12.55 3.56 -39.32
CA ARG F 118 -12.72 5.00 -39.36
C ARG F 118 -11.69 5.63 -40.29
N VAL F 119 -12.07 6.70 -40.98
CA VAL F 119 -11.17 7.39 -41.91
C VAL F 119 -10.26 8.35 -41.13
N ILE F 120 -8.98 8.31 -41.47
CA ILE F 120 -7.98 9.26 -40.99
C ILE F 120 -7.34 9.92 -42.22
N PRO F 121 -7.74 11.16 -42.52
CA PRO F 121 -7.26 11.84 -43.72
C PRO F 121 -5.76 12.08 -43.70
N TYR F 122 -5.19 12.11 -44.89
CA TYR F 122 -3.77 12.42 -45.08
C TYR F 122 -3.42 13.88 -44.79
N LYS F 123 -4.34 14.82 -45.02
CA LYS F 123 -3.98 16.22 -44.82
C LYS F 123 -4.49 16.70 -43.46
N ILE F 124 -3.56 17.18 -42.64
CA ILE F 124 -3.83 17.69 -41.30
C ILE F 124 -4.28 19.13 -41.39
N LEU F 125 -5.40 19.45 -40.74
CA LEU F 125 -5.90 20.81 -40.76
C LEU F 125 -5.13 21.71 -39.79
N SER F 126 -5.21 23.02 -40.04
CA SER F 126 -4.50 24.04 -39.30
C SER F 126 -5.26 24.40 -38.02
N PHE F 127 -4.62 25.24 -37.19
CA PHE F 127 -5.23 25.65 -35.95
C PHE F 127 -6.53 26.41 -36.21
N GLU F 128 -6.49 27.36 -37.16
CA GLU F 128 -7.67 28.18 -37.43
C GLU F 128 -8.79 27.38 -38.09
N GLU F 129 -8.47 26.41 -38.95
CA GLU F 129 -9.52 25.56 -39.50
C GLU F 129 -10.18 24.70 -38.44
N LEU F 130 -9.43 24.28 -37.42
CA LEU F 130 -9.98 23.44 -36.37
C LEU F 130 -10.70 24.25 -35.29
N GLY F 131 -10.66 25.58 -35.34
CA GLY F 131 -11.31 26.36 -34.32
C GLY F 131 -10.54 26.49 -33.02
N LEU F 132 -9.24 26.33 -33.06
CA LEU F 132 -8.43 26.41 -31.85
C LEU F 132 -7.99 27.86 -31.63
N PRO F 133 -8.11 28.36 -30.41
CA PRO F 133 -7.77 29.77 -30.13
C PRO F 133 -6.27 30.03 -30.24
N PRO F 134 -5.87 31.29 -30.38
CA PRO F 134 -4.43 31.61 -30.53
C PRO F 134 -3.55 31.12 -29.39
N VAL F 135 -4.10 30.91 -28.20
CA VAL F 135 -3.27 30.47 -27.09
C VAL F 135 -2.70 29.08 -27.37
N VAL F 136 -3.40 28.26 -28.17
CA VAL F 136 -2.84 26.97 -28.53
C VAL F 136 -1.62 27.17 -29.41
N ARG F 137 -1.65 28.17 -30.29
CA ARG F 137 -0.48 28.46 -31.10
C ARG F 137 0.67 28.91 -30.22
N GLU F 138 0.38 29.68 -29.17
CA GLU F 138 1.50 30.07 -28.32
C GLU F 138 2.02 28.88 -27.52
N LEU F 139 1.14 27.92 -27.19
CA LEU F 139 1.57 26.70 -26.53
C LEU F 139 2.47 25.84 -27.40
N ALA F 140 2.25 25.86 -28.72
CA ALA F 140 3.13 25.09 -29.59
C ALA F 140 4.55 25.63 -29.63
N GLU F 141 4.78 26.84 -29.11
CA GLU F 141 6.08 27.49 -29.06
C GLU F 141 6.77 27.36 -27.70
N LYS F 142 6.14 26.70 -26.74
CA LYS F 142 6.72 26.57 -25.40
C LYS F 142 8.00 25.74 -25.45
N PRO F 143 9.09 26.18 -24.79
CA PRO F 143 10.35 25.42 -24.84
C PRO F 143 10.41 24.16 -24.00
N ARG F 144 9.71 24.10 -22.87
CA ARG F 144 9.81 22.92 -22.02
C ARG F 144 8.55 22.88 -21.18
N GLY F 145 8.27 21.72 -20.59
CA GLY F 145 7.15 21.63 -19.68
C GLY F 145 6.16 20.55 -20.08
N LEU F 146 5.08 20.50 -19.30
CA LEU F 146 4.03 19.52 -19.50
C LEU F 146 2.77 20.23 -19.99
N VAL F 147 2.27 19.81 -21.14
CA VAL F 147 1.03 20.33 -21.73
C VAL F 147 0.05 19.17 -21.88
N LEU F 148 -1.13 19.31 -21.29
CA LEU F 148 -2.12 18.24 -21.28
C LEU F 148 -3.34 18.60 -22.12
N VAL F 149 -3.74 17.70 -22.99
CA VAL F 149 -4.94 17.84 -23.81
C VAL F 149 -5.89 16.72 -23.42
N THR F 150 -6.99 17.08 -22.78
CA THR F 150 -7.88 16.10 -22.18
C THR F 150 -9.28 16.22 -22.77
N GLY F 151 -10.07 15.20 -22.47
CA GLY F 151 -11.45 15.12 -22.92
C GLY F 151 -11.83 13.68 -23.11
N PRO F 152 -13.10 13.41 -23.36
CA PRO F 152 -13.54 12.03 -23.60
C PRO F 152 -12.97 11.49 -24.91
N THR F 153 -13.18 10.20 -25.11
CA THR F 153 -12.73 9.54 -26.34
C THR F 153 -13.38 10.19 -27.55
N GLY F 154 -12.57 10.48 -28.56
CA GLY F 154 -13.05 11.06 -29.80
C GLY F 154 -13.49 12.50 -29.69
N SER F 155 -12.88 13.26 -28.78
CA SER F 155 -13.23 14.65 -28.53
C SER F 155 -12.26 15.59 -29.25
N GLY F 156 -11.46 15.05 -30.16
CA GLY F 156 -10.53 15.81 -30.97
C GLY F 156 -9.13 15.89 -30.40
N LYS F 157 -8.81 15.07 -29.39
CA LYS F 157 -7.53 15.22 -28.69
C LYS F 157 -6.35 14.87 -29.60
N SER F 158 -6.43 13.74 -30.29
CA SER F 158 -5.35 13.34 -31.18
C SER F 158 -5.19 14.34 -32.32
N THR F 159 -6.31 14.88 -32.81
CA THR F 159 -6.25 15.85 -33.89
C THR F 159 -5.60 17.16 -33.45
N THR F 160 -5.94 17.66 -32.26
CA THR F 160 -5.28 18.85 -31.74
C THR F 160 -3.78 18.62 -31.55
N LEU F 161 -3.41 17.48 -30.96
CA LEU F 161 -1.97 17.19 -30.77
C LEU F 161 -1.27 17.07 -32.10
N ALA F 162 -1.92 16.46 -33.09
CA ALA F 162 -1.27 16.35 -34.39
C ALA F 162 -1.04 17.72 -34.98
N ALA F 163 -1.99 18.64 -34.78
CA ALA F 163 -1.78 20.00 -35.28
C ALA F 163 -0.63 20.70 -34.55
N ILE F 164 -0.55 20.52 -33.22
CA ILE F 164 0.53 21.13 -32.45
C ILE F 164 1.88 20.54 -32.85
N ILE F 165 1.93 19.22 -33.04
CA ILE F 165 3.17 18.55 -33.40
C ILE F 165 3.57 18.93 -34.81
N ASP F 166 2.59 19.13 -35.70
CA ASP F 166 2.89 19.61 -37.04
C ASP F 166 3.50 21.01 -36.96
N LYS F 167 3.02 21.83 -36.01
CA LYS F 167 3.60 23.16 -35.82
C LYS F 167 5.02 23.10 -35.31
N ILE F 168 5.31 22.24 -34.33
CA ILE F 168 6.67 22.09 -33.84
C ILE F 168 7.58 21.58 -34.97
N ASN F 169 7.13 20.55 -35.68
CA ASN F 169 7.88 20.02 -36.82
C ASN F 169 8.18 21.10 -37.84
N THR F 170 7.21 22.01 -38.06
CA THR F 170 7.41 23.04 -39.06
C THR F 170 8.39 24.11 -38.58
N ASP F 171 8.36 24.46 -37.29
CA ASP F 171 9.02 25.68 -36.85
C ASP F 171 10.36 25.43 -36.19
N ARG F 172 10.60 24.23 -35.67
CA ARG F 172 11.77 23.96 -34.85
C ARG F 172 12.72 22.99 -35.54
N HIS F 173 13.99 23.05 -35.13
CA HIS F 173 15.00 22.09 -35.53
C HIS F 173 15.34 21.20 -34.33
N GLU F 174 14.38 20.38 -33.92
CA GLU F 174 14.48 19.58 -32.71
C GLU F 174 14.04 18.15 -33.01
N HIS F 175 14.14 17.28 -32.00
CA HIS F 175 13.85 15.87 -32.15
C HIS F 175 12.53 15.56 -31.45
N ILE F 176 11.54 15.14 -32.23
CA ILE F 176 10.22 14.77 -31.71
C ILE F 176 10.10 13.25 -31.73
N VAL F 177 9.75 12.67 -30.60
CA VAL F 177 9.48 11.23 -30.49
C VAL F 177 8.05 11.07 -29.99
N THR F 178 7.29 10.22 -30.67
CA THR F 178 5.95 9.86 -30.22
C THR F 178 5.85 8.37 -29.93
N VAL F 179 5.08 8.03 -28.89
CA VAL F 179 4.76 6.64 -28.55
C VAL F 179 3.25 6.52 -28.59
N GLU F 180 2.73 5.62 -29.42
CA GLU F 180 1.30 5.60 -29.72
C GLU F 180 0.80 4.17 -29.80
N ASP F 181 -0.45 3.98 -29.40
CA ASP F 181 -1.11 2.67 -29.40
C ASP F 181 -2.52 2.85 -29.91
N PRO F 182 -2.71 2.89 -31.25
CA PRO F 182 -1.68 2.81 -32.28
C PRO F 182 -1.26 4.19 -32.79
N ILE F 183 -0.34 4.23 -33.74
CA ILE F 183 0.02 5.49 -34.40
C ILE F 183 -1.18 6.00 -35.18
N GLU F 184 -1.60 7.24 -34.94
CA GLU F 184 -2.73 7.74 -35.70
C GLU F 184 -2.24 8.69 -36.80
N TYR F 185 -2.10 9.99 -36.51
CA TYR F 185 -1.56 10.92 -37.50
C TYR F 185 -0.07 10.68 -37.75
N LEU F 186 0.32 10.67 -39.02
CA LEU F 186 1.72 10.62 -39.40
C LEU F 186 2.30 12.01 -39.65
N HIS F 187 3.51 12.22 -39.14
CA HIS F 187 4.22 13.50 -39.26
C HIS F 187 5.52 13.30 -40.02
N PRO F 188 5.51 13.39 -41.35
CA PRO F 188 6.76 13.31 -42.11
C PRO F 188 7.70 14.44 -41.72
N HIS F 189 9.00 14.18 -41.84
CA HIS F 189 10.01 15.14 -41.43
C HIS F 189 9.81 16.46 -42.17
N LYS F 190 9.83 17.58 -41.42
CA LYS F 190 9.86 18.90 -42.00
C LYS F 190 11.19 19.52 -41.61
N SER F 191 11.24 20.38 -40.61
CA SER F 191 12.51 20.86 -40.08
C SER F 191 13.03 20.01 -38.93
N CYS F 192 12.15 19.28 -38.27
CA CYS F 192 12.48 18.39 -37.17
C CYS F 192 12.77 16.98 -37.69
N VAL F 193 13.38 16.17 -36.82
CA VAL F 193 13.41 14.72 -36.97
C VAL F 193 12.29 14.15 -36.12
N VAL F 194 11.38 13.41 -36.75
CA VAL F 194 10.19 12.88 -36.09
C VAL F 194 10.26 11.36 -36.13
N ASN F 195 10.30 10.73 -34.96
CA ASN F 195 10.27 9.28 -34.82
C ASN F 195 9.00 8.86 -34.09
N GLN F 196 8.27 7.91 -34.66
CA GLN F 196 6.98 7.47 -34.14
C GLN F 196 7.01 5.97 -33.89
N ARG F 197 6.79 5.57 -32.63
CA ARG F 197 6.86 4.19 -32.19
C ARG F 197 5.47 3.67 -31.87
N GLU F 198 5.08 2.57 -32.50
CA GLU F 198 3.77 1.95 -32.28
C GLU F 198 3.93 0.84 -31.24
N VAL F 199 3.13 0.90 -30.18
CA VAL F 199 3.15 -0.14 -29.16
C VAL F 199 2.65 -1.44 -29.77
N GLY F 200 3.35 -2.54 -29.47
CA GLY F 200 2.99 -3.83 -30.00
C GLY F 200 3.67 -4.19 -31.30
N ALA F 201 4.44 -3.28 -31.88
CA ALA F 201 5.19 -3.56 -33.10
C ALA F 201 6.59 -2.96 -33.00
N ASP F 202 6.63 -1.63 -32.90
CA ASP F 202 7.91 -0.92 -32.76
C ASP F 202 8.50 -1.08 -31.37
N THR F 203 7.66 -1.10 -30.34
CA THR F 203 8.10 -1.20 -28.95
C THR F 203 7.17 -2.10 -28.16
N LYS F 204 7.71 -2.71 -27.12
CA LYS F 204 6.97 -3.72 -26.37
C LYS F 204 5.79 -3.10 -25.63
N SER F 205 5.95 -1.88 -25.12
CA SER F 205 4.96 -1.27 -24.24
C SER F 205 5.30 0.21 -24.08
N PHE F 206 4.35 0.94 -23.51
CA PHE F 206 4.63 2.32 -23.10
C PHE F 206 5.78 2.35 -22.11
N LYS F 207 5.80 1.40 -21.18
CA LYS F 207 6.84 1.33 -20.16
C LYS F 207 8.23 1.18 -20.77
N ASN F 208 8.36 0.32 -21.78
CA ASN F 208 9.68 0.09 -22.39
C ASN F 208 10.15 1.30 -23.19
N ALA F 209 9.22 1.92 -23.93
CA ALA F 209 9.57 3.12 -24.66
C ALA F 209 10.02 4.22 -23.70
N LEU F 210 9.28 4.38 -22.59
CA LEU F 210 9.69 5.40 -21.63
C LEU F 210 10.97 5.00 -20.91
N LYS F 211 11.29 3.70 -20.86
CA LYS F 211 12.53 3.27 -20.22
C LYS F 211 13.73 3.69 -21.05
N TYR F 212 13.56 3.80 -22.36
CA TYR F 212 14.71 4.12 -23.21
C TYR F 212 14.61 5.50 -23.84
N ILE F 213 13.49 6.22 -23.65
CA ILE F 213 13.27 7.47 -24.36
C ILE F 213 14.24 8.56 -23.93
N LEU F 214 14.68 8.53 -22.68
CA LEU F 214 15.61 9.51 -22.14
C LEU F 214 17.02 9.34 -22.67
N ARG F 215 17.35 8.16 -23.17
CA ARG F 215 18.65 7.88 -23.74
C ARG F 215 18.67 8.15 -25.24
N GLN F 216 17.60 8.70 -25.79
CA GLN F 216 17.43 8.94 -27.23
C GLN F 216 17.47 10.42 -27.62
N ASP F 217 17.96 11.29 -26.74
CA ASP F 217 18.14 12.71 -27.03
C ASP F 217 16.90 13.42 -27.59
N PRO F 218 15.74 13.28 -26.93
CA PRO F 218 14.54 13.97 -27.41
C PRO F 218 14.48 15.41 -26.91
N ASP F 219 13.70 16.22 -27.62
CA ASP F 219 13.32 17.56 -27.17
C ASP F 219 11.84 17.69 -26.87
N VAL F 220 10.99 17.05 -27.68
CA VAL F 220 9.55 17.07 -27.53
C VAL F 220 9.08 15.63 -27.55
N VAL F 221 8.21 15.25 -26.62
CA VAL F 221 7.77 13.86 -26.49
C VAL F 221 6.26 13.81 -26.35
N LEU F 222 5.64 12.92 -27.13
CA LEU F 222 4.24 12.55 -27.04
C LEU F 222 4.14 11.15 -26.44
N VAL F 223 3.44 11.03 -25.32
CA VAL F 223 3.44 9.76 -24.60
C VAL F 223 2.09 9.06 -24.67
N GLY F 224 1.10 9.66 -25.32
CA GLY F 224 -0.18 8.98 -25.41
C GLY F 224 -0.98 9.13 -24.13
N GLU F 225 -1.80 8.12 -23.88
CA GLU F 225 -2.71 8.14 -22.74
C GLU F 225 -1.89 7.89 -21.48
N LEU F 226 -2.24 8.59 -20.40
CA LEU F 226 -1.67 8.38 -19.06
C LEU F 226 -2.29 7.14 -18.43
N ARG F 227 -1.81 5.99 -18.87
CA ARG F 227 -2.50 4.74 -18.58
C ARG F 227 -2.20 4.21 -17.17
N ASP F 228 -1.02 4.46 -16.59
CA ASP F 228 -0.76 3.93 -15.24
C ASP F 228 0.12 4.90 -14.47
N LEU F 229 0.36 4.58 -13.20
CA LEU F 229 1.22 5.42 -12.36
C LEU F 229 2.63 5.52 -12.93
N GLU F 230 3.12 4.42 -13.49
CA GLU F 230 4.48 4.41 -14.03
C GLU F 230 4.61 5.41 -15.17
N THR F 231 3.61 5.45 -16.06
CA THR F 231 3.68 6.36 -17.18
C THR F 231 3.58 7.81 -16.72
N ILE F 232 2.76 8.08 -15.71
CA ILE F 232 2.68 9.43 -15.15
C ILE F 232 4.03 9.84 -14.56
N GLU F 233 4.70 8.95 -13.81
CA GLU F 233 6.02 9.31 -13.25
C GLU F 233 7.04 9.54 -14.35
N ALA F 234 6.96 8.77 -15.44
CA ALA F 234 7.87 8.98 -16.57
C ALA F 234 7.62 10.34 -17.21
N ALA F 235 6.34 10.73 -17.33
CA ALA F 235 6.01 12.01 -17.94
C ALA F 235 6.46 13.16 -17.05
N LEU F 236 6.31 13.02 -15.73
CA LEU F 236 6.79 14.05 -14.82
C LEU F 236 8.32 14.17 -14.90
N THR F 237 9.00 13.04 -15.05
CA THR F 237 10.46 13.10 -15.18
C THR F 237 10.85 13.80 -16.48
N LEU F 238 10.18 13.47 -17.58
CA LEU F 238 10.45 14.14 -18.85
C LEU F 238 10.22 15.65 -18.75
N ALA F 239 9.08 16.06 -18.17
CA ALA F 239 8.76 17.48 -18.06
C ALA F 239 9.70 18.20 -17.11
N GLU F 240 10.28 17.48 -16.15
CA GLU F 240 11.19 18.08 -15.19
C GLU F 240 12.62 18.19 -15.74
N THR F 241 12.98 17.34 -16.69
CA THR F 241 14.36 17.28 -17.19
C THR F 241 14.58 18.15 -18.42
N GLY F 242 13.75 19.16 -18.65
CA GLY F 242 13.98 20.10 -19.73
C GLY F 242 13.30 19.81 -21.05
N HIS F 243 12.30 18.93 -21.06
CA HIS F 243 11.59 18.57 -22.29
C HIS F 243 10.15 19.07 -22.27
N LEU F 244 9.59 19.21 -23.47
CA LEU F 244 8.17 19.48 -23.65
C LEU F 244 7.44 18.16 -23.86
N CYS F 245 6.57 17.80 -22.92
CA CYS F 245 5.89 16.51 -22.90
C CYS F 245 4.39 16.69 -23.14
N PHE F 246 3.85 15.93 -24.09
CA PHE F 246 2.42 15.89 -24.39
C PHE F 246 1.81 14.58 -23.96
N ALA F 247 0.64 14.66 -23.33
CA ALA F 247 -0.09 13.48 -22.87
C ALA F 247 -1.58 13.74 -22.90
N THR F 248 -2.38 12.67 -22.82
CA THR F 248 -3.82 12.80 -22.83
C THR F 248 -4.42 12.22 -21.55
N LEU F 249 -5.60 12.73 -21.21
CA LEU F 249 -6.44 12.17 -20.16
C LEU F 249 -7.89 12.21 -20.64
N HIS F 250 -8.73 11.40 -20.00
CA HIS F 250 -10.16 11.40 -20.30
C HIS F 250 -10.97 12.26 -19.33
N THR F 251 -10.34 13.26 -18.71
CA THR F 251 -11.03 14.22 -17.86
C THR F 251 -11.66 15.33 -18.70
N ASN F 252 -12.60 16.06 -18.08
CA ASN F 252 -13.44 17.02 -18.80
C ASN F 252 -13.13 18.47 -18.45
N SER F 253 -12.21 18.73 -17.53
CA SER F 253 -11.90 20.12 -17.17
C SER F 253 -10.50 20.17 -16.59
N ALA F 254 -9.96 21.39 -16.51
CA ALA F 254 -8.62 21.59 -15.98
C ALA F 254 -8.55 21.17 -14.51
N VAL F 255 -9.51 21.60 -13.71
CA VAL F 255 -9.52 21.27 -12.29
C VAL F 255 -9.70 19.77 -12.08
N GLN F 256 -10.65 19.18 -12.80
CA GLN F 256 -10.86 17.74 -12.73
C GLN F 256 -9.61 16.98 -13.17
N THR F 257 -8.90 17.52 -14.17
CA THR F 257 -7.68 16.87 -14.64
C THR F 257 -6.61 16.89 -13.57
N ILE F 258 -6.39 18.05 -12.94
CA ILE F 258 -5.36 18.18 -11.94
C ILE F 258 -5.68 17.30 -10.73
N ASN F 259 -6.95 17.29 -10.30
CA ASN F 259 -7.31 16.46 -9.17
C ASN F 259 -7.12 14.98 -9.51
N ARG F 260 -7.51 14.58 -10.72
CA ARG F 260 -7.35 13.18 -11.13
C ARG F 260 -5.89 12.79 -11.11
N ILE F 261 -5.01 13.68 -11.59
CA ILE F 261 -3.59 13.38 -11.64
C ILE F 261 -3.01 13.22 -10.25
N VAL F 262 -3.37 14.12 -9.33
CA VAL F 262 -2.79 14.07 -7.99
C VAL F 262 -3.31 12.85 -7.24
N ASP F 263 -4.60 12.56 -7.35
CA ASP F 263 -5.26 11.58 -6.48
C ASP F 263 -4.91 10.12 -6.82
N VAL F 264 -4.25 9.84 -7.95
CA VAL F 264 -3.86 8.47 -8.24
C VAL F 264 -2.67 8.00 -7.40
N PHE F 265 -1.93 8.92 -6.77
CA PHE F 265 -0.74 8.58 -5.99
C PHE F 265 -1.07 8.33 -4.52
N PRO F 266 -0.25 7.52 -3.84
CA PRO F 266 -0.41 7.35 -2.40
C PRO F 266 -0.30 8.69 -1.69
N SER F 267 -0.97 8.78 -0.53
CA SER F 267 -1.11 10.08 0.14
C SER F 267 0.23 10.68 0.52
N TYR F 268 1.20 9.84 0.91
CA TYR F 268 2.50 10.34 1.35
C TYR F 268 3.34 10.90 0.22
N GLN F 269 3.11 10.46 -1.02
CA GLN F 269 3.90 10.94 -2.15
C GLN F 269 3.20 12.04 -2.94
N GLN F 270 1.94 12.33 -2.63
CA GLN F 270 1.24 13.43 -3.29
C GLN F 270 1.87 14.81 -3.10
N PRO F 271 2.47 15.16 -1.95
CA PRO F 271 3.16 16.47 -1.88
C PRO F 271 4.19 16.70 -2.97
N GLN F 272 5.02 15.71 -3.24
CA GLN F 272 6.01 15.86 -4.31
C GLN F 272 5.32 16.00 -5.65
N VAL F 273 4.27 15.20 -5.89
CA VAL F 273 3.56 15.26 -7.17
C VAL F 273 2.98 16.65 -7.39
N ARG F 274 2.40 17.24 -6.34
CA ARG F 274 1.87 18.61 -6.44
C ARG F 274 2.99 19.60 -6.71
N ALA F 275 4.16 19.42 -6.07
CA ALA F 275 5.28 20.32 -6.32
C ALA F 275 5.77 20.20 -7.76
N GLN F 276 5.86 18.97 -8.26
CA GLN F 276 6.26 18.76 -9.64
C GLN F 276 5.28 19.44 -10.60
N LEU F 277 3.99 19.17 -10.43
CA LEU F 277 2.99 19.81 -11.29
C LEU F 277 3.08 21.34 -11.22
N SER F 278 3.24 21.89 -10.02
CA SER F 278 3.35 23.35 -9.87
C SER F 278 4.57 23.89 -10.59
N PHE F 279 5.63 23.08 -10.71
CA PHE F 279 6.84 23.54 -11.37
C PHE F 279 6.76 23.41 -12.89
N VAL F 280 6.30 22.26 -13.38
CA VAL F 280 6.42 21.90 -14.79
C VAL F 280 5.20 22.20 -15.67
N LEU F 281 4.02 22.37 -15.09
CA LEU F 281 2.81 22.56 -15.88
C LEU F 281 2.83 23.87 -16.68
N GLU F 282 2.58 23.76 -17.99
CA GLU F 282 2.53 24.92 -18.88
C GLU F 282 1.20 25.10 -19.57
N GLY F 283 0.31 24.11 -19.56
CA GLY F 283 -0.99 24.25 -20.19
C GLY F 283 -1.89 23.04 -20.02
N VAL F 284 -3.19 23.28 -19.83
CA VAL F 284 -4.20 22.23 -19.79
C VAL F 284 -5.33 22.59 -20.74
N LEU F 285 -5.59 21.72 -21.71
CA LEU F 285 -6.69 21.87 -22.66
C LEU F 285 -7.69 20.74 -22.46
N SER F 286 -8.95 21.10 -22.27
CA SER F 286 -10.03 20.12 -22.10
C SER F 286 -11.04 20.33 -23.21
N GLN F 287 -11.17 19.36 -24.11
CA GLN F 287 -11.99 19.53 -25.30
C GLN F 287 -13.26 18.69 -25.27
N THR F 288 -14.22 19.12 -26.09
CA THR F 288 -15.42 18.35 -26.40
C THR F 288 -15.94 18.85 -27.74
N LEU F 289 -16.60 17.96 -28.47
CA LEU F 289 -17.12 18.26 -29.80
C LEU F 289 -18.63 18.37 -29.73
N LEU F 290 -19.17 19.52 -30.19
CA LEU F 290 -20.59 19.82 -30.16
C LEU F 290 -21.10 19.90 -31.60
N PRO F 291 -22.34 19.53 -31.89
CA PRO F 291 -22.81 19.72 -33.26
C PRO F 291 -22.92 21.20 -33.62
N LYS F 292 -22.43 21.55 -34.80
CA LYS F 292 -22.51 22.93 -35.26
C LYS F 292 -23.94 23.30 -35.63
N ALA F 293 -24.23 24.59 -35.56
CA ALA F 293 -25.56 25.06 -35.91
C ALA F 293 -25.86 24.88 -37.40
N SER F 294 -24.83 24.96 -38.25
CA SER F 294 -25.04 24.83 -39.70
C SER F 294 -25.46 23.44 -40.19
N GLY F 295 -25.20 22.37 -39.46
CA GLY F 295 -25.58 21.10 -40.05
C GLY F 295 -24.53 20.36 -40.85
N THR F 296 -23.29 20.83 -40.87
CA THR F 296 -22.30 20.08 -41.65
C THR F 296 -21.00 19.91 -40.89
N GLY F 297 -20.65 20.88 -40.06
CA GLY F 297 -19.45 20.82 -39.28
C GLY F 297 -19.82 20.49 -37.85
N ARG F 298 -18.78 20.28 -37.07
CA ARG F 298 -18.93 20.00 -35.66
C ARG F 298 -17.95 21.02 -35.10
N VAL F 299 -18.20 21.54 -33.93
CA VAL F 299 -17.33 22.60 -33.44
C VAL F 299 -16.70 22.22 -32.12
N LEU F 300 -15.45 22.61 -31.98
CA LEU F 300 -14.66 22.26 -30.83
C LEU F 300 -14.96 23.28 -29.74
N ALA F 301 -15.30 22.80 -28.55
CA ALA F 301 -15.38 23.61 -27.36
C ALA F 301 -14.23 23.19 -26.46
N ILE F 302 -13.47 24.18 -25.98
CA ILE F 302 -12.20 23.90 -25.32
C ILE F 302 -12.10 24.82 -24.11
N GLU F 303 -11.69 24.23 -22.99
CA GLU F 303 -11.34 24.95 -21.78
C GLU F 303 -9.83 25.03 -21.73
N VAL F 304 -9.31 26.24 -21.52
CA VAL F 304 -7.88 26.51 -21.59
C VAL F 304 -7.44 27.04 -20.23
N MET F 305 -6.46 26.37 -19.62
CA MET F 305 -5.82 26.81 -18.39
C MET F 305 -4.33 26.98 -18.65
N VAL F 306 -3.84 28.21 -18.49
CA VAL F 306 -2.41 28.50 -18.62
C VAL F 306 -1.91 28.95 -17.26
N PRO F 307 -0.99 28.21 -16.64
CA PRO F 307 -0.58 28.51 -15.26
C PRO F 307 0.17 29.84 -15.14
N ASN F 308 -0.27 30.66 -14.20
CA ASN F 308 0.43 31.83 -13.71
C ASN F 308 0.99 31.55 -12.31
N PRO F 309 1.82 32.45 -11.76
CA PRO F 309 2.33 32.22 -10.40
C PRO F 309 1.27 31.93 -9.34
N ALA F 310 0.09 32.56 -9.46
CA ALA F 310 -0.99 32.33 -8.49
C ALA F 310 -1.52 30.91 -8.58
N ILE F 311 -1.72 30.42 -9.81
CA ILE F 311 -2.24 29.08 -9.99
C ILE F 311 -1.21 28.06 -9.49
N ARG F 312 0.07 28.33 -9.75
CA ARG F 312 1.13 27.45 -9.28
C ARG F 312 1.14 27.40 -7.74
N ASN F 313 0.84 28.53 -7.09
CA ASN F 313 0.76 28.52 -5.64
C ASN F 313 -0.45 27.71 -5.18
N LEU F 314 -1.60 27.89 -5.83
CA LEU F 314 -2.78 27.12 -5.48
C LEU F 314 -2.51 25.63 -5.62
N ILE F 315 -1.72 25.25 -6.62
CA ILE F 315 -1.34 23.86 -6.81
C ILE F 315 -0.47 23.39 -5.66
N ARG F 316 0.51 24.20 -5.26
CA ARG F 316 1.36 23.80 -4.15
C ARG F 316 0.59 23.74 -2.84
N GLU F 317 -0.36 24.66 -2.63
CA GLU F 317 -1.15 24.70 -1.42
C GLU F 317 -2.32 23.71 -1.40
N ASP F 318 -2.48 22.88 -2.44
CA ASP F 318 -3.61 21.96 -2.54
C ASP F 318 -4.95 22.71 -2.48
N LYS F 319 -5.04 23.81 -3.20
CA LYS F 319 -6.30 24.55 -3.30
C LYS F 319 -6.73 24.53 -4.76
N ILE F 320 -7.00 23.33 -5.26
CA ILE F 320 -7.16 23.11 -6.69
C ILE F 320 -8.43 23.78 -7.20
N HIS F 321 -9.54 23.62 -6.47
CA HIS F 321 -10.83 24.10 -6.96
C HIS F 321 -10.80 25.58 -7.32
N GLN F 322 -10.20 26.40 -6.45
CA GLN F 322 -10.22 27.85 -6.65
C GLN F 322 -9.49 28.27 -7.91
N ILE F 323 -8.88 27.30 -8.60
CA ILE F 323 -8.18 27.61 -9.84
C ILE F 323 -9.19 28.03 -10.90
N TYR F 324 -10.41 27.49 -10.83
CA TYR F 324 -11.43 27.87 -11.81
C TYR F 324 -11.68 29.37 -11.73
N SER F 325 -11.65 29.93 -10.52
CA SER F 325 -11.86 31.38 -10.40
C SER F 325 -10.75 32.16 -11.10
N GLN F 326 -9.51 31.65 -11.05
CA GLN F 326 -8.44 32.34 -11.76
C GLN F 326 -8.69 32.26 -13.27
N MET F 327 -9.27 31.16 -13.74
CA MET F 327 -9.52 31.05 -15.16
C MET F 327 -10.61 32.03 -15.57
N GLN F 328 -11.50 32.36 -14.65
CA GLN F 328 -12.57 33.30 -14.96
C GLN F 328 -12.02 34.70 -15.23
N VAL F 329 -10.85 35.03 -14.68
CA VAL F 329 -10.32 36.38 -14.78
C VAL F 329 -9.02 36.43 -15.57
N GLY F 330 -8.61 35.34 -16.21
CA GLY F 330 -7.36 35.37 -16.94
C GLY F 330 -7.55 35.52 -18.43
N GLN F 331 -8.70 36.08 -18.83
CA GLN F 331 -9.03 36.20 -20.25
C GLN F 331 -8.14 37.21 -20.95
N GLU F 332 -8.10 38.44 -20.43
CA GLU F 332 -7.37 39.51 -21.10
C GLU F 332 -5.86 39.33 -20.99
N LYS F 333 -5.38 38.86 -19.84
CA LYS F 333 -3.94 38.80 -19.58
C LYS F 333 -3.27 37.61 -20.27
N PHE F 334 -3.80 36.41 -20.09
CA PHE F 334 -3.12 35.19 -20.52
C PHE F 334 -3.83 34.44 -21.63
N GLY F 335 -4.97 34.94 -22.12
CA GLY F 335 -5.67 34.19 -23.14
C GLY F 335 -6.38 32.98 -22.59
N MET F 336 -6.61 32.95 -21.27
CA MET F 336 -7.30 31.87 -20.59
C MET F 336 -8.79 31.93 -20.89
N MET F 337 -9.48 30.82 -20.63
CA MET F 337 -10.89 30.71 -20.98
C MET F 337 -11.55 29.50 -20.34
N THR F 338 -12.57 29.75 -19.53
CA THR F 338 -13.37 28.66 -18.98
C THR F 338 -14.25 28.08 -20.07
N MET F 339 -14.76 26.88 -19.81
CA MET F 339 -15.66 26.23 -20.76
C MET F 339 -16.90 27.07 -21.01
N ASN F 340 -17.46 27.67 -19.95
CA ASN F 340 -18.64 28.51 -20.12
C ASN F 340 -18.34 29.74 -20.96
N GLN F 341 -17.15 30.32 -20.80
CA GLN F 341 -16.77 31.46 -21.65
C GLN F 341 -16.67 31.05 -23.11
N CYS F 342 -16.21 29.82 -23.36
CA CYS F 342 -16.12 29.32 -24.73
C CYS F 342 -17.50 29.01 -25.33
N LEU F 343 -18.40 28.39 -24.55
CA LEU F 343 -19.74 28.12 -25.05
C LEU F 343 -20.46 29.43 -25.33
N TYR F 344 -20.24 30.43 -24.48
CA TYR F 344 -20.77 31.77 -24.66
C TYR F 344 -20.30 32.40 -25.96
N GLY F 345 -18.99 32.31 -26.24
CA GLY F 345 -18.49 32.88 -27.48
C GLY F 345 -19.03 32.14 -28.70
N LEU F 346 -19.13 30.82 -28.61
CA LEU F 346 -19.71 30.04 -29.68
C LEU F 346 -21.18 30.38 -29.88
N LEU F 347 -21.87 30.78 -28.80
CA LEU F 347 -23.29 31.10 -28.86
C LEU F 347 -23.52 32.49 -29.48
N GLN F 348 -22.67 33.46 -29.14
CA GLN F 348 -22.85 34.80 -29.68
C GLN F 348 -22.57 34.83 -31.18
N LYS F 349 -21.62 34.01 -31.64
CA LYS F 349 -21.34 33.85 -33.07
C LYS F 349 -22.27 32.87 -33.77
N ARG F 350 -23.27 32.33 -33.07
CA ARG F 350 -24.29 31.44 -33.66
C ARG F 350 -23.67 30.18 -34.26
N HIS F 351 -22.56 29.71 -33.68
CA HIS F 351 -21.92 28.47 -34.11
C HIS F 351 -22.60 27.22 -33.54
N ILE F 352 -23.24 27.35 -32.38
CA ILE F 352 -23.94 26.27 -31.68
C ILE F 352 -25.31 26.79 -31.29
N THR F 353 -26.22 25.86 -31.06
CA THR F 353 -27.52 26.30 -30.60
C THR F 353 -27.50 26.61 -29.12
N MET F 354 -28.53 27.31 -28.67
CA MET F 354 -28.65 27.68 -27.27
C MET F 354 -28.88 26.43 -26.42
N ASP F 355 -29.64 25.48 -26.95
CA ASP F 355 -29.91 24.23 -26.23
C ASP F 355 -28.63 23.43 -25.99
N VAL F 356 -27.74 23.37 -26.99
CA VAL F 356 -26.51 22.60 -26.81
C VAL F 356 -25.58 23.27 -25.81
N GLY F 357 -25.45 24.59 -25.91
CA GLY F 357 -24.60 25.32 -24.97
C GLY F 357 -25.10 25.21 -23.54
N MET F 358 -26.41 25.35 -23.34
CA MET F 358 -26.93 25.22 -21.98
C MET F 358 -26.86 23.77 -21.51
N GLY F 359 -27.21 22.82 -22.39
CA GLY F 359 -27.20 21.40 -22.08
C GLY F 359 -25.83 20.84 -21.76
N ARG F 360 -24.77 21.60 -22.02
CA ARG F 360 -23.43 21.10 -21.82
C ARG F 360 -22.64 21.97 -20.88
N SER F 361 -23.11 23.18 -20.60
CA SER F 361 -22.46 24.08 -19.67
C SER F 361 -22.37 23.45 -18.29
N PRO F 362 -21.18 23.43 -17.67
CA PRO F 362 -21.06 22.95 -16.28
C PRO F 362 -21.76 23.85 -15.27
N ASP F 363 -22.07 25.10 -15.62
CA ASP F 363 -22.84 26.00 -14.75
C ASP F 363 -23.78 26.87 -15.56
N PRO F 364 -25.03 26.44 -15.74
CA PRO F 364 -25.98 27.19 -16.57
C PRO F 364 -26.32 28.59 -16.07
N ASP F 365 -26.24 28.83 -14.75
CA ASP F 365 -26.57 30.15 -14.21
C ASP F 365 -25.51 31.20 -14.56
N GLU F 366 -24.25 30.79 -14.61
CA GLU F 366 -23.19 31.70 -15.06
C GLU F 366 -23.41 32.11 -16.52
N LEU F 367 -23.69 31.14 -17.39
CA LEU F 367 -23.96 31.45 -18.80
C LEU F 367 -25.20 32.36 -18.94
N LYS F 368 -26.22 32.12 -18.12
CA LYS F 368 -27.38 33.01 -18.08
C LYS F 368 -26.94 34.43 -17.75
N GLN F 369 -26.09 34.56 -16.72
CA GLN F 369 -25.56 35.86 -16.32
C GLN F 369 -24.82 36.52 -17.47
N MET F 370 -24.06 35.74 -18.22
CA MET F 370 -23.40 36.34 -19.38
C MET F 370 -24.41 36.85 -20.39
N LEU F 371 -25.59 36.21 -20.49
CA LEU F 371 -26.57 36.77 -21.43
C LEU F 371 -27.23 38.03 -20.88
N THR F 372 -27.38 38.12 -19.56
CA THR F 372 -27.95 39.33 -18.97
C THR F 372 -26.99 40.52 -19.07
N SER F 373 -25.68 40.27 -19.05
CA SER F 373 -24.67 41.32 -19.15
C SER F 373 -24.75 42.06 -20.48
#